data_6IL2
# 
_entry.id   6IL2 
# 
_audit_conform.dict_name       mmcif_pdbx.dic 
_audit_conform.dict_version    5.397 
_audit_conform.dict_location   http://mmcif.pdb.org/dictionaries/ascii/mmcif_pdbx.dic 
# 
loop_
_database_2.database_id 
_database_2.database_code 
_database_2.pdbx_database_accession 
_database_2.pdbx_DOI 
PDB   6IL2         pdb_00006il2 10.2210/pdb6il2/pdb 
WWPDB D_1300009386 ?            ?                   
# 
loop_
_pdbx_audit_revision_history.ordinal 
_pdbx_audit_revision_history.data_content_type 
_pdbx_audit_revision_history.major_revision 
_pdbx_audit_revision_history.minor_revision 
_pdbx_audit_revision_history.revision_date 
1 'Structure model' 1 0 2019-10-23 
2 'Structure model' 1 1 2023-11-22 
3 'Structure model' 1 2 2024-10-16 
# 
_pdbx_audit_revision_details.ordinal             1 
_pdbx_audit_revision_details.revision_ordinal    1 
_pdbx_audit_revision_details.data_content_type   'Structure model' 
_pdbx_audit_revision_details.provider            repository 
_pdbx_audit_revision_details.type                'Initial release' 
_pdbx_audit_revision_details.description         ? 
_pdbx_audit_revision_details.details             ? 
# 
loop_
_pdbx_audit_revision_group.ordinal 
_pdbx_audit_revision_group.revision_ordinal 
_pdbx_audit_revision_group.data_content_type 
_pdbx_audit_revision_group.group 
1 2 'Structure model' 'Data collection'        
2 2 'Structure model' 'Database references'    
3 2 'Structure model' 'Derived calculations'   
4 2 'Structure model' 'Refinement description' 
5 3 'Structure model' 'Structure summary'      
# 
loop_
_pdbx_audit_revision_category.ordinal 
_pdbx_audit_revision_category.revision_ordinal 
_pdbx_audit_revision_category.data_content_type 
_pdbx_audit_revision_category.category 
1 2 'Structure model' chem_comp_atom                
2 2 'Structure model' chem_comp_bond                
3 2 'Structure model' database_2                    
4 2 'Structure model' pdbx_initial_refinement_model 
5 2 'Structure model' pdbx_struct_conn_angle        
6 2 'Structure model' struct_conn                   
7 3 'Structure model' pdbx_entry_details            
8 3 'Structure model' pdbx_modification_feature     
# 
loop_
_pdbx_audit_revision_item.ordinal 
_pdbx_audit_revision_item.revision_ordinal 
_pdbx_audit_revision_item.data_content_type 
_pdbx_audit_revision_item.item 
1  2 'Structure model' '_database_2.pdbx_DOI'                        
2  2 'Structure model' '_database_2.pdbx_database_accession'         
3  2 'Structure model' '_pdbx_struct_conn_angle.ptnr1_auth_comp_id'  
4  2 'Structure model' '_pdbx_struct_conn_angle.ptnr1_auth_seq_id'   
5  2 'Structure model' '_pdbx_struct_conn_angle.ptnr1_label_asym_id' 
6  2 'Structure model' '_pdbx_struct_conn_angle.ptnr1_label_atom_id' 
7  2 'Structure model' '_pdbx_struct_conn_angle.ptnr1_label_comp_id' 
8  2 'Structure model' '_pdbx_struct_conn_angle.ptnr1_label_seq_id'  
9  2 'Structure model' '_pdbx_struct_conn_angle.ptnr1_symmetry'      
10 2 'Structure model' '_pdbx_struct_conn_angle.ptnr2_auth_seq_id'   
11 2 'Structure model' '_pdbx_struct_conn_angle.ptnr2_label_asym_id' 
12 2 'Structure model' '_pdbx_struct_conn_angle.ptnr2_symmetry'      
13 2 'Structure model' '_pdbx_struct_conn_angle.ptnr3_auth_comp_id'  
14 2 'Structure model' '_pdbx_struct_conn_angle.ptnr3_auth_seq_id'   
15 2 'Structure model' '_pdbx_struct_conn_angle.ptnr3_label_asym_id' 
16 2 'Structure model' '_pdbx_struct_conn_angle.ptnr3_label_atom_id' 
17 2 'Structure model' '_pdbx_struct_conn_angle.ptnr3_label_comp_id' 
18 2 'Structure model' '_pdbx_struct_conn_angle.ptnr3_label_seq_id'  
19 2 'Structure model' '_pdbx_struct_conn_angle.ptnr3_symmetry'      
20 2 'Structure model' '_pdbx_struct_conn_angle.value'               
21 2 'Structure model' '_struct_conn.conn_type_id'                   
22 2 'Structure model' '_struct_conn.id'                             
23 2 'Structure model' '_struct_conn.pdbx_dist_value'                
24 2 'Structure model' '_struct_conn.pdbx_leaving_atom_flag'         
25 2 'Structure model' '_struct_conn.ptnr1_auth_comp_id'             
26 2 'Structure model' '_struct_conn.ptnr1_auth_seq_id'              
27 2 'Structure model' '_struct_conn.ptnr1_label_asym_id'            
28 2 'Structure model' '_struct_conn.ptnr1_label_atom_id'            
29 2 'Structure model' '_struct_conn.ptnr1_label_comp_id'            
30 2 'Structure model' '_struct_conn.ptnr1_label_seq_id'             
31 2 'Structure model' '_struct_conn.ptnr2_auth_comp_id'             
32 2 'Structure model' '_struct_conn.ptnr2_auth_seq_id'              
33 2 'Structure model' '_struct_conn.ptnr2_label_asym_id'            
34 2 'Structure model' '_struct_conn.ptnr2_label_atom_id'            
35 2 'Structure model' '_struct_conn.ptnr2_label_comp_id'            
36 2 'Structure model' '_struct_conn.ptnr2_label_seq_id'             
37 2 'Structure model' '_struct_conn.ptnr2_symmetry'                 
# 
_pdbx_database_status.status_code                     REL 
_pdbx_database_status.status_code_sf                  REL 
_pdbx_database_status.status_code_mr                  ? 
_pdbx_database_status.entry_id                        6IL2 
_pdbx_database_status.recvd_initial_deposition_date   2018-10-16 
_pdbx_database_status.SG_entry                        N 
_pdbx_database_status.deposit_site                    PDBJ 
_pdbx_database_status.process_site                    PDBJ 
_pdbx_database_status.status_code_cs                  ? 
_pdbx_database_status.methods_development_category    ? 
_pdbx_database_status.pdb_format_compatible           Y 
_pdbx_database_status.status_code_nmr_data            ? 
# 
loop_
_audit_author.name 
_audit_author.pdbx_ordinal 
_audit_author.identifier_ORCID 
'Lee, I.H.'  1 0000-0003-3529-470X 
'Kang, L.W.' 2 0000-0002-1411-3132 
# 
_citation.abstract                  ? 
_citation.abstract_id_CAS           ? 
_citation.book_id_ISBN              ? 
_citation.book_publisher            ? 
_citation.book_publisher_city       ? 
_citation.book_title                ? 
_citation.coordinate_linkage        ? 
_citation.country                   ? 
_citation.database_id_Medline       ? 
_citation.details                   ? 
_citation.id                        primary 
_citation.journal_abbrev            'To be published' 
_citation.journal_id_ASTM           ? 
_citation.journal_id_CSD            0353 
_citation.journal_id_ISSN           ? 
_citation.journal_full              ? 
_citation.journal_issue             ? 
_citation.journal_volume            ? 
_citation.language                  ? 
_citation.page_first                ? 
_citation.page_last                 ? 
_citation.title                     'FBIs complex structure of peptide deformylase from Xanthomonas oryzae pv. oryzae' 
_citation.year                      ? 
_citation.database_id_CSD           ? 
_citation.pdbx_database_id_DOI      ? 
_citation.pdbx_database_id_PubMed   ? 
_citation.unpublished_flag          ? 
# 
loop_
_citation_author.citation_id 
_citation_author.name 
_citation_author.ordinal 
_citation_author.identifier_ORCID 
primary 'Lee, I.H.'  1 0000-0003-3529-470X 
primary 'Kang, L.W.' 2 0000-0002-1411-3132 
# 
loop_
_entity.id 
_entity.type 
_entity.src_method 
_entity.pdbx_description 
_entity.formula_weight 
_entity.pdbx_number_of_molecules 
_entity.pdbx_ec 
_entity.pdbx_mutation 
_entity.pdbx_fragment 
_entity.details 
1 polymer     man 'Peptide deformylase'                       18651.156 1  3.5.1.88 ? ? ? 
2 non-polymer syn 'CADMIUM ION'                               112.411   3  ?        ? ? ? 
3 non-polymer syn 'L-[(N-HYDROXYAMINO)CARBONYL]PHENYLALANINE' 224.213   1  ?        ? ? ? 
4 water       nat water                                       18.015    19 ?        ? ? ? 
# 
_entity_name_com.entity_id   1 
_entity_name_com.name        'PDF,Polypeptide deformylase' 
# 
_entity_poly.entity_id                      1 
_entity_poly.type                           'polypeptide(L)' 
_entity_poly.nstd_linkage                   no 
_entity_poly.nstd_monomer                   yes 
_entity_poly.pdbx_seq_one_letter_code       
;MIRDIIRMGDKRLLRVAPQVTNLGSAELHALVSDMFETMGAAHGVGLAAPQIAVDLQLMVFGFEASERYPEAPAVPLTAL
ANAQIEPLSDEMENGWEG(CSD)LSIPGLRAVIPRYRYIRYRGFAPDGSPIEREAEGFHARVVQHEYDHLVGRLYPSRIE
NFDTFGFDDVL
;
_entity_poly.pdbx_seq_one_letter_code_can   
;MIRDIIRMGDKRLLRVAPQVTNLGSAELHALVSDMFETMGAAHGVGLAAPQIAVDLQLMVFGFEASERYPEAPAVPLTAL
ANAQIEPLSDEMENGWEGCLSIPGLRAVIPRYRYIRYRGFAPDGSPIEREAEGFHARVVQHEYDHLVGRLYPSRIENFDT
FGFDDVL
;
_entity_poly.pdbx_strand_id                 A 
_entity_poly.pdbx_target_identifier         ? 
# 
loop_
_pdbx_entity_nonpoly.entity_id 
_pdbx_entity_nonpoly.name 
_pdbx_entity_nonpoly.comp_id 
2 'CADMIUM ION'                               CD  
3 'L-[(N-HYDROXYAMINO)CARBONYL]PHENYLALANINE' LHY 
4 water                                       HOH 
# 
loop_
_entity_poly_seq.entity_id 
_entity_poly_seq.num 
_entity_poly_seq.mon_id 
_entity_poly_seq.hetero 
1 1   MET n 
1 2   ILE n 
1 3   ARG n 
1 4   ASP n 
1 5   ILE n 
1 6   ILE n 
1 7   ARG n 
1 8   MET n 
1 9   GLY n 
1 10  ASP n 
1 11  LYS n 
1 12  ARG n 
1 13  LEU n 
1 14  LEU n 
1 15  ARG n 
1 16  VAL n 
1 17  ALA n 
1 18  PRO n 
1 19  GLN n 
1 20  VAL n 
1 21  THR n 
1 22  ASN n 
1 23  LEU n 
1 24  GLY n 
1 25  SER n 
1 26  ALA n 
1 27  GLU n 
1 28  LEU n 
1 29  HIS n 
1 30  ALA n 
1 31  LEU n 
1 32  VAL n 
1 33  SER n 
1 34  ASP n 
1 35  MET n 
1 36  PHE n 
1 37  GLU n 
1 38  THR n 
1 39  MET n 
1 40  GLY n 
1 41  ALA n 
1 42  ALA n 
1 43  HIS n 
1 44  GLY n 
1 45  VAL n 
1 46  GLY n 
1 47  LEU n 
1 48  ALA n 
1 49  ALA n 
1 50  PRO n 
1 51  GLN n 
1 52  ILE n 
1 53  ALA n 
1 54  VAL n 
1 55  ASP n 
1 56  LEU n 
1 57  GLN n 
1 58  LEU n 
1 59  MET n 
1 60  VAL n 
1 61  PHE n 
1 62  GLY n 
1 63  PHE n 
1 64  GLU n 
1 65  ALA n 
1 66  SER n 
1 67  GLU n 
1 68  ARG n 
1 69  TYR n 
1 70  PRO n 
1 71  GLU n 
1 72  ALA n 
1 73  PRO n 
1 74  ALA n 
1 75  VAL n 
1 76  PRO n 
1 77  LEU n 
1 78  THR n 
1 79  ALA n 
1 80  LEU n 
1 81  ALA n 
1 82  ASN n 
1 83  ALA n 
1 84  GLN n 
1 85  ILE n 
1 86  GLU n 
1 87  PRO n 
1 88  LEU n 
1 89  SER n 
1 90  ASP n 
1 91  GLU n 
1 92  MET n 
1 93  GLU n 
1 94  ASN n 
1 95  GLY n 
1 96  TRP n 
1 97  GLU n 
1 98  GLY n 
1 99  CSD n 
1 100 LEU n 
1 101 SER n 
1 102 ILE n 
1 103 PRO n 
1 104 GLY n 
1 105 LEU n 
1 106 ARG n 
1 107 ALA n 
1 108 VAL n 
1 109 ILE n 
1 110 PRO n 
1 111 ARG n 
1 112 TYR n 
1 113 ARG n 
1 114 TYR n 
1 115 ILE n 
1 116 ARG n 
1 117 TYR n 
1 118 ARG n 
1 119 GLY n 
1 120 PHE n 
1 121 ALA n 
1 122 PRO n 
1 123 ASP n 
1 124 GLY n 
1 125 SER n 
1 126 PRO n 
1 127 ILE n 
1 128 GLU n 
1 129 ARG n 
1 130 GLU n 
1 131 ALA n 
1 132 GLU n 
1 133 GLY n 
1 134 PHE n 
1 135 HIS n 
1 136 ALA n 
1 137 ARG n 
1 138 VAL n 
1 139 VAL n 
1 140 GLN n 
1 141 HIS n 
1 142 GLU n 
1 143 TYR n 
1 144 ASP n 
1 145 HIS n 
1 146 LEU n 
1 147 VAL n 
1 148 GLY n 
1 149 ARG n 
1 150 LEU n 
1 151 TYR n 
1 152 PRO n 
1 153 SER n 
1 154 ARG n 
1 155 ILE n 
1 156 GLU n 
1 157 ASN n 
1 158 PHE n 
1 159 ASP n 
1 160 THR n 
1 161 PHE n 
1 162 GLY n 
1 163 PHE n 
1 164 ASP n 
1 165 ASP n 
1 166 VAL n 
1 167 LEU n 
# 
_entity_src_gen.entity_id                          1 
_entity_src_gen.pdbx_src_id                        1 
_entity_src_gen.pdbx_alt_source_flag               sample 
_entity_src_gen.pdbx_seq_type                      'Biological sequence' 
_entity_src_gen.pdbx_beg_seq_num                   1 
_entity_src_gen.pdbx_end_seq_num                   167 
_entity_src_gen.gene_src_common_name               ? 
_entity_src_gen.gene_src_genus                     ? 
_entity_src_gen.pdbx_gene_src_gene                 'def, XOO1075' 
_entity_src_gen.gene_src_species                   ? 
_entity_src_gen.gene_src_strain                    'KACC10331 / KXO85' 
_entity_src_gen.gene_src_tissue                    ? 
_entity_src_gen.gene_src_tissue_fraction           ? 
_entity_src_gen.gene_src_details                   ? 
_entity_src_gen.pdbx_gene_src_fragment             ? 
_entity_src_gen.pdbx_gene_src_scientific_name      'Xanthomonas oryzae pv. oryzae (strain KACC10331 / KXO85)' 
_entity_src_gen.pdbx_gene_src_ncbi_taxonomy_id     291331 
_entity_src_gen.pdbx_gene_src_variant              ? 
_entity_src_gen.pdbx_gene_src_cell_line            ? 
_entity_src_gen.pdbx_gene_src_atcc                 ? 
_entity_src_gen.pdbx_gene_src_organ                ? 
_entity_src_gen.pdbx_gene_src_organelle            ? 
_entity_src_gen.pdbx_gene_src_cell                 ? 
_entity_src_gen.pdbx_gene_src_cellular_location    ? 
_entity_src_gen.host_org_common_name               ? 
_entity_src_gen.pdbx_host_org_scientific_name      'Escherichia coli BL21(DE3)' 
_entity_src_gen.pdbx_host_org_ncbi_taxonomy_id     469008 
_entity_src_gen.host_org_genus                     ? 
_entity_src_gen.pdbx_host_org_gene                 ? 
_entity_src_gen.pdbx_host_org_organ                ? 
_entity_src_gen.host_org_species                   ? 
_entity_src_gen.pdbx_host_org_tissue               ? 
_entity_src_gen.pdbx_host_org_tissue_fraction      ? 
_entity_src_gen.pdbx_host_org_strain               'BL21(DE3)' 
_entity_src_gen.pdbx_host_org_variant              ? 
_entity_src_gen.pdbx_host_org_cell_line            ? 
_entity_src_gen.pdbx_host_org_atcc                 ? 
_entity_src_gen.pdbx_host_org_culture_collection   ? 
_entity_src_gen.pdbx_host_org_cell                 ? 
_entity_src_gen.pdbx_host_org_organelle            ? 
_entity_src_gen.pdbx_host_org_cellular_location    ? 
_entity_src_gen.pdbx_host_org_vector_type          plasmid 
_entity_src_gen.pdbx_host_org_vector               ? 
_entity_src_gen.host_org_details                   ? 
_entity_src_gen.expression_system_id               ? 
_entity_src_gen.plasmid_name                       pET11a 
_entity_src_gen.plasmid_details                    ? 
_entity_src_gen.pdbx_description                   ? 
# 
loop_
_chem_comp.id 
_chem_comp.type 
_chem_comp.mon_nstd_flag 
_chem_comp.name 
_chem_comp.pdbx_synonyms 
_chem_comp.formula 
_chem_comp.formula_weight 
ALA 'L-peptide linking' y ALANINE                                     ?                                            'C3 H7 N O2' 
89.093  
ARG 'L-peptide linking' y ARGININE                                    ?                                            
'C6 H15 N4 O2 1' 175.209 
ASN 'L-peptide linking' y ASPARAGINE                                  ?                                            'C4 H8 N2 O3' 
132.118 
ASP 'L-peptide linking' y 'ASPARTIC ACID'                             ?                                            'C4 H7 N O4' 
133.103 
CD  non-polymer         . 'CADMIUM ION'                               ?                                            'Cd 2' 112.411 
CSD 'L-peptide linking' n 3-SULFINOALANINE                            'S-CYSTEINESULFINIC ACID; S-SULFINOCYSTEINE' 'C3 H7 N O4 S' 
153.157 
GLN 'L-peptide linking' y GLUTAMINE                                   ?                                            'C5 H10 N2 O3' 
146.144 
GLU 'L-peptide linking' y 'GLUTAMIC ACID'                             ?                                            'C5 H9 N O4' 
147.129 
GLY 'peptide linking'   y GLYCINE                                     ?                                            'C2 H5 N O2' 
75.067  
HIS 'L-peptide linking' y HISTIDINE                                   ?                                            
'C6 H10 N3 O2 1' 156.162 
HOH non-polymer         . WATER                                       ?                                            'H2 O' 18.015  
ILE 'L-peptide linking' y ISOLEUCINE                                  ?                                            'C6 H13 N O2' 
131.173 
LEU 'L-peptide linking' y LEUCINE                                     ?                                            'C6 H13 N O2' 
131.173 
LHY non-polymer         . 'L-[(N-HYDROXYAMINO)CARBONYL]PHENYLALANINE' ?                                            'C10 H12 N2 O4' 
224.213 
LYS 'L-peptide linking' y LYSINE                                      ?                                            
'C6 H15 N2 O2 1' 147.195 
MET 'L-peptide linking' y METHIONINE                                  ?                                            'C5 H11 N O2 S' 
149.211 
PHE 'L-peptide linking' y PHENYLALANINE                               ?                                            'C9 H11 N O2' 
165.189 
PRO 'L-peptide linking' y PROLINE                                     ?                                            'C5 H9 N O2' 
115.130 
SER 'L-peptide linking' y SERINE                                      ?                                            'C3 H7 N O3' 
105.093 
THR 'L-peptide linking' y THREONINE                                   ?                                            'C4 H9 N O3' 
119.119 
TRP 'L-peptide linking' y TRYPTOPHAN                                  ?                                            'C11 H12 N2 O2' 
204.225 
TYR 'L-peptide linking' y TYROSINE                                    ?                                            'C9 H11 N O3' 
181.189 
VAL 'L-peptide linking' y VALINE                                      ?                                            'C5 H11 N O2' 
117.146 
# 
loop_
_pdbx_poly_seq_scheme.asym_id 
_pdbx_poly_seq_scheme.entity_id 
_pdbx_poly_seq_scheme.seq_id 
_pdbx_poly_seq_scheme.mon_id 
_pdbx_poly_seq_scheme.ndb_seq_num 
_pdbx_poly_seq_scheme.pdb_seq_num 
_pdbx_poly_seq_scheme.auth_seq_num 
_pdbx_poly_seq_scheme.pdb_mon_id 
_pdbx_poly_seq_scheme.auth_mon_id 
_pdbx_poly_seq_scheme.pdb_strand_id 
_pdbx_poly_seq_scheme.pdb_ins_code 
_pdbx_poly_seq_scheme.hetero 
A 1 1   MET 1   1   1   MET MET A . n 
A 1 2   ILE 2   2   2   ILE ILE A . n 
A 1 3   ARG 3   3   3   ARG ARG A . n 
A 1 4   ASP 4   4   4   ASP ASP A . n 
A 1 5   ILE 5   5   5   ILE ILE A . n 
A 1 6   ILE 6   6   6   ILE ILE A . n 
A 1 7   ARG 7   7   7   ARG ARG A . n 
A 1 8   MET 8   8   8   MET MET A . n 
A 1 9   GLY 9   9   9   GLY GLY A . n 
A 1 10  ASP 10  10  10  ASP ASP A . n 
A 1 11  LYS 11  11  11  LYS LYS A . n 
A 1 12  ARG 12  12  12  ARG ARG A . n 
A 1 13  LEU 13  13  13  LEU LEU A . n 
A 1 14  LEU 14  14  14  LEU LEU A . n 
A 1 15  ARG 15  15  15  ARG ARG A . n 
A 1 16  VAL 16  16  16  VAL VAL A . n 
A 1 17  ALA 17  17  17  ALA ALA A . n 
A 1 18  PRO 18  18  18  PRO PRO A . n 
A 1 19  GLN 19  19  19  GLN GLN A . n 
A 1 20  VAL 20  20  20  VAL VAL A . n 
A 1 21  THR 21  21  21  THR THR A . n 
A 1 22  ASN 22  22  22  ASN ASN A . n 
A 1 23  LEU 23  23  23  LEU LEU A . n 
A 1 24  GLY 24  24  24  GLY GLY A . n 
A 1 25  SER 25  25  25  SER SER A . n 
A 1 26  ALA 26  26  26  ALA ALA A . n 
A 1 27  GLU 27  27  27  GLU GLU A . n 
A 1 28  LEU 28  28  28  LEU LEU A . n 
A 1 29  HIS 29  29  29  HIS HIS A . n 
A 1 30  ALA 30  30  30  ALA ALA A . n 
A 1 31  LEU 31  31  31  LEU LEU A . n 
A 1 32  VAL 32  32  32  VAL VAL A . n 
A 1 33  SER 33  33  33  SER SER A . n 
A 1 34  ASP 34  34  34  ASP ASP A . n 
A 1 35  MET 35  35  35  MET MET A . n 
A 1 36  PHE 36  36  36  PHE PHE A . n 
A 1 37  GLU 37  37  37  GLU GLU A . n 
A 1 38  THR 38  38  38  THR THR A . n 
A 1 39  MET 39  39  39  MET MET A . n 
A 1 40  GLY 40  40  40  GLY GLY A . n 
A 1 41  ALA 41  41  41  ALA ALA A . n 
A 1 42  ALA 42  42  42  ALA ALA A . n 
A 1 43  HIS 43  43  43  HIS HIS A . n 
A 1 44  GLY 44  44  44  GLY GLY A . n 
A 1 45  VAL 45  45  45  VAL VAL A . n 
A 1 46  GLY 46  46  46  GLY GLY A . n 
A 1 47  LEU 47  47  47  LEU LEU A . n 
A 1 48  ALA 48  48  48  ALA ALA A . n 
A 1 49  ALA 49  49  49  ALA ALA A . n 
A 1 50  PRO 50  50  50  PRO PRO A . n 
A 1 51  GLN 51  51  51  GLN GLN A . n 
A 1 52  ILE 52  52  52  ILE ILE A . n 
A 1 53  ALA 53  53  53  ALA ALA A . n 
A 1 54  VAL 54  54  54  VAL VAL A . n 
A 1 55  ASP 55  55  55  ASP ASP A . n 
A 1 56  LEU 56  56  56  LEU LEU A . n 
A 1 57  GLN 57  57  57  GLN GLN A . n 
A 1 58  LEU 58  58  58  LEU LEU A . n 
A 1 59  MET 59  59  59  MET MET A . n 
A 1 60  VAL 60  60  60  VAL VAL A . n 
A 1 61  PHE 61  61  61  PHE PHE A . n 
A 1 62  GLY 62  62  62  GLY GLY A . n 
A 1 63  PHE 63  63  63  PHE PHE A . n 
A 1 64  GLU 64  64  ?   ?   ?   A . n 
A 1 65  ALA 65  65  ?   ?   ?   A . n 
A 1 66  SER 66  66  ?   ?   ?   A . n 
A 1 67  GLU 67  67  ?   ?   ?   A . n 
A 1 68  ARG 68  68  ?   ?   ?   A . n 
A 1 69  TYR 69  69  ?   ?   ?   A . n 
A 1 70  PRO 70  70  ?   ?   ?   A . n 
A 1 71  GLU 71  71  ?   ?   ?   A . n 
A 1 72  ALA 72  72  ?   ?   ?   A . n 
A 1 73  PRO 73  73  ?   ?   ?   A . n 
A 1 74  ALA 74  74  74  ALA ALA A . n 
A 1 75  VAL 75  75  75  VAL VAL A . n 
A 1 76  PRO 76  76  76  PRO PRO A . n 
A 1 77  LEU 77  77  77  LEU LEU A . n 
A 1 78  THR 78  78  78  THR THR A . n 
A 1 79  ALA 79  79  79  ALA ALA A . n 
A 1 80  LEU 80  80  80  LEU LEU A . n 
A 1 81  ALA 81  81  81  ALA ALA A . n 
A 1 82  ASN 82  82  82  ASN ASN A . n 
A 1 83  ALA 83  83  83  ALA ALA A . n 
A 1 84  GLN 84  84  84  GLN GLN A . n 
A 1 85  ILE 85  85  85  ILE ILE A . n 
A 1 86  GLU 86  86  86  GLU GLU A . n 
A 1 87  PRO 87  87  87  PRO PRO A . n 
A 1 88  LEU 88  88  88  LEU LEU A . n 
A 1 89  SER 89  89  89  SER SER A . n 
A 1 90  ASP 90  90  90  ASP ASP A . n 
A 1 91  GLU 91  91  91  GLU GLU A . n 
A 1 92  MET 92  92  92  MET MET A . n 
A 1 93  GLU 93  93  93  GLU GLU A . n 
A 1 94  ASN 94  94  94  ASN ASN A . n 
A 1 95  GLY 95  95  95  GLY GLY A . n 
A 1 96  TRP 96  96  96  TRP TRP A . n 
A 1 97  GLU 97  97  97  GLU GLU A . n 
A 1 98  GLY 98  98  98  GLY GLY A . n 
A 1 99  CSD 99  99  99  CSD CSD A . n 
A 1 100 LEU 100 100 100 LEU LEU A . n 
A 1 101 SER 101 101 101 SER SER A . n 
A 1 102 ILE 102 102 102 ILE ILE A . n 
A 1 103 PRO 103 103 103 PRO PRO A . n 
A 1 104 GLY 104 104 104 GLY GLY A . n 
A 1 105 LEU 105 105 105 LEU LEU A . n 
A 1 106 ARG 106 106 106 ARG ARG A . n 
A 1 107 ALA 107 107 107 ALA ALA A . n 
A 1 108 VAL 108 108 108 VAL VAL A . n 
A 1 109 ILE 109 109 109 ILE ILE A . n 
A 1 110 PRO 110 110 110 PRO PRO A . n 
A 1 111 ARG 111 111 111 ARG ARG A . n 
A 1 112 TYR 112 112 112 TYR TYR A . n 
A 1 113 ARG 113 113 113 ARG ARG A . n 
A 1 114 TYR 114 114 114 TYR TYR A . n 
A 1 115 ILE 115 115 115 ILE ILE A . n 
A 1 116 ARG 116 116 116 ARG ARG A . n 
A 1 117 TYR 117 117 117 TYR TYR A . n 
A 1 118 ARG 118 118 118 ARG ARG A . n 
A 1 119 GLY 119 119 119 GLY GLY A . n 
A 1 120 PHE 120 120 120 PHE PHE A . n 
A 1 121 ALA 121 121 121 ALA ALA A . n 
A 1 122 PRO 122 122 122 PRO PRO A . n 
A 1 123 ASP 123 123 123 ASP ASP A . n 
A 1 124 GLY 124 124 124 GLY GLY A . n 
A 1 125 SER 125 125 125 SER SER A . n 
A 1 126 PRO 126 126 126 PRO PRO A . n 
A 1 127 ILE 127 127 127 ILE ILE A . n 
A 1 128 GLU 128 128 128 GLU GLU A . n 
A 1 129 ARG 129 129 129 ARG ARG A . n 
A 1 130 GLU 130 130 130 GLU GLU A . n 
A 1 131 ALA 131 131 131 ALA ALA A . n 
A 1 132 GLU 132 132 132 GLU GLU A . n 
A 1 133 GLY 133 133 133 GLY GLY A . n 
A 1 134 PHE 134 134 134 PHE PHE A . n 
A 1 135 HIS 135 135 135 HIS HIS A . n 
A 1 136 ALA 136 136 136 ALA ALA A . n 
A 1 137 ARG 137 137 137 ARG ARG A . n 
A 1 138 VAL 138 138 138 VAL VAL A . n 
A 1 139 VAL 139 139 139 VAL VAL A . n 
A 1 140 GLN 140 140 140 GLN GLN A . n 
A 1 141 HIS 141 141 141 HIS HIS A . n 
A 1 142 GLU 142 142 142 GLU GLU A . n 
A 1 143 TYR 143 143 143 TYR TYR A . n 
A 1 144 ASP 144 144 144 ASP ASP A . n 
A 1 145 HIS 145 145 145 HIS HIS A . n 
A 1 146 LEU 146 146 146 LEU LEU A . n 
A 1 147 VAL 147 147 147 VAL VAL A . n 
A 1 148 GLY 148 148 148 GLY GLY A . n 
A 1 149 ARG 149 149 149 ARG ARG A . n 
A 1 150 LEU 150 150 150 LEU LEU A . n 
A 1 151 TYR 151 151 151 TYR TYR A . n 
A 1 152 PRO 152 152 152 PRO PRO A . n 
A 1 153 SER 153 153 153 SER SER A . n 
A 1 154 ARG 154 154 154 ARG ARG A . n 
A 1 155 ILE 155 155 155 ILE ILE A . n 
A 1 156 GLU 156 156 156 GLU GLU A . n 
A 1 157 ASN 157 157 157 ASN ASN A . n 
A 1 158 PHE 158 158 158 PHE PHE A . n 
A 1 159 ASP 159 159 159 ASP ASP A . n 
A 1 160 THR 160 160 160 THR THR A . n 
A 1 161 PHE 161 161 161 PHE PHE A . n 
A 1 162 GLY 162 162 162 GLY GLY A . n 
A 1 163 PHE 163 163 163 PHE PHE A . n 
A 1 164 ASP 164 164 164 ASP ASP A . n 
A 1 165 ASP 165 165 165 ASP ASP A . n 
A 1 166 VAL 166 166 166 VAL VAL A . n 
A 1 167 LEU 167 167 167 LEU LEU A . n 
# 
_pdbx_entity_instance_feature.ordinal        1 
_pdbx_entity_instance_feature.comp_id        LHY 
_pdbx_entity_instance_feature.asym_id        ? 
_pdbx_entity_instance_feature.seq_num        ? 
_pdbx_entity_instance_feature.auth_comp_id   LHY 
_pdbx_entity_instance_feature.auth_asym_id   ? 
_pdbx_entity_instance_feature.auth_seq_num   ? 
_pdbx_entity_instance_feature.feature_type   'SUBJECT OF INVESTIGATION' 
_pdbx_entity_instance_feature.details        ? 
# 
loop_
_pdbx_nonpoly_scheme.asym_id 
_pdbx_nonpoly_scheme.entity_id 
_pdbx_nonpoly_scheme.mon_id 
_pdbx_nonpoly_scheme.ndb_seq_num 
_pdbx_nonpoly_scheme.pdb_seq_num 
_pdbx_nonpoly_scheme.auth_seq_num 
_pdbx_nonpoly_scheme.pdb_mon_id 
_pdbx_nonpoly_scheme.auth_mon_id 
_pdbx_nonpoly_scheme.pdb_strand_id 
_pdbx_nonpoly_scheme.pdb_ins_code 
B 2 CD  1  201 1  CD  CD  A . 
C 2 CD  1  202 2  CD  CD  A . 
D 2 CD  1  203 3  CD  CD  A . 
E 3 LHY 1  204 1  LHY K4U A . 
F 4 HOH 1  301 17 HOH HOH A . 
F 4 HOH 2  302 12 HOH HOH A . 
F 4 HOH 3  303 27 HOH HOH A . 
F 4 HOH 4  304 25 HOH HOH A . 
F 4 HOH 5  305 14 HOH HOH A . 
F 4 HOH 6  306 13 HOH HOH A . 
F 4 HOH 7  307 3  HOH HOH A . 
F 4 HOH 8  308 18 HOH HOH A . 
F 4 HOH 9  309 15 HOH HOH A . 
F 4 HOH 10 310 5  HOH HOH A . 
F 4 HOH 11 311 22 HOH HOH A . 
F 4 HOH 12 312 4  HOH HOH A . 
F 4 HOH 13 313 1  HOH HOH A . 
F 4 HOH 14 314 2  HOH HOH A . 
F 4 HOH 15 315 26 HOH HOH A . 
F 4 HOH 16 316 19 HOH HOH A . 
F 4 HOH 17 317 23 HOH HOH A . 
F 4 HOH 18 318 8  HOH HOH A . 
F 4 HOH 19 319 10 HOH HOH A . 
# 
loop_
_pdbx_unobs_or_zero_occ_atoms.id 
_pdbx_unobs_or_zero_occ_atoms.PDB_model_num 
_pdbx_unobs_or_zero_occ_atoms.polymer_flag 
_pdbx_unobs_or_zero_occ_atoms.occupancy_flag 
_pdbx_unobs_or_zero_occ_atoms.auth_asym_id 
_pdbx_unobs_or_zero_occ_atoms.auth_comp_id 
_pdbx_unobs_or_zero_occ_atoms.auth_seq_id 
_pdbx_unobs_or_zero_occ_atoms.PDB_ins_code 
_pdbx_unobs_or_zero_occ_atoms.auth_atom_id 
_pdbx_unobs_or_zero_occ_atoms.label_alt_id 
_pdbx_unobs_or_zero_occ_atoms.label_asym_id 
_pdbx_unobs_or_zero_occ_atoms.label_comp_id 
_pdbx_unobs_or_zero_occ_atoms.label_seq_id 
_pdbx_unobs_or_zero_occ_atoms.label_atom_id 
1  1 Y 1 A PHE 63 ? CG  ? A PHE 63 CG  
2  1 Y 1 A PHE 63 ? CD1 ? A PHE 63 CD1 
3  1 Y 1 A PHE 63 ? CD2 ? A PHE 63 CD2 
4  1 Y 1 A PHE 63 ? CE1 ? A PHE 63 CE1 
5  1 Y 1 A PHE 63 ? CE2 ? A PHE 63 CE2 
6  1 Y 1 A PHE 63 ? CZ  ? A PHE 63 CZ  
7  1 Y 1 A GLU 86 ? CG  ? A GLU 86 CG  
8  1 Y 1 A GLU 86 ? CD  ? A GLU 86 CD  
9  1 Y 1 A GLU 86 ? OE1 ? A GLU 86 OE1 
10 1 Y 1 A GLU 86 ? OE2 ? A GLU 86 OE2 
# 
loop_
_software.citation_id 
_software.classification 
_software.compiler_name 
_software.compiler_version 
_software.contact_author 
_software.contact_author_email 
_software.date 
_software.description 
_software.dependencies 
_software.hardware 
_software.language 
_software.location 
_software.mods 
_software.name 
_software.os 
_software.os_version 
_software.type 
_software.version 
_software.pdbx_ordinal 
? 'data scaling'    ? ? ? ? ? ? ? ? ? ? ? HKL-2000 ? ? ? .        1 
? refinement        ? ? ? ? ? ? ? ? ? ? ? REFMAC   ? ? ? 5.8.0158 2 
? 'data collection' ? ? ? ? ? ? ? ? ? ? ? HKL-2000 ? ? ? .        3 
? 'data reduction'  ? ? ? ? ? ? ? ? ? ? ? HKL-2000 ? ? ? .        4 
# 
_cell.angle_alpha                  90.000 
_cell.angle_alpha_esd              ? 
_cell.angle_beta                   90.000 
_cell.angle_beta_esd               ? 
_cell.angle_gamma                  120.000 
_cell.angle_gamma_esd              ? 
_cell.entry_id                     6IL2 
_cell.details                      ? 
_cell.formula_units_Z              ? 
_cell.length_a                     58.531 
_cell.length_a_esd                 ? 
_cell.length_b                     58.531 
_cell.length_b_esd                 ? 
_cell.length_c                     266.212 
_cell.length_c_esd                 ? 
_cell.volume                       ? 
_cell.volume_esd                   ? 
_cell.Z_PDB                        12 
_cell.reciprocal_angle_alpha       ? 
_cell.reciprocal_angle_beta        ? 
_cell.reciprocal_angle_gamma       ? 
_cell.reciprocal_angle_alpha_esd   ? 
_cell.reciprocal_angle_beta_esd    ? 
_cell.reciprocal_angle_gamma_esd   ? 
_cell.reciprocal_length_a          ? 
_cell.reciprocal_length_b          ? 
_cell.reciprocal_length_c          ? 
_cell.reciprocal_length_a_esd      ? 
_cell.reciprocal_length_b_esd      ? 
_cell.reciprocal_length_c_esd      ? 
_cell.pdbx_unique_axis             ? 
# 
_symmetry.entry_id                         6IL2 
_symmetry.cell_setting                     ? 
_symmetry.Int_Tables_number                178 
_symmetry.space_group_name_Hall            ? 
_symmetry.space_group_name_H-M             'P 61 2 2' 
_symmetry.pdbx_full_space_group_name_H-M   ? 
# 
_exptl.absorpt_coefficient_mu     ? 
_exptl.absorpt_correction_T_max   ? 
_exptl.absorpt_correction_T_min   ? 
_exptl.absorpt_correction_type    ? 
_exptl.absorpt_process_details    ? 
_exptl.entry_id                   6IL2 
_exptl.crystals_number            1 
_exptl.details                    ? 
_exptl.method                     'X-RAY DIFFRACTION' 
_exptl.method_details             ? 
# 
_exptl_crystal.colour                      ? 
_exptl_crystal.density_diffrn              ? 
_exptl_crystal.density_Matthews            3.76 
_exptl_crystal.density_method              ? 
_exptl_crystal.density_percent_sol         67.26 
_exptl_crystal.description                 ? 
_exptl_crystal.F_000                       ? 
_exptl_crystal.id                          1 
_exptl_crystal.preparation                 ? 
_exptl_crystal.size_max                    ? 
_exptl_crystal.size_mid                    ? 
_exptl_crystal.size_min                    ? 
_exptl_crystal.size_rad                    ? 
_exptl_crystal.colour_lustre               ? 
_exptl_crystal.colour_modifier             ? 
_exptl_crystal.colour_primary              ? 
_exptl_crystal.density_meas                ? 
_exptl_crystal.density_meas_esd            ? 
_exptl_crystal.density_meas_gt             ? 
_exptl_crystal.density_meas_lt             ? 
_exptl_crystal.density_meas_temp           ? 
_exptl_crystal.density_meas_temp_esd       ? 
_exptl_crystal.density_meas_temp_gt        ? 
_exptl_crystal.density_meas_temp_lt        ? 
_exptl_crystal.pdbx_crystal_image_url      ? 
_exptl_crystal.pdbx_crystal_image_format   ? 
_exptl_crystal.pdbx_mosaicity              0.887 
_exptl_crystal.pdbx_mosaicity_esd          ? 
# 
_exptl_crystal_grow.apparatus       ? 
_exptl_crystal_grow.atmosphere      ? 
_exptl_crystal_grow.crystal_id      1 
_exptl_crystal_grow.details         ? 
_exptl_crystal_grow.method          EVAPORATION 
_exptl_crystal_grow.method_ref      ? 
_exptl_crystal_grow.pH              7.5 
_exptl_crystal_grow.pressure        ? 
_exptl_crystal_grow.pressure_esd    ? 
_exptl_crystal_grow.seeding         ? 
_exptl_crystal_grow.seeding_ref     ? 
_exptl_crystal_grow.temp            287 
_exptl_crystal_grow.temp_details    ? 
_exptl_crystal_grow.temp_esd        ? 
_exptl_crystal_grow.time            ? 
_exptl_crystal_grow.pdbx_details    '0.05M cadmium sulfate, 0.1M HEPES pH 7.5, 2.0M sodium acetate trihydrate' 
_exptl_crystal_grow.pdbx_pH_range   ? 
# 
_diffrn.ambient_environment              ? 
_diffrn.ambient_temp                     100 
_diffrn.ambient_temp_details             ? 
_diffrn.ambient_temp_esd                 ? 
_diffrn.crystal_id                       1 
_diffrn.crystal_support                  ? 
_diffrn.crystal_treatment                ? 
_diffrn.details                          ? 
_diffrn.id                               1 
_diffrn.ambient_pressure                 ? 
_diffrn.ambient_pressure_esd             ? 
_diffrn.ambient_pressure_gt              ? 
_diffrn.ambient_pressure_lt              ? 
_diffrn.ambient_temp_gt                  ? 
_diffrn.ambient_temp_lt                  ? 
_diffrn.pdbx_serial_crystal_experiment   N 
# 
_diffrn_detector.details                      ? 
_diffrn_detector.detector                     CCD 
_diffrn_detector.diffrn_id                    1 
_diffrn_detector.type                         'ADSC QUANTUM 315r' 
_diffrn_detector.area_resol_mean              ? 
_diffrn_detector.dtime                        ? 
_diffrn_detector.pdbx_frames_total            ? 
_diffrn_detector.pdbx_collection_time_total   ? 
_diffrn_detector.pdbx_collection_date         2018-03-09 
_diffrn_detector.pdbx_frequency               ? 
# 
_diffrn_radiation.collimation                      ? 
_diffrn_radiation.diffrn_id                        1 
_diffrn_radiation.filter_edge                      ? 
_diffrn_radiation.inhomogeneity                    ? 
_diffrn_radiation.monochromator                    ? 
_diffrn_radiation.polarisn_norm                    ? 
_diffrn_radiation.polarisn_ratio                   ? 
_diffrn_radiation.probe                            ? 
_diffrn_radiation.type                             ? 
_diffrn_radiation.xray_symbol                      ? 
_diffrn_radiation.wavelength_id                    1 
_diffrn_radiation.pdbx_monochromatic_or_laue_m_l   M 
_diffrn_radiation.pdbx_wavelength_list             ? 
_diffrn_radiation.pdbx_wavelength                  ? 
_diffrn_radiation.pdbx_diffrn_protocol             'SINGLE WAVELENGTH' 
_diffrn_radiation.pdbx_analyzer                    ? 
_diffrn_radiation.pdbx_scattering_type             x-ray 
# 
_diffrn_radiation_wavelength.id           1 
_diffrn_radiation_wavelength.wavelength   0.97940 
_diffrn_radiation_wavelength.wt           1.0 
# 
_diffrn_source.current                     ? 
_diffrn_source.details                     ? 
_diffrn_source.diffrn_id                   1 
_diffrn_source.power                       ? 
_diffrn_source.size                        ? 
_diffrn_source.source                      SYNCHROTRON 
_diffrn_source.target                      ? 
_diffrn_source.type                        'PAL/PLS BEAMLINE 5C (4A)' 
_diffrn_source.voltage                     ? 
_diffrn_source.take-off_angle              ? 
_diffrn_source.pdbx_wavelength_list        0.97940 
_diffrn_source.pdbx_wavelength             ? 
_diffrn_source.pdbx_synchrotron_beamline   '5C (4A)' 
_diffrn_source.pdbx_synchrotron_site       PAL/PLS 
# 
_reflns.B_iso_Wilson_estimate            ? 
_reflns.entry_id                         6IL2 
_reflns.data_reduction_details           ? 
_reflns.data_reduction_method            ? 
_reflns.d_resolution_high                2.400 
_reflns.d_resolution_low                 50.000 
_reflns.details                          ? 
_reflns.limit_h_max                      ? 
_reflns.limit_h_min                      ? 
_reflns.limit_k_max                      ? 
_reflns.limit_k_min                      ? 
_reflns.limit_l_max                      ? 
_reflns.limit_l_min                      ? 
_reflns.number_all                       ? 
_reflns.number_obs                       11239 
_reflns.observed_criterion               ? 
_reflns.observed_criterion_F_max         ? 
_reflns.observed_criterion_F_min         ? 
_reflns.observed_criterion_I_max         ? 
_reflns.observed_criterion_I_min         ? 
_reflns.observed_criterion_sigma_F       ? 
_reflns.observed_criterion_sigma_I       ? 
_reflns.percent_possible_obs             98.300 
_reflns.R_free_details                   ? 
_reflns.Rmerge_F_all                     ? 
_reflns.Rmerge_F_obs                     ? 
_reflns.Friedel_coverage                 ? 
_reflns.number_gt                        ? 
_reflns.threshold_expression             ? 
_reflns.pdbx_redundancy                  15.800 
_reflns.pdbx_Rmerge_I_obs                0.184 
_reflns.pdbx_Rmerge_I_all                ? 
_reflns.pdbx_Rsym_value                  ? 
_reflns.pdbx_netI_over_av_sigmaI         ? 
_reflns.pdbx_netI_over_sigmaI            12.000 
_reflns.pdbx_res_netI_over_av_sigmaI_2   ? 
_reflns.pdbx_res_netI_over_sigmaI_2      ? 
_reflns.pdbx_chi_squared                 7.711 
_reflns.pdbx_scaling_rejects             ? 
_reflns.pdbx_d_res_high_opt              ? 
_reflns.pdbx_d_res_low_opt               ? 
_reflns.pdbx_d_res_opt_method            ? 
_reflns.phase_calculation_details        ? 
_reflns.pdbx_Rrim_I_all                  0.189 
_reflns.pdbx_Rpim_I_all                  0.042 
_reflns.pdbx_d_opt                       ? 
_reflns.pdbx_number_measured_all         ? 
_reflns.pdbx_diffrn_id                   1 
_reflns.pdbx_ordinal                     1 
_reflns.pdbx_CC_half                     ? 
_reflns.pdbx_R_split                     ? 
# 
loop_
_reflns_shell.d_res_high 
_reflns_shell.d_res_low 
_reflns_shell.meanI_over_sigI_all 
_reflns_shell.meanI_over_sigI_obs 
_reflns_shell.number_measured_all 
_reflns_shell.number_measured_obs 
_reflns_shell.number_possible 
_reflns_shell.number_unique_all 
_reflns_shell.number_unique_obs 
_reflns_shell.percent_possible_all 
_reflns_shell.percent_possible_obs 
_reflns_shell.Rmerge_F_all 
_reflns_shell.Rmerge_F_obs 
_reflns_shell.Rmerge_I_all 
_reflns_shell.Rmerge_I_obs 
_reflns_shell.meanI_over_sigI_gt 
_reflns_shell.meanI_over_uI_all 
_reflns_shell.meanI_over_uI_gt 
_reflns_shell.number_measured_gt 
_reflns_shell.number_unique_gt 
_reflns_shell.percent_possible_gt 
_reflns_shell.Rmerge_F_gt 
_reflns_shell.Rmerge_I_gt 
_reflns_shell.pdbx_redundancy 
_reflns_shell.pdbx_Rsym_value 
_reflns_shell.pdbx_chi_squared 
_reflns_shell.pdbx_netI_over_sigmaI_all 
_reflns_shell.pdbx_netI_over_sigmaI_obs 
_reflns_shell.pdbx_Rrim_I_all 
_reflns_shell.pdbx_Rpim_I_all 
_reflns_shell.pdbx_rejects 
_reflns_shell.pdbx_ordinal 
_reflns_shell.pdbx_diffrn_id 
_reflns_shell.pdbx_CC_half 
_reflns_shell.pdbx_R_split 
2.400 2.440  ? ? ? ? ? ? 539 98.200 ? ? ? ? 0.485 ? ? ? ? ? ? ? ? 10.500 ? 1.646  ? ? 0.509 0.148 ? 1  1 0.546 ? 
2.440 2.490  ? ? ? ? ? ? 524 97.600 ? ? ? ? 0.485 ? ? ? ? ? ? ? ? 10.800 ? 1.820  ? ? 0.508 0.144 ? 2  1 0.768 ? 
2.490 2.530  ? ? ? ? ? ? 561 97.700 ? ? ? ? 0.463 ? ? ? ? ? ? ? ? 10.900 ? 1.852  ? ? 0.485 0.139 ? 3  1 0.701 ? 
2.530 2.590  ? ? ? ? ? ? 511 97.700 ? ? ? ? 0.429 ? ? ? ? ? ? ? ? 11.200 ? 2.040  ? ? 0.447 0.123 ? 4  1 0.825 ? 
2.590 2.640  ? ? ? ? ? ? 543 98.000 ? ? ? ? 0.397 ? ? ? ? ? ? ? ? 12.000 ? 2.020  ? ? 0.413 0.111 ? 5  1 0.911 ? 
2.640 2.700  ? ? ? ? ? ? 549 98.900 ? ? ? ? 0.384 ? ? ? ? ? ? ? ? 12.100 ? 2.225  ? ? 0.400 0.106 ? 6  1 0.894 ? 
2.700 2.770  ? ? ? ? ? ? 546 98.600 ? ? ? ? 0.346 ? ? ? ? ? ? ? ? 12.900 ? 2.326  ? ? 0.359 0.093 ? 7  1 0.946 ? 
2.770 2.850  ? ? ? ? ? ? 534 98.200 ? ? ? ? 0.332 ? ? ? ? ? ? ? ? 13.000 ? 2.708  ? ? 0.344 0.088 ? 8  1 0.932 ? 
2.850 2.930  ? ? ? ? ? ? 563 98.800 ? ? ? ? 0.301 ? ? ? ? ? ? ? ? 14.200 ? 3.011  ? ? 0.311 0.075 ? 9  1 0.960 ? 
2.930 3.020  ? ? ? ? ? ? 534 98.300 ? ? ? ? 0.281 ? ? ? ? ? ? ? ? 15.000 ? 3.252  ? ? 0.289 0.069 ? 10 1 0.967 ? 
3.020 3.130  ? ? ? ? ? ? 546 98.600 ? ? ? ? 0.262 ? ? ? ? ? ? ? ? 15.000 ? 3.681  ? ? 0.270 0.064 ? 11 1 0.970 ? 
3.130 3.260  ? ? ? ? ? ? 583 98.800 ? ? ? ? 0.236 ? ? ? ? ? ? ? ? 15.900 ? 5.009  ? ? 0.243 0.055 ? 12 1 0.986 ? 
3.260 3.410  ? ? ? ? ? ? 544 98.400 ? ? ? ? 0.219 ? ? ? ? ? ? ? ? 17.300 ? 6.540  ? ? 0.224 0.049 ? 13 1 0.983 ? 
3.410 3.580  ? ? ? ? ? ? 561 98.600 ? ? ? ? 0.201 ? ? ? ? ? ? ? ? 18.300 ? 7.843  ? ? 0.206 0.044 ? 14 1 0.988 ? 
3.580 3.810  ? ? ? ? ? ? 561 98.900 ? ? ? ? 0.191 ? ? ? ? ? ? ? ? 20.300 ? 10.415 ? ? 0.195 0.040 ? 15 1 0.992 ? 
3.810 4.100  ? ? ? ? ? ? 571 99.100 ? ? ? ? 0.177 ? ? ? ? ? ? ? ? 20.100 ? 12.524 ? ? 0.181 0.038 ? 16 1 0.987 ? 
4.100 4.520  ? ? ? ? ? ? 590 98.800 ? ? ? ? 0.161 ? ? ? ? ? ? ? ? 21.000 ? 13.815 ? ? 0.165 0.034 ? 17 1 0.993 ? 
4.520 5.170  ? ? ? ? ? ? 588 99.000 ? ? ? ? 0.152 ? ? ? ? ? ? ? ? 20.100 ? 14.932 ? ? 0.155 0.032 ? 18 1 0.993 ? 
5.170 6.510  ? ? ? ? ? ? 613 98.200 ? ? ? ? 0.144 ? ? ? ? ? ? ? ? 21.000 ? 11.945 ? ? 0.147 0.030 ? 19 1 0.996 ? 
6.510 50.000 ? ? ? ? ? ? 678 95.500 ? ? ? ? 0.120 ? ? ? ? ? ? ? ? 20.600 ? 15.436 ? ? 0.123 0.026 ? 20 1 0.996 ? 
# 
_refine.aniso_B[1][1]                            0.0100 
_refine.aniso_B[1][2]                            0.0000 
_refine.aniso_B[1][3]                            0.0000 
_refine.aniso_B[2][2]                            0.0100 
_refine.aniso_B[2][3]                            -0.0000 
_refine.aniso_B[3][3]                            -0.0300 
_refine.B_iso_max                                91.530 
_refine.B_iso_mean                               33.3400 
_refine.B_iso_min                                18.810 
_refine.correlation_coeff_Fo_to_Fc               0.9340 
_refine.correlation_coeff_Fo_to_Fc_free          0.9110 
_refine.details                                  
'HYDROGENS HAVE BEEN ADDED IN THE RIDING POSITIONS U VALUES      : REFINED INDIVIDUALLY' 
_refine.diff_density_max                         ? 
_refine.diff_density_max_esd                     ? 
_refine.diff_density_min                         ? 
_refine.diff_density_min_esd                     ? 
_refine.diff_density_rms                         ? 
_refine.diff_density_rms_esd                     ? 
_refine.entry_id                                 6IL2 
_refine.pdbx_refine_id                           'X-RAY DIFFRACTION' 
_refine.ls_abs_structure_details                 ? 
_refine.ls_abs_structure_Flack                   ? 
_refine.ls_abs_structure_Flack_esd               ? 
_refine.ls_abs_structure_Rogers                  ? 
_refine.ls_abs_structure_Rogers_esd              ? 
_refine.ls_d_res_high                            2.4100 
_refine.ls_d_res_low                             49.9000 
_refine.ls_extinction_coef                       ? 
_refine.ls_extinction_coef_esd                   ? 
_refine.ls_extinction_expression                 ? 
_refine.ls_extinction_method                     ? 
_refine.ls_goodness_of_fit_all                   ? 
_refine.ls_goodness_of_fit_all_esd               ? 
_refine.ls_goodness_of_fit_obs                   ? 
_refine.ls_goodness_of_fit_obs_esd               ? 
_refine.ls_hydrogen_treatment                    ? 
_refine.ls_matrix_type                           ? 
_refine.ls_number_constraints                    ? 
_refine.ls_number_parameters                     ? 
_refine.ls_number_reflns_all                     ? 
_refine.ls_number_reflns_obs                     10700 
_refine.ls_number_reflns_R_free                  529 
_refine.ls_number_reflns_R_work                  ? 
_refine.ls_number_restraints                     ? 
_refine.ls_percent_reflns_obs                    98.8400 
_refine.ls_percent_reflns_R_free                 4.7000 
_refine.ls_R_factor_all                          ? 
_refine.ls_R_factor_obs                          0.1939 
_refine.ls_R_factor_R_free                       0.2319 
_refine.ls_R_factor_R_free_error                 ? 
_refine.ls_R_factor_R_free_error_details         ? 
_refine.ls_R_factor_R_work                       0.1919 
_refine.ls_R_Fsqd_factor_obs                     ? 
_refine.ls_R_I_factor_obs                        ? 
_refine.ls_redundancy_reflns_all                 ? 
_refine.ls_redundancy_reflns_obs                 ? 
_refine.ls_restrained_S_all                      ? 
_refine.ls_restrained_S_obs                      ? 
_refine.ls_shift_over_esd_max                    ? 
_refine.ls_shift_over_esd_mean                   ? 
_refine.ls_structure_factor_coef                 ? 
_refine.ls_weighting_details                     ? 
_refine.ls_weighting_scheme                      ? 
_refine.ls_wR_factor_all                         ? 
_refine.ls_wR_factor_obs                         ? 
_refine.ls_wR_factor_R_free                      ? 
_refine.ls_wR_factor_R_work                      ? 
_refine.occupancy_max                            ? 
_refine.occupancy_min                            ? 
_refine.solvent_model_details                    ? 
_refine.solvent_model_param_bsol                 ? 
_refine.solvent_model_param_ksol                 ? 
_refine.ls_R_factor_gt                           ? 
_refine.ls_goodness_of_fit_gt                    ? 
_refine.ls_goodness_of_fit_ref                   ? 
_refine.ls_shift_over_su_max                     ? 
_refine.ls_shift_over_su_max_lt                  ? 
_refine.ls_shift_over_su_mean                    ? 
_refine.ls_shift_over_su_mean_lt                 ? 
_refine.pdbx_ls_sigma_I                          ? 
_refine.pdbx_ls_sigma_F                          0.000 
_refine.pdbx_ls_sigma_Fsqd                       ? 
_refine.pdbx_data_cutoff_high_absF               ? 
_refine.pdbx_data_cutoff_high_rms_absF           ? 
_refine.pdbx_data_cutoff_low_absF                ? 
_refine.pdbx_isotropic_thermal_model             ? 
_refine.pdbx_ls_cross_valid_method               THROUGHOUT 
_refine.pdbx_method_to_determine_struct          'MOLECULAR REPLACEMENT' 
_refine.pdbx_starting_model                      5E5D 
_refine.pdbx_stereochemistry_target_values       ? 
_refine.pdbx_R_Free_selection_details            RANDOM 
_refine.pdbx_stereochem_target_val_spec_case     ? 
_refine.pdbx_overall_ESU_R                       0.2220 
_refine.pdbx_overall_ESU_R_Free                  0.1950 
_refine.pdbx_solvent_vdw_probe_radii             1.2000 
_refine.pdbx_solvent_ion_probe_radii             0.8000 
_refine.pdbx_solvent_shrinkage_radii             0.8000 
_refine.pdbx_real_space_R                        ? 
_refine.pdbx_density_correlation                 ? 
_refine.pdbx_pd_number_of_powder_patterns        ? 
_refine.pdbx_pd_number_of_points                 ? 
_refine.pdbx_pd_meas_number_of_points            ? 
_refine.pdbx_pd_proc_ls_prof_R_factor            ? 
_refine.pdbx_pd_proc_ls_prof_wR_factor           ? 
_refine.pdbx_pd_Marquardt_correlation_coeff      ? 
_refine.pdbx_pd_Fsqrd_R_factor                   ? 
_refine.pdbx_pd_ls_matrix_band_width             ? 
_refine.pdbx_overall_phase_error                 ? 
_refine.pdbx_overall_SU_R_free_Cruickshank_DPI   ? 
_refine.pdbx_overall_SU_R_free_Blow_DPI          ? 
_refine.pdbx_overall_SU_R_Blow_DPI               ? 
_refine.pdbx_TLS_residual_ADP_flag               ? 
_refine.pdbx_diffrn_id                           1 
_refine.overall_SU_B                             5.7330 
_refine.overall_SU_ML                            0.1300 
_refine.overall_SU_R_Cruickshank_DPI             0.2222 
_refine.overall_SU_R_free                        ? 
_refine.overall_FOM_free_R_set                   ? 
_refine.overall_FOM_work_R_set                   ? 
_refine.pdbx_average_fsc_overall                 ? 
_refine.pdbx_average_fsc_work                    ? 
_refine.pdbx_average_fsc_free                    ? 
# 
_refine_hist.cycle_id                         final 
_refine_hist.pdbx_refine_id                   'X-RAY DIFFRACTION' 
_refine_hist.d_res_high                       2.4100 
_refine_hist.d_res_low                        49.9000 
_refine_hist.pdbx_number_atoms_ligand         18 
_refine_hist.number_atoms_solvent             19 
_refine_hist.number_atoms_total               1258 
_refine_hist.pdbx_number_residues_total       158 
_refine_hist.pdbx_B_iso_mean_ligand           43.31 
_refine_hist.pdbx_B_iso_mean_solvent          32.38 
_refine_hist.pdbx_number_atoms_protein        1221 
_refine_hist.pdbx_number_atoms_nucleic_acid   0 
# 
loop_
_refine_ls_restr.pdbx_refine_id 
_refine_ls_restr.criterion 
_refine_ls_restr.dev_ideal 
_refine_ls_restr.dev_ideal_target 
_refine_ls_restr.number 
_refine_ls_restr.rejects 
_refine_ls_restr.type 
_refine_ls_restr.weight 
_refine_ls_restr.pdbx_restraint_function 
'X-RAY DIFFRACTION' ? 0.018  0.019  1263 ? r_bond_refined_d       ? ? 
'X-RAY DIFFRACTION' ? 0.002  0.020  1174 ? r_bond_other_d         ? ? 
'X-RAY DIFFRACTION' ? 2.072  1.980  1710 ? r_angle_refined_deg    ? ? 
'X-RAY DIFFRACTION' ? 1.104  3.000  2697 ? r_angle_other_deg      ? ? 
'X-RAY DIFFRACTION' ? 6.950  5.000  155  ? r_dihedral_angle_1_deg ? ? 
'X-RAY DIFFRACTION' ? 30.678 22.667 60   ? r_dihedral_angle_2_deg ? ? 
'X-RAY DIFFRACTION' ? 14.671 15.000 197  ? r_dihedral_angle_3_deg ? ? 
'X-RAY DIFFRACTION' ? 17.845 15.000 13   ? r_dihedral_angle_4_deg ? ? 
'X-RAY DIFFRACTION' ? 0.125  0.200  187  ? r_chiral_restr         ? ? 
'X-RAY DIFFRACTION' ? 0.009  0.021  1425 ? r_gen_planes_refined   ? ? 
'X-RAY DIFFRACTION' ? 0.004  0.020  278  ? r_gen_planes_other     ? ? 
# 
_refine_ls_shell.pdbx_refine_id                   'X-RAY DIFFRACTION' 
_refine_ls_shell.d_res_high                       2.4070 
_refine_ls_shell.d_res_low                        2.4700 
_refine_ls_shell.number_reflns_all                788 
_refine_ls_shell.number_reflns_obs                ? 
_refine_ls_shell.number_reflns_R_free             39 
_refine_ls_shell.number_reflns_R_work             749 
_refine_ls_shell.percent_reflns_obs               96.9200 
_refine_ls_shell.percent_reflns_R_free            ? 
_refine_ls_shell.R_factor_all                     ? 
_refine_ls_shell.R_factor_obs                     ? 
_refine_ls_shell.R_factor_R_free                  0.3010 
_refine_ls_shell.R_factor_R_free_error            0.0000 
_refine_ls_shell.R_factor_R_work                  0.2900 
_refine_ls_shell.redundancy_reflns_all            ? 
_refine_ls_shell.redundancy_reflns_obs            ? 
_refine_ls_shell.wR_factor_all                    ? 
_refine_ls_shell.wR_factor_obs                    ? 
_refine_ls_shell.wR_factor_R_free                 ? 
_refine_ls_shell.wR_factor_R_work                 ? 
_refine_ls_shell.pdbx_total_number_of_bins_used   20 
_refine_ls_shell.pdbx_phase_error                 ? 
_refine_ls_shell.pdbx_fsc_work                    ? 
_refine_ls_shell.pdbx_fsc_free                    ? 
# 
_struct.entry_id                     6IL2 
_struct.title                        'K4U complex structure of peptide deformylase from Xanthomonas oryzae pv. oryzae' 
_struct.pdbx_model_details           ? 
_struct.pdbx_formula_weight          ? 
_struct.pdbx_formula_weight_method   ? 
_struct.pdbx_model_type_details      ? 
_struct.pdbx_CASP_flag               N 
# 
_struct_keywords.entry_id        6IL2 
_struct_keywords.text            'peptide deformylase, hydrolase' 
_struct_keywords.pdbx_keywords   HYDROLASE 
# 
loop_
_struct_asym.id 
_struct_asym.pdbx_blank_PDB_chainid_flag 
_struct_asym.pdbx_modified 
_struct_asym.entity_id 
_struct_asym.details 
A N N 1 ? 
B N N 2 ? 
C N N 2 ? 
D N N 2 ? 
E N N 3 ? 
F N N 4 ? 
# 
_struct_ref.id                         1 
_struct_ref.db_name                    UNP 
_struct_ref.db_code                    Q5H3Z2_XANOR 
_struct_ref.pdbx_db_accession          Q5H3Z2 
_struct_ref.pdbx_db_isoform            ? 
_struct_ref.entity_id                  1 
_struct_ref.pdbx_seq_one_letter_code   
;MIRDIIRMGDKRLLRVAPQVTNLGSAELHALVSDMFETMGAAHGVGLAAPQIAVDLQLMVFGFEASERYPEAPAVPLTAL
ANAQIEPLSDEMENGWEGCLSIPGLRAVIPRYRYIRYRGFAPDGSPIEREAEGFHARVVQHEYDHLVGRLYPSRIENFDT
FGFDDVL
;
_struct_ref.pdbx_align_begin           42 
# 
_struct_ref_seq.align_id                      1 
_struct_ref_seq.ref_id                        1 
_struct_ref_seq.pdbx_PDB_id_code              6IL2 
_struct_ref_seq.pdbx_strand_id                A 
_struct_ref_seq.seq_align_beg                 1 
_struct_ref_seq.pdbx_seq_align_beg_ins_code   ? 
_struct_ref_seq.seq_align_end                 167 
_struct_ref_seq.pdbx_seq_align_end_ins_code   ? 
_struct_ref_seq.pdbx_db_accession             Q5H3Z2 
_struct_ref_seq.db_align_beg                  42 
_struct_ref_seq.pdbx_db_align_beg_ins_code    ? 
_struct_ref_seq.db_align_end                  208 
_struct_ref_seq.pdbx_db_align_end_ins_code    ? 
_struct_ref_seq.pdbx_auth_seq_align_beg       1 
_struct_ref_seq.pdbx_auth_seq_align_end       167 
# 
_pdbx_struct_assembly.id                   1 
_pdbx_struct_assembly.details              author_defined_assembly 
_pdbx_struct_assembly.method_details       ? 
_pdbx_struct_assembly.oligomeric_details   monomeric 
_pdbx_struct_assembly.oligomeric_count     1 
# 
loop_
_pdbx_struct_assembly_prop.biol_id 
_pdbx_struct_assembly_prop.type 
_pdbx_struct_assembly_prop.value 
_pdbx_struct_assembly_prop.details 
1 'ABSA (A^2)' 180  ? 
1 MORE         -9   ? 
1 'SSA (A^2)'  8000 ? 
# 
_pdbx_struct_assembly_gen.assembly_id       1 
_pdbx_struct_assembly_gen.oper_expression   1 
_pdbx_struct_assembly_gen.asym_id_list      A,B,C,D,E,F 
# 
_pdbx_struct_assembly_auth_evidence.id                     1 
_pdbx_struct_assembly_auth_evidence.assembly_id            1 
_pdbx_struct_assembly_auth_evidence.experimental_support   none 
_pdbx_struct_assembly_auth_evidence.details                ? 
# 
_pdbx_struct_oper_list.id                   1 
_pdbx_struct_oper_list.type                 'identity operation' 
_pdbx_struct_oper_list.name                 1_555 
_pdbx_struct_oper_list.symmetry_operation   x,y,z 
_pdbx_struct_oper_list.matrix[1][1]         1.0000000000 
_pdbx_struct_oper_list.matrix[1][2]         0.0000000000 
_pdbx_struct_oper_list.matrix[1][3]         0.0000000000 
_pdbx_struct_oper_list.vector[1]            0.0000000000 
_pdbx_struct_oper_list.matrix[2][1]         0.0000000000 
_pdbx_struct_oper_list.matrix[2][2]         1.0000000000 
_pdbx_struct_oper_list.matrix[2][3]         0.0000000000 
_pdbx_struct_oper_list.vector[2]            0.0000000000 
_pdbx_struct_oper_list.matrix[3][1]         0.0000000000 
_pdbx_struct_oper_list.matrix[3][2]         0.0000000000 
_pdbx_struct_oper_list.matrix[3][3]         1.0000000000 
_pdbx_struct_oper_list.vector[3]            0.0000000000 
# 
loop_
_struct_conf.conf_type_id 
_struct_conf.id 
_struct_conf.pdbx_PDB_helix_id 
_struct_conf.beg_label_comp_id 
_struct_conf.beg_label_asym_id 
_struct_conf.beg_label_seq_id 
_struct_conf.pdbx_beg_PDB_ins_code 
_struct_conf.end_label_comp_id 
_struct_conf.end_label_asym_id 
_struct_conf.end_label_seq_id 
_struct_conf.pdbx_end_PDB_ins_code 
_struct_conf.beg_auth_comp_id 
_struct_conf.beg_auth_asym_id 
_struct_conf.beg_auth_seq_id 
_struct_conf.end_auth_comp_id 
_struct_conf.end_auth_asym_id 
_struct_conf.end_auth_seq_id 
_struct_conf.pdbx_PDB_helix_class 
_struct_conf.details 
_struct_conf.pdbx_PDB_helix_length 
HELX_P HELX_P1 AA1 ASP A 10  ? ARG A 15  ? ASP A 10  ARG A 15  5 ? 6  
HELX_P HELX_P2 AA2 SER A 25  ? ALA A 42  ? SER A 25  ALA A 42  1 ? 18 
HELX_P HELX_P3 AA3 PRO A 50  ? ALA A 53  ? PRO A 50  ALA A 53  5 ? 4  
HELX_P HELX_P4 AA4 GLY A 133 ? VAL A 147 ? GLY A 133 VAL A 147 1 ? 15 
HELX_P HELX_P5 AA5 LEU A 150 ? ILE A 155 ? LEU A 150 ILE A 155 5 ? 6  
HELX_P HELX_P6 AA6 ASN A 157 ? PHE A 161 ? ASN A 157 PHE A 161 5 ? 5  
# 
_struct_conf_type.id          HELX_P 
_struct_conf_type.criteria    ? 
_struct_conf_type.reference   ? 
# 
loop_
_struct_conn.id 
_struct_conn.conn_type_id 
_struct_conn.pdbx_leaving_atom_flag 
_struct_conn.pdbx_PDB_id 
_struct_conn.ptnr1_label_asym_id 
_struct_conn.ptnr1_label_comp_id 
_struct_conn.ptnr1_label_seq_id 
_struct_conn.ptnr1_label_atom_id 
_struct_conn.pdbx_ptnr1_label_alt_id 
_struct_conn.pdbx_ptnr1_PDB_ins_code 
_struct_conn.pdbx_ptnr1_standard_comp_id 
_struct_conn.ptnr1_symmetry 
_struct_conn.ptnr2_label_asym_id 
_struct_conn.ptnr2_label_comp_id 
_struct_conn.ptnr2_label_seq_id 
_struct_conn.ptnr2_label_atom_id 
_struct_conn.pdbx_ptnr2_label_alt_id 
_struct_conn.pdbx_ptnr2_PDB_ins_code 
_struct_conn.ptnr1_auth_asym_id 
_struct_conn.ptnr1_auth_comp_id 
_struct_conn.ptnr1_auth_seq_id 
_struct_conn.ptnr2_auth_asym_id 
_struct_conn.ptnr2_auth_comp_id 
_struct_conn.ptnr2_auth_seq_id 
_struct_conn.ptnr2_symmetry 
_struct_conn.pdbx_ptnr3_label_atom_id 
_struct_conn.pdbx_ptnr3_label_seq_id 
_struct_conn.pdbx_ptnr3_label_comp_id 
_struct_conn.pdbx_ptnr3_label_asym_id 
_struct_conn.pdbx_ptnr3_label_alt_id 
_struct_conn.pdbx_ptnr3_PDB_ins_code 
_struct_conn.details 
_struct_conn.pdbx_dist_value 
_struct_conn.pdbx_value_order 
_struct_conn.pdbx_role 
covale1  covale both ? A GLY 98  C   ? ? ? 1_555 A CSD 99  N  ? ? A GLY 98  A CSD 99  1_555 ? ? ? ? ? ? ? 1.313 ? ? 
covale2  covale both ? A CSD 99  C   ? ? ? 1_555 A LEU 100 N  ? ? A CSD 99  A LEU 100 1_555 ? ? ? ? ? ? ? 1.328 ? ? 
metalc1  metalc ?    ? A GLU 37  OE2 ? ? ? 1_555 D CD  .   CD ? ? A GLU 37  A CD  203 8_445 ? ? ? ? ? ? ? 2.540 ? ? 
metalc2  metalc ?    ? A HIS 43  NE2 ? ? ? 1_555 C CD  .   CD ? ? A HIS 43  A CD  202 8_445 ? ? ? ? ? ? ? 2.283 ? ? 
metalc3  metalc ?    ? A CSD 99  SG  ? ? ? 1_555 B CD  .   CD ? ? A CSD 99  A CD  201 1_555 ? ? ? ? ? ? ? 2.574 ? ? 
metalc4  metalc ?    ? A GLU 128 OE1 ? ? ? 1_555 C CD  .   CD ? ? A GLU 128 A CD  202 1_555 ? ? ? ? ? ? ? 2.041 ? ? 
metalc5  metalc ?    ? A GLU 130 OE1 ? ? ? 1_555 C CD  .   CD ? ? A GLU 130 A CD  202 1_555 ? ? ? ? ? ? ? 2.445 ? ? 
metalc6  metalc ?    ? A GLU 130 OE2 ? ? ? 1_555 C CD  .   CD ? ? A GLU 130 A CD  202 1_555 ? ? ? ? ? ? ? 2.606 ? ? 
metalc7  metalc ?    ? A GLU 132 OE1 ? ? ? 1_555 D CD  .   CD ? ? A GLU 132 A CD  203 1_555 ? ? ? ? ? ? ? 2.623 ? ? 
metalc8  metalc ?    ? A GLU 132 OE2 ? ? ? 1_555 D CD  .   CD ? ? A GLU 132 A CD  203 1_555 ? ? ? ? ? ? ? 2.553 ? ? 
metalc9  metalc ?    ? A HIS 141 NE2 ? ? ? 1_555 B CD  .   CD ? ? A HIS 141 A CD  201 1_555 ? ? ? ? ? ? ? 2.371 ? ? 
metalc10 metalc ?    ? A HIS 145 NE2 ? ? ? 1_555 B CD  .   CD ? ? A HIS 145 A CD  201 1_555 ? ? ? ? ? ? ? 2.297 ? ? 
metalc11 metalc ?    ? B CD  .   CD  ? ? ? 1_555 E LHY .   N2 ? ? A CD  201 A LHY 204 1_555 ? ? ? ? ? ? ? 2.538 ? ? 
metalc12 metalc ?    ? B CD  .   CD  ? ? ? 1_555 E LHY .   O2 ? ? A CD  201 A LHY 204 1_555 ? ? ? ? ? ? ? 1.942 ? ? 
metalc13 metalc ?    ? D CD  .   CD  ? ? ? 1_555 F HOH .   O  ? ? A CD  203 A HOH 309 8_545 ? ? ? ? ? ? ? 2.459 ? ? 
metalc14 metalc ?    ? D CD  .   CD  ? ? ? 1_555 F HOH .   O  ? ? A CD  203 A HOH 319 8_545 ? ? ? ? ? ? ? 2.567 ? ? 
# 
loop_
_struct_conn_type.id 
_struct_conn_type.criteria 
_struct_conn_type.reference 
covale ? ? 
metalc ? ? 
# 
loop_
_pdbx_struct_conn_angle.id 
_pdbx_struct_conn_angle.ptnr1_label_atom_id 
_pdbx_struct_conn_angle.ptnr1_label_alt_id 
_pdbx_struct_conn_angle.ptnr1_label_asym_id 
_pdbx_struct_conn_angle.ptnr1_label_comp_id 
_pdbx_struct_conn_angle.ptnr1_label_seq_id 
_pdbx_struct_conn_angle.ptnr1_auth_atom_id 
_pdbx_struct_conn_angle.ptnr1_auth_asym_id 
_pdbx_struct_conn_angle.ptnr1_auth_comp_id 
_pdbx_struct_conn_angle.ptnr1_auth_seq_id 
_pdbx_struct_conn_angle.ptnr1_PDB_ins_code 
_pdbx_struct_conn_angle.ptnr1_symmetry 
_pdbx_struct_conn_angle.ptnr2_label_atom_id 
_pdbx_struct_conn_angle.ptnr2_label_alt_id 
_pdbx_struct_conn_angle.ptnr2_label_asym_id 
_pdbx_struct_conn_angle.ptnr2_label_comp_id 
_pdbx_struct_conn_angle.ptnr2_label_seq_id 
_pdbx_struct_conn_angle.ptnr2_auth_atom_id 
_pdbx_struct_conn_angle.ptnr2_auth_asym_id 
_pdbx_struct_conn_angle.ptnr2_auth_comp_id 
_pdbx_struct_conn_angle.ptnr2_auth_seq_id 
_pdbx_struct_conn_angle.ptnr2_PDB_ins_code 
_pdbx_struct_conn_angle.ptnr2_symmetry 
_pdbx_struct_conn_angle.ptnr3_label_atom_id 
_pdbx_struct_conn_angle.ptnr3_label_alt_id 
_pdbx_struct_conn_angle.ptnr3_label_asym_id 
_pdbx_struct_conn_angle.ptnr3_label_comp_id 
_pdbx_struct_conn_angle.ptnr3_label_seq_id 
_pdbx_struct_conn_angle.ptnr3_auth_atom_id 
_pdbx_struct_conn_angle.ptnr3_auth_asym_id 
_pdbx_struct_conn_angle.ptnr3_auth_comp_id 
_pdbx_struct_conn_angle.ptnr3_auth_seq_id 
_pdbx_struct_conn_angle.ptnr3_PDB_ins_code 
_pdbx_struct_conn_angle.ptnr3_symmetry 
_pdbx_struct_conn_angle.value 
_pdbx_struct_conn_angle.value_esd 
1  OE2 ? A GLU 37  ? A GLU 37  ? 1_555 CD ? D CD . ? A CD 203 ? 8_445 OE1 ? A GLU 132 ? A GLU 132 ? 1_555 24.3  ? 
2  OE2 ? A GLU 37  ? A GLU 37  ? 1_555 CD ? D CD . ? A CD 203 ? 8_445 OE2 ? A GLU 132 ? A GLU 132 ? 1_555 26.0  ? 
3  OE1 ? A GLU 132 ? A GLU 132 ? 1_555 CD ? D CD . ? A CD 203 ? 8_445 OE2 ? A GLU 132 ? A GLU 132 ? 1_555 3.1   ? 
4  OE2 ? A GLU 37  ? A GLU 37  ? 1_555 CD ? D CD . ? A CD 203 ? 8_445 O   ? F HOH .   ? A HOH 309 ? 8_545 22.4  ? 
5  OE1 ? A GLU 132 ? A GLU 132 ? 1_555 CD ? D CD . ? A CD 203 ? 8_445 O   ? F HOH .   ? A HOH 309 ? 8_545 3.4   ? 
6  OE2 ? A GLU 132 ? A GLU 132 ? 1_555 CD ? D CD . ? A CD 203 ? 8_445 O   ? F HOH .   ? A HOH 309 ? 8_545 3.7   ? 
7  OE2 ? A GLU 37  ? A GLU 37  ? 1_555 CD ? D CD . ? A CD 203 ? 8_445 O   ? F HOH .   ? A HOH 319 ? 8_545 27.5  ? 
8  OE1 ? A GLU 132 ? A GLU 132 ? 1_555 CD ? D CD . ? A CD 203 ? 8_445 O   ? F HOH .   ? A HOH 319 ? 8_545 7.7   ? 
9  OE2 ? A GLU 132 ? A GLU 132 ? 1_555 CD ? D CD . ? A CD 203 ? 8_445 O   ? F HOH .   ? A HOH 319 ? 8_545 4.8   ? 
10 O   ? F HOH .   ? A HOH 309 ? 8_545 CD ? D CD . ? A CD 203 ? 8_445 O   ? F HOH .   ? A HOH 319 ? 8_545 6.4   ? 
11 NE2 ? A HIS 43  ? A HIS 43  ? 1_555 CD ? C CD . ? A CD 202 ? 8_445 OE1 ? A GLU 128 ? A GLU 128 ? 1_555 55.0  ? 
12 NE2 ? A HIS 43  ? A HIS 43  ? 1_555 CD ? C CD . ? A CD 202 ? 8_445 OE1 ? A GLU 130 ? A GLU 130 ? 1_555 51.2  ? 
13 OE1 ? A GLU 128 ? A GLU 128 ? 1_555 CD ? C CD . ? A CD 202 ? 8_445 OE1 ? A GLU 130 ? A GLU 130 ? 1_555 4.8   ? 
14 NE2 ? A HIS 43  ? A HIS 43  ? 1_555 CD ? C CD . ? A CD 202 ? 8_445 OE2 ? A GLU 130 ? A GLU 130 ? 1_555 52.7  ? 
15 OE1 ? A GLU 128 ? A GLU 128 ? 1_555 CD ? C CD . ? A CD 202 ? 8_445 OE2 ? A GLU 130 ? A GLU 130 ? 1_555 6.8   ? 
16 OE1 ? A GLU 130 ? A GLU 130 ? 1_555 CD ? C CD . ? A CD 202 ? 8_445 OE2 ? A GLU 130 ? A GLU 130 ? 1_555 3.6   ? 
17 SG  ? A CSD 99  ? A CSD 99  ? 1_555 CD ? B CD . ? A CD 201 ? 1_555 NE2 ? A HIS 141 ? A HIS 141 ? 1_555 101.7 ? 
18 SG  ? A CSD 99  ? A CSD 99  ? 1_555 CD ? B CD . ? A CD 201 ? 1_555 NE2 ? A HIS 145 ? A HIS 145 ? 1_555 98.2  ? 
19 NE2 ? A HIS 141 ? A HIS 141 ? 1_555 CD ? B CD . ? A CD 201 ? 1_555 NE2 ? A HIS 145 ? A HIS 145 ? 1_555 110.1 ? 
20 SG  ? A CSD 99  ? A CSD 99  ? 1_555 CD ? B CD . ? A CD 201 ? 1_555 N2  ? E LHY .   ? A LHY 204 ? 1_555 144.8 ? 
21 NE2 ? A HIS 141 ? A HIS 141 ? 1_555 CD ? B CD . ? A CD 201 ? 1_555 N2  ? E LHY .   ? A LHY 204 ? 1_555 78.9  ? 
22 NE2 ? A HIS 145 ? A HIS 145 ? 1_555 CD ? B CD . ? A CD 201 ? 1_555 N2  ? E LHY .   ? A LHY 204 ? 1_555 114.8 ? 
23 SG  ? A CSD 99  ? A CSD 99  ? 1_555 CD ? B CD . ? A CD 201 ? 1_555 O2  ? E LHY .   ? A LHY 204 ? 1_555 164.6 ? 
24 NE2 ? A HIS 141 ? A HIS 141 ? 1_555 CD ? B CD . ? A CD 201 ? 1_555 O2  ? E LHY .   ? A LHY 204 ? 1_555 92.4  ? 
25 NE2 ? A HIS 145 ? A HIS 145 ? 1_555 CD ? B CD . ? A CD 201 ? 1_555 O2  ? E LHY .   ? A LHY 204 ? 1_555 82.5  ? 
26 N2  ? E LHY .   ? A LHY 204 ? 1_555 CD ? B CD . ? A CD 201 ? 1_555 O2  ? E LHY .   ? A LHY 204 ? 1_555 32.5  ? 
# 
loop_
_pdbx_modification_feature.ordinal 
_pdbx_modification_feature.label_comp_id 
_pdbx_modification_feature.label_asym_id 
_pdbx_modification_feature.label_seq_id 
_pdbx_modification_feature.label_alt_id 
_pdbx_modification_feature.modified_residue_label_comp_id 
_pdbx_modification_feature.modified_residue_label_asym_id 
_pdbx_modification_feature.modified_residue_label_seq_id 
_pdbx_modification_feature.modified_residue_label_alt_id 
_pdbx_modification_feature.auth_comp_id 
_pdbx_modification_feature.auth_asym_id 
_pdbx_modification_feature.auth_seq_id 
_pdbx_modification_feature.PDB_ins_code 
_pdbx_modification_feature.symmetry 
_pdbx_modification_feature.modified_residue_auth_comp_id 
_pdbx_modification_feature.modified_residue_auth_asym_id 
_pdbx_modification_feature.modified_residue_auth_seq_id 
_pdbx_modification_feature.modified_residue_PDB_ins_code 
_pdbx_modification_feature.modified_residue_symmetry 
_pdbx_modification_feature.comp_id_linking_atom 
_pdbx_modification_feature.modified_residue_id_linking_atom 
_pdbx_modification_feature.modified_residue_id 
_pdbx_modification_feature.ref_pcm_id 
_pdbx_modification_feature.ref_comp_id 
_pdbx_modification_feature.type 
_pdbx_modification_feature.category 
1 CSD A 99 ? . . . . CSD A 99 ? 1_555 . . . . . . . CYS 1 CSD Oxidation     'Named protein modification' 
2 CSD A 99 ? . . . . CSD A 99 ? 1_555 . . . . . . . CYS 2 CSD Hydroxylation 'Named protein modification' 
# 
loop_
_struct_sheet.id 
_struct_sheet.type 
_struct_sheet.number_strands 
_struct_sheet.details 
AA1 ? 5 ? 
AA2 ? 3 ? 
# 
loop_
_struct_sheet_order.sheet_id 
_struct_sheet_order.range_id_1 
_struct_sheet_order.range_id_2 
_struct_sheet_order.offset 
_struct_sheet_order.sense 
AA1 1 2 ? anti-parallel 
AA1 2 3 ? anti-parallel 
AA1 3 4 ? anti-parallel 
AA1 4 5 ? anti-parallel 
AA2 1 2 ? anti-parallel 
AA2 2 3 ? anti-parallel 
# 
loop_
_struct_sheet_range.sheet_id 
_struct_sheet_range.id 
_struct_sheet_range.beg_label_comp_id 
_struct_sheet_range.beg_label_asym_id 
_struct_sheet_range.beg_label_seq_id 
_struct_sheet_range.pdbx_beg_PDB_ins_code 
_struct_sheet_range.end_label_comp_id 
_struct_sheet_range.end_label_asym_id 
_struct_sheet_range.end_label_seq_id 
_struct_sheet_range.pdbx_end_PDB_ins_code 
_struct_sheet_range.beg_auth_comp_id 
_struct_sheet_range.beg_auth_asym_id 
_struct_sheet_range.beg_auth_seq_id 
_struct_sheet_range.end_auth_comp_id 
_struct_sheet_range.end_auth_asym_id 
_struct_sheet_range.end_auth_seq_id 
AA1 1 GLY A 46  ? ALA A 48  ? GLY A 46  ALA A 48  
AA1 2 LEU A 58  ? PHE A 61  ? LEU A 58  PHE A 61  
AA1 3 THR A 78  ? PRO A 87  ? THR A 78  PRO A 87  
AA1 4 TYR A 114 ? PHE A 120 ? TYR A 114 PHE A 120 
AA1 5 PRO A 126 ? GLU A 132 ? PRO A 126 GLU A 132 
AA2 1 MET A 92  ? GLU A 97  ? MET A 92  GLU A 97  
AA2 2 LEU A 105 ? TYR A 112 ? LEU A 105 TYR A 112 
AA2 3 GLY A 162 ? PHE A 163 ? GLY A 162 PHE A 163 
# 
loop_
_pdbx_struct_sheet_hbond.sheet_id 
_pdbx_struct_sheet_hbond.range_id_1 
_pdbx_struct_sheet_hbond.range_id_2 
_pdbx_struct_sheet_hbond.range_1_label_atom_id 
_pdbx_struct_sheet_hbond.range_1_label_comp_id 
_pdbx_struct_sheet_hbond.range_1_label_asym_id 
_pdbx_struct_sheet_hbond.range_1_label_seq_id 
_pdbx_struct_sheet_hbond.range_1_PDB_ins_code 
_pdbx_struct_sheet_hbond.range_1_auth_atom_id 
_pdbx_struct_sheet_hbond.range_1_auth_comp_id 
_pdbx_struct_sheet_hbond.range_1_auth_asym_id 
_pdbx_struct_sheet_hbond.range_1_auth_seq_id 
_pdbx_struct_sheet_hbond.range_2_label_atom_id 
_pdbx_struct_sheet_hbond.range_2_label_comp_id 
_pdbx_struct_sheet_hbond.range_2_label_asym_id 
_pdbx_struct_sheet_hbond.range_2_label_seq_id 
_pdbx_struct_sheet_hbond.range_2_PDB_ins_code 
_pdbx_struct_sheet_hbond.range_2_auth_atom_id 
_pdbx_struct_sheet_hbond.range_2_auth_comp_id 
_pdbx_struct_sheet_hbond.range_2_auth_asym_id 
_pdbx_struct_sheet_hbond.range_2_auth_seq_id 
AA1 1 2 N LEU A 47  ? N LEU A 47  O VAL A 60  ? O VAL A 60  
AA1 2 3 N PHE A 61  ? N PHE A 61  O THR A 78  ? O THR A 78  
AA1 3 4 N ALA A 81  ? N ALA A 81  O PHE A 120 ? O PHE A 120 
AA1 4 5 N GLY A 119 ? N GLY A 119 O ILE A 127 ? O ILE A 127 
AA2 1 2 N GLU A 93  ? N GLU A 93  O ARG A 111 ? O ARG A 111 
AA2 2 3 N ARG A 106 ? N ARG A 106 O GLY A 162 ? O GLY A 162 
# 
loop_
_struct_site.id 
_struct_site.pdbx_evidence_code 
_struct_site.pdbx_auth_asym_id 
_struct_site.pdbx_auth_comp_id 
_struct_site.pdbx_auth_seq_id 
_struct_site.pdbx_auth_ins_code 
_struct_site.pdbx_num_residues 
_struct_site.details 
AC1 Software A CD  201 ? 5  'binding site for residue CD A 201'  
AC2 Software A CD  202 ? 3  'binding site for residue CD A 202'  
AC3 Software A CD  203 ? 5  'binding site for residue CD A 203'  
AC4 Software A LHY 204 ? 12 'binding site for residue LHY A 204' 
# 
loop_
_struct_site_gen.id 
_struct_site_gen.site_id 
_struct_site_gen.pdbx_num_res 
_struct_site_gen.label_comp_id 
_struct_site_gen.label_asym_id 
_struct_site_gen.label_seq_id 
_struct_site_gen.pdbx_auth_ins_code 
_struct_site_gen.auth_comp_id 
_struct_site_gen.auth_asym_id 
_struct_site_gen.auth_seq_id 
_struct_site_gen.label_atom_id 
_struct_site_gen.label_alt_id 
_struct_site_gen.symmetry 
_struct_site_gen.details 
1  AC1 5  GLN A 51  ? GLN A 51  . ? 1_555 ? 
2  AC1 5  CSD A 99  ? CSD A 99  . ? 1_555 ? 
3  AC1 5  HIS A 141 ? HIS A 141 . ? 1_555 ? 
4  AC1 5  HIS A 145 ? HIS A 145 . ? 1_555 ? 
5  AC1 5  LHY E .   ? LHY A 204 . ? 1_555 ? 
6  AC2 3  HIS A 43  ? HIS A 43  . ? 8_545 ? 
7  AC2 3  GLU A 128 ? GLU A 128 . ? 1_555 ? 
8  AC2 3  GLU A 130 ? GLU A 130 . ? 1_555 ? 
9  AC3 5  MET A 1   ? MET A 1   . ? 8_545 ? 
10 AC3 5  GLU A 37  ? GLU A 37  . ? 8_545 ? 
11 AC3 5  GLU A 132 ? GLU A 132 . ? 1_555 ? 
12 AC3 5  HOH F .   ? HOH A 309 . ? 8_545 ? 
13 AC3 5  HOH F .   ? HOH A 319 . ? 8_545 ? 
14 AC4 12 GLY A 44  ? GLY A 44  . ? 1_555 ? 
15 AC4 12 VAL A 45  ? VAL A 45  . ? 1_555 ? 
16 AC4 12 GLY A 46  ? GLY A 46  . ? 1_555 ? 
17 AC4 12 GLN A 51  ? GLN A 51  . ? 1_555 ? 
18 AC4 12 TRP A 96  ? TRP A 96  . ? 1_555 ? 
19 AC4 12 GLY A 98  ? GLY A 98  . ? 1_555 ? 
20 AC4 12 CSD A 99  ? CSD A 99  . ? 1_555 ? 
21 AC4 12 LEU A 100 ? LEU A 100 . ? 1_555 ? 
22 AC4 12 HIS A 141 ? HIS A 141 . ? 1_555 ? 
23 AC4 12 GLU A 142 ? GLU A 142 . ? 1_555 ? 
24 AC4 12 HIS A 145 ? HIS A 145 . ? 1_555 ? 
25 AC4 12 CD  B .   ? CD  A 201 . ? 1_555 ? 
# 
_pdbx_entry_details.entry_id                   6IL2 
_pdbx_entry_details.compound_details           ? 
_pdbx_entry_details.source_details             ? 
_pdbx_entry_details.nonpolymer_details         ? 
_pdbx_entry_details.sequence_details           ? 
_pdbx_entry_details.has_ligand_of_interest     ? 
_pdbx_entry_details.has_protein_modification   Y 
# 
_pdbx_validate_close_contact.id               1 
_pdbx_validate_close_contact.PDB_model_num    1 
_pdbx_validate_close_contact.auth_atom_id_1   O 
_pdbx_validate_close_contact.auth_asym_id_1   A 
_pdbx_validate_close_contact.auth_comp_id_1   HOH 
_pdbx_validate_close_contact.auth_seq_id_1    303 
_pdbx_validate_close_contact.PDB_ins_code_1   ? 
_pdbx_validate_close_contact.label_alt_id_1   ? 
_pdbx_validate_close_contact.auth_atom_id_2   O 
_pdbx_validate_close_contact.auth_asym_id_2   A 
_pdbx_validate_close_contact.auth_comp_id_2   HOH 
_pdbx_validate_close_contact.auth_seq_id_2    315 
_pdbx_validate_close_contact.PDB_ins_code_2   ? 
_pdbx_validate_close_contact.label_alt_id_2   ? 
_pdbx_validate_close_contact.dist             2.10 
# 
loop_
_pdbx_validate_rmsd_angle.id 
_pdbx_validate_rmsd_angle.PDB_model_num 
_pdbx_validate_rmsd_angle.auth_atom_id_1 
_pdbx_validate_rmsd_angle.auth_asym_id_1 
_pdbx_validate_rmsd_angle.auth_comp_id_1 
_pdbx_validate_rmsd_angle.auth_seq_id_1 
_pdbx_validate_rmsd_angle.PDB_ins_code_1 
_pdbx_validate_rmsd_angle.label_alt_id_1 
_pdbx_validate_rmsd_angle.auth_atom_id_2 
_pdbx_validate_rmsd_angle.auth_asym_id_2 
_pdbx_validate_rmsd_angle.auth_comp_id_2 
_pdbx_validate_rmsd_angle.auth_seq_id_2 
_pdbx_validate_rmsd_angle.PDB_ins_code_2 
_pdbx_validate_rmsd_angle.label_alt_id_2 
_pdbx_validate_rmsd_angle.auth_atom_id_3 
_pdbx_validate_rmsd_angle.auth_asym_id_3 
_pdbx_validate_rmsd_angle.auth_comp_id_3 
_pdbx_validate_rmsd_angle.auth_seq_id_3 
_pdbx_validate_rmsd_angle.PDB_ins_code_3 
_pdbx_validate_rmsd_angle.label_alt_id_3 
_pdbx_validate_rmsd_angle.angle_value 
_pdbx_validate_rmsd_angle.angle_target_value 
_pdbx_validate_rmsd_angle.angle_deviation 
_pdbx_validate_rmsd_angle.angle_standard_deviation 
_pdbx_validate_rmsd_angle.linker_flag 
1 1 NE A ARG 3   ? ? CZ A ARG 3   ? ? NH1 A ARG 3   ? ? 123.68 120.30 3.38  0.50 N 
2 1 NE A ARG 113 ? ? CZ A ARG 113 ? ? NH1 A ARG 113 ? ? 123.54 120.30 3.24  0.50 N 
3 1 NE A ARG 113 ? ? CZ A ARG 113 ? ? NH2 A ARG 113 ? ? 116.93 120.30 -3.37 0.50 N 
4 1 NE A ARG 129 ? ? CZ A ARG 129 ? ? NH1 A ARG 129 ? ? 123.89 120.30 3.59  0.50 N 
# 
_pdbx_validate_torsion.id              1 
_pdbx_validate_torsion.PDB_model_num   1 
_pdbx_validate_torsion.auth_comp_id    HIS 
_pdbx_validate_torsion.auth_asym_id    A 
_pdbx_validate_torsion.auth_seq_id     43 
_pdbx_validate_torsion.PDB_ins_code    ? 
_pdbx_validate_torsion.label_alt_id    ? 
_pdbx_validate_torsion.phi             72.37 
_pdbx_validate_torsion.psi             30.18 
# 
_pdbx_struct_mod_residue.id               1 
_pdbx_struct_mod_residue.label_asym_id    A 
_pdbx_struct_mod_residue.label_comp_id    CSD 
_pdbx_struct_mod_residue.label_seq_id     99 
_pdbx_struct_mod_residue.auth_asym_id     A 
_pdbx_struct_mod_residue.auth_comp_id     CSD 
_pdbx_struct_mod_residue.auth_seq_id      99 
_pdbx_struct_mod_residue.PDB_ins_code     ? 
_pdbx_struct_mod_residue.parent_comp_id   CYS 
_pdbx_struct_mod_residue.details          'modified residue' 
# 
loop_
_pdbx_unobs_or_zero_occ_residues.id 
_pdbx_unobs_or_zero_occ_residues.PDB_model_num 
_pdbx_unobs_or_zero_occ_residues.polymer_flag 
_pdbx_unobs_or_zero_occ_residues.occupancy_flag 
_pdbx_unobs_or_zero_occ_residues.auth_asym_id 
_pdbx_unobs_or_zero_occ_residues.auth_comp_id 
_pdbx_unobs_or_zero_occ_residues.auth_seq_id 
_pdbx_unobs_or_zero_occ_residues.PDB_ins_code 
_pdbx_unobs_or_zero_occ_residues.label_asym_id 
_pdbx_unobs_or_zero_occ_residues.label_comp_id 
_pdbx_unobs_or_zero_occ_residues.label_seq_id 
1  1 Y 1 A GLU 64 ? A GLU 64 
2  1 Y 1 A ALA 65 ? A ALA 65 
3  1 Y 1 A SER 66 ? A SER 66 
4  1 Y 1 A GLU 67 ? A GLU 67 
5  1 Y 1 A ARG 68 ? A ARG 68 
6  1 Y 1 A TYR 69 ? A TYR 69 
7  1 Y 1 A PRO 70 ? A PRO 70 
8  1 Y 1 A GLU 71 ? A GLU 71 
9  1 Y 1 A ALA 72 ? A ALA 72 
10 1 Y 1 A PRO 73 ? A PRO 73 
# 
loop_
_chem_comp_atom.comp_id 
_chem_comp_atom.atom_id 
_chem_comp_atom.type_symbol 
_chem_comp_atom.pdbx_aromatic_flag 
_chem_comp_atom.pdbx_stereo_config 
_chem_comp_atom.pdbx_ordinal 
ALA N    N  N N 1   
ALA CA   C  N S 2   
ALA C    C  N N 3   
ALA O    O  N N 4   
ALA CB   C  N N 5   
ALA OXT  O  N N 6   
ALA H    H  N N 7   
ALA H2   H  N N 8   
ALA HA   H  N N 9   
ALA HB1  H  N N 10  
ALA HB2  H  N N 11  
ALA HB3  H  N N 12  
ALA HXT  H  N N 13  
ARG N    N  N N 14  
ARG CA   C  N S 15  
ARG C    C  N N 16  
ARG O    O  N N 17  
ARG CB   C  N N 18  
ARG CG   C  N N 19  
ARG CD   C  N N 20  
ARG NE   N  N N 21  
ARG CZ   C  N N 22  
ARG NH1  N  N N 23  
ARG NH2  N  N N 24  
ARG OXT  O  N N 25  
ARG H    H  N N 26  
ARG H2   H  N N 27  
ARG HA   H  N N 28  
ARG HB2  H  N N 29  
ARG HB3  H  N N 30  
ARG HG2  H  N N 31  
ARG HG3  H  N N 32  
ARG HD2  H  N N 33  
ARG HD3  H  N N 34  
ARG HE   H  N N 35  
ARG HH11 H  N N 36  
ARG HH12 H  N N 37  
ARG HH21 H  N N 38  
ARG HH22 H  N N 39  
ARG HXT  H  N N 40  
ASN N    N  N N 41  
ASN CA   C  N S 42  
ASN C    C  N N 43  
ASN O    O  N N 44  
ASN CB   C  N N 45  
ASN CG   C  N N 46  
ASN OD1  O  N N 47  
ASN ND2  N  N N 48  
ASN OXT  O  N N 49  
ASN H    H  N N 50  
ASN H2   H  N N 51  
ASN HA   H  N N 52  
ASN HB2  H  N N 53  
ASN HB3  H  N N 54  
ASN HD21 H  N N 55  
ASN HD22 H  N N 56  
ASN HXT  H  N N 57  
ASP N    N  N N 58  
ASP CA   C  N S 59  
ASP C    C  N N 60  
ASP O    O  N N 61  
ASP CB   C  N N 62  
ASP CG   C  N N 63  
ASP OD1  O  N N 64  
ASP OD2  O  N N 65  
ASP OXT  O  N N 66  
ASP H    H  N N 67  
ASP H2   H  N N 68  
ASP HA   H  N N 69  
ASP HB2  H  N N 70  
ASP HB3  H  N N 71  
ASP HD2  H  N N 72  
ASP HXT  H  N N 73  
CD  CD   CD N N 74  
CSD N    N  N N 75  
CSD CA   C  N R 76  
CSD CB   C  N N 77  
CSD SG   S  N N 78  
CSD C    C  N N 79  
CSD O    O  N N 80  
CSD OXT  O  N N 81  
CSD OD1  O  N N 82  
CSD OD2  O  N N 83  
CSD H    H  N N 84  
CSD H2   H  N N 85  
CSD HA   H  N N 86  
CSD HB2  H  N N 87  
CSD HB3  H  N N 88  
CSD HXT  H  N N 89  
CSD HD2  H  N N 90  
GLN N    N  N N 91  
GLN CA   C  N S 92  
GLN C    C  N N 93  
GLN O    O  N N 94  
GLN CB   C  N N 95  
GLN CG   C  N N 96  
GLN CD   C  N N 97  
GLN OE1  O  N N 98  
GLN NE2  N  N N 99  
GLN OXT  O  N N 100 
GLN H    H  N N 101 
GLN H2   H  N N 102 
GLN HA   H  N N 103 
GLN HB2  H  N N 104 
GLN HB3  H  N N 105 
GLN HG2  H  N N 106 
GLN HG3  H  N N 107 
GLN HE21 H  N N 108 
GLN HE22 H  N N 109 
GLN HXT  H  N N 110 
GLU N    N  N N 111 
GLU CA   C  N S 112 
GLU C    C  N N 113 
GLU O    O  N N 114 
GLU CB   C  N N 115 
GLU CG   C  N N 116 
GLU CD   C  N N 117 
GLU OE1  O  N N 118 
GLU OE2  O  N N 119 
GLU OXT  O  N N 120 
GLU H    H  N N 121 
GLU H2   H  N N 122 
GLU HA   H  N N 123 
GLU HB2  H  N N 124 
GLU HB3  H  N N 125 
GLU HG2  H  N N 126 
GLU HG3  H  N N 127 
GLU HE2  H  N N 128 
GLU HXT  H  N N 129 
GLY N    N  N N 130 
GLY CA   C  N N 131 
GLY C    C  N N 132 
GLY O    O  N N 133 
GLY OXT  O  N N 134 
GLY H    H  N N 135 
GLY H2   H  N N 136 
GLY HA2  H  N N 137 
GLY HA3  H  N N 138 
GLY HXT  H  N N 139 
HIS N    N  N N 140 
HIS CA   C  N S 141 
HIS C    C  N N 142 
HIS O    O  N N 143 
HIS CB   C  N N 144 
HIS CG   C  Y N 145 
HIS ND1  N  Y N 146 
HIS CD2  C  Y N 147 
HIS CE1  C  Y N 148 
HIS NE2  N  Y N 149 
HIS OXT  O  N N 150 
HIS H    H  N N 151 
HIS H2   H  N N 152 
HIS HA   H  N N 153 
HIS HB2  H  N N 154 
HIS HB3  H  N N 155 
HIS HD1  H  N N 156 
HIS HD2  H  N N 157 
HIS HE1  H  N N 158 
HIS HE2  H  N N 159 
HIS HXT  H  N N 160 
HOH O    O  N N 161 
HOH H1   H  N N 162 
HOH H2   H  N N 163 
ILE N    N  N N 164 
ILE CA   C  N S 165 
ILE C    C  N N 166 
ILE O    O  N N 167 
ILE CB   C  N S 168 
ILE CG1  C  N N 169 
ILE CG2  C  N N 170 
ILE CD1  C  N N 171 
ILE OXT  O  N N 172 
ILE H    H  N N 173 
ILE H2   H  N N 174 
ILE HA   H  N N 175 
ILE HB   H  N N 176 
ILE HG12 H  N N 177 
ILE HG13 H  N N 178 
ILE HG21 H  N N 179 
ILE HG22 H  N N 180 
ILE HG23 H  N N 181 
ILE HD11 H  N N 182 
ILE HD12 H  N N 183 
ILE HD13 H  N N 184 
ILE HXT  H  N N 185 
LEU N    N  N N 186 
LEU CA   C  N S 187 
LEU C    C  N N 188 
LEU O    O  N N 189 
LEU CB   C  N N 190 
LEU CG   C  N N 191 
LEU CD1  C  N N 192 
LEU CD2  C  N N 193 
LEU OXT  O  N N 194 
LEU H    H  N N 195 
LEU H2   H  N N 196 
LEU HA   H  N N 197 
LEU HB2  H  N N 198 
LEU HB3  H  N N 199 
LEU HG   H  N N 200 
LEU HD11 H  N N 201 
LEU HD12 H  N N 202 
LEU HD13 H  N N 203 
LEU HD21 H  N N 204 
LEU HD22 H  N N 205 
LEU HD23 H  N N 206 
LEU HXT  H  N N 207 
LHY N    N  N N 208 
LHY CA   C  N S 209 
LHY C    C  N N 210 
LHY O    O  N N 211 
LHY CB   C  N N 212 
LHY CG   C  Y N 213 
LHY CD1  C  Y N 214 
LHY CD2  C  Y N 215 
LHY CE1  C  Y N 216 
LHY CE2  C  Y N 217 
LHY CZ   C  Y N 218 
LHY OXT  O  N N 219 
LHY C1   C  N N 220 
LHY O1   O  N N 221 
LHY N2   N  N N 222 
LHY O2   O  N N 223 
LHY H    H  N N 224 
LHY HA   H  N N 225 
LHY HB1  H  N N 226 
LHY HB2  H  N N 227 
LHY HD1  H  N N 228 
LHY HD2  H  N N 229 
LHY HE1  H  N N 230 
LHY HE2  H  N N 231 
LHY HZ   H  N N 232 
LHY HXT  H  N N 233 
LHY H2N  H  N N 234 
LHY H2O  H  N N 235 
LYS N    N  N N 236 
LYS CA   C  N S 237 
LYS C    C  N N 238 
LYS O    O  N N 239 
LYS CB   C  N N 240 
LYS CG   C  N N 241 
LYS CD   C  N N 242 
LYS CE   C  N N 243 
LYS NZ   N  N N 244 
LYS OXT  O  N N 245 
LYS H    H  N N 246 
LYS H2   H  N N 247 
LYS HA   H  N N 248 
LYS HB2  H  N N 249 
LYS HB3  H  N N 250 
LYS HG2  H  N N 251 
LYS HG3  H  N N 252 
LYS HD2  H  N N 253 
LYS HD3  H  N N 254 
LYS HE2  H  N N 255 
LYS HE3  H  N N 256 
LYS HZ1  H  N N 257 
LYS HZ2  H  N N 258 
LYS HZ3  H  N N 259 
LYS HXT  H  N N 260 
MET N    N  N N 261 
MET CA   C  N S 262 
MET C    C  N N 263 
MET O    O  N N 264 
MET CB   C  N N 265 
MET CG   C  N N 266 
MET SD   S  N N 267 
MET CE   C  N N 268 
MET OXT  O  N N 269 
MET H    H  N N 270 
MET H2   H  N N 271 
MET HA   H  N N 272 
MET HB2  H  N N 273 
MET HB3  H  N N 274 
MET HG2  H  N N 275 
MET HG3  H  N N 276 
MET HE1  H  N N 277 
MET HE2  H  N N 278 
MET HE3  H  N N 279 
MET HXT  H  N N 280 
PHE N    N  N N 281 
PHE CA   C  N S 282 
PHE C    C  N N 283 
PHE O    O  N N 284 
PHE CB   C  N N 285 
PHE CG   C  Y N 286 
PHE CD1  C  Y N 287 
PHE CD2  C  Y N 288 
PHE CE1  C  Y N 289 
PHE CE2  C  Y N 290 
PHE CZ   C  Y N 291 
PHE OXT  O  N N 292 
PHE H    H  N N 293 
PHE H2   H  N N 294 
PHE HA   H  N N 295 
PHE HB2  H  N N 296 
PHE HB3  H  N N 297 
PHE HD1  H  N N 298 
PHE HD2  H  N N 299 
PHE HE1  H  N N 300 
PHE HE2  H  N N 301 
PHE HZ   H  N N 302 
PHE HXT  H  N N 303 
PRO N    N  N N 304 
PRO CA   C  N S 305 
PRO C    C  N N 306 
PRO O    O  N N 307 
PRO CB   C  N N 308 
PRO CG   C  N N 309 
PRO CD   C  N N 310 
PRO OXT  O  N N 311 
PRO H    H  N N 312 
PRO HA   H  N N 313 
PRO HB2  H  N N 314 
PRO HB3  H  N N 315 
PRO HG2  H  N N 316 
PRO HG3  H  N N 317 
PRO HD2  H  N N 318 
PRO HD3  H  N N 319 
PRO HXT  H  N N 320 
SER N    N  N N 321 
SER CA   C  N S 322 
SER C    C  N N 323 
SER O    O  N N 324 
SER CB   C  N N 325 
SER OG   O  N N 326 
SER OXT  O  N N 327 
SER H    H  N N 328 
SER H2   H  N N 329 
SER HA   H  N N 330 
SER HB2  H  N N 331 
SER HB3  H  N N 332 
SER HG   H  N N 333 
SER HXT  H  N N 334 
THR N    N  N N 335 
THR CA   C  N S 336 
THR C    C  N N 337 
THR O    O  N N 338 
THR CB   C  N R 339 
THR OG1  O  N N 340 
THR CG2  C  N N 341 
THR OXT  O  N N 342 
THR H    H  N N 343 
THR H2   H  N N 344 
THR HA   H  N N 345 
THR HB   H  N N 346 
THR HG1  H  N N 347 
THR HG21 H  N N 348 
THR HG22 H  N N 349 
THR HG23 H  N N 350 
THR HXT  H  N N 351 
TRP N    N  N N 352 
TRP CA   C  N S 353 
TRP C    C  N N 354 
TRP O    O  N N 355 
TRP CB   C  N N 356 
TRP CG   C  Y N 357 
TRP CD1  C  Y N 358 
TRP CD2  C  Y N 359 
TRP NE1  N  Y N 360 
TRP CE2  C  Y N 361 
TRP CE3  C  Y N 362 
TRP CZ2  C  Y N 363 
TRP CZ3  C  Y N 364 
TRP CH2  C  Y N 365 
TRP OXT  O  N N 366 
TRP H    H  N N 367 
TRP H2   H  N N 368 
TRP HA   H  N N 369 
TRP HB2  H  N N 370 
TRP HB3  H  N N 371 
TRP HD1  H  N N 372 
TRP HE1  H  N N 373 
TRP HE3  H  N N 374 
TRP HZ2  H  N N 375 
TRP HZ3  H  N N 376 
TRP HH2  H  N N 377 
TRP HXT  H  N N 378 
TYR N    N  N N 379 
TYR CA   C  N S 380 
TYR C    C  N N 381 
TYR O    O  N N 382 
TYR CB   C  N N 383 
TYR CG   C  Y N 384 
TYR CD1  C  Y N 385 
TYR CD2  C  Y N 386 
TYR CE1  C  Y N 387 
TYR CE2  C  Y N 388 
TYR CZ   C  Y N 389 
TYR OH   O  N N 390 
TYR OXT  O  N N 391 
TYR H    H  N N 392 
TYR H2   H  N N 393 
TYR HA   H  N N 394 
TYR HB2  H  N N 395 
TYR HB3  H  N N 396 
TYR HD1  H  N N 397 
TYR HD2  H  N N 398 
TYR HE1  H  N N 399 
TYR HE2  H  N N 400 
TYR HH   H  N N 401 
TYR HXT  H  N N 402 
VAL N    N  N N 403 
VAL CA   C  N S 404 
VAL C    C  N N 405 
VAL O    O  N N 406 
VAL CB   C  N N 407 
VAL CG1  C  N N 408 
VAL CG2  C  N N 409 
VAL OXT  O  N N 410 
VAL H    H  N N 411 
VAL H2   H  N N 412 
VAL HA   H  N N 413 
VAL HB   H  N N 414 
VAL HG11 H  N N 415 
VAL HG12 H  N N 416 
VAL HG13 H  N N 417 
VAL HG21 H  N N 418 
VAL HG22 H  N N 419 
VAL HG23 H  N N 420 
VAL HXT  H  N N 421 
# 
loop_
_chem_comp_bond.comp_id 
_chem_comp_bond.atom_id_1 
_chem_comp_bond.atom_id_2 
_chem_comp_bond.value_order 
_chem_comp_bond.pdbx_aromatic_flag 
_chem_comp_bond.pdbx_stereo_config 
_chem_comp_bond.pdbx_ordinal 
ALA N   CA   sing N N 1   
ALA N   H    sing N N 2   
ALA N   H2   sing N N 3   
ALA CA  C    sing N N 4   
ALA CA  CB   sing N N 5   
ALA CA  HA   sing N N 6   
ALA C   O    doub N N 7   
ALA C   OXT  sing N N 8   
ALA CB  HB1  sing N N 9   
ALA CB  HB2  sing N N 10  
ALA CB  HB3  sing N N 11  
ALA OXT HXT  sing N N 12  
ARG N   CA   sing N N 13  
ARG N   H    sing N N 14  
ARG N   H2   sing N N 15  
ARG CA  C    sing N N 16  
ARG CA  CB   sing N N 17  
ARG CA  HA   sing N N 18  
ARG C   O    doub N N 19  
ARG C   OXT  sing N N 20  
ARG CB  CG   sing N N 21  
ARG CB  HB2  sing N N 22  
ARG CB  HB3  sing N N 23  
ARG CG  CD   sing N N 24  
ARG CG  HG2  sing N N 25  
ARG CG  HG3  sing N N 26  
ARG CD  NE   sing N N 27  
ARG CD  HD2  sing N N 28  
ARG CD  HD3  sing N N 29  
ARG NE  CZ   sing N N 30  
ARG NE  HE   sing N N 31  
ARG CZ  NH1  sing N N 32  
ARG CZ  NH2  doub N N 33  
ARG NH1 HH11 sing N N 34  
ARG NH1 HH12 sing N N 35  
ARG NH2 HH21 sing N N 36  
ARG NH2 HH22 sing N N 37  
ARG OXT HXT  sing N N 38  
ASN N   CA   sing N N 39  
ASN N   H    sing N N 40  
ASN N   H2   sing N N 41  
ASN CA  C    sing N N 42  
ASN CA  CB   sing N N 43  
ASN CA  HA   sing N N 44  
ASN C   O    doub N N 45  
ASN C   OXT  sing N N 46  
ASN CB  CG   sing N N 47  
ASN CB  HB2  sing N N 48  
ASN CB  HB3  sing N N 49  
ASN CG  OD1  doub N N 50  
ASN CG  ND2  sing N N 51  
ASN ND2 HD21 sing N N 52  
ASN ND2 HD22 sing N N 53  
ASN OXT HXT  sing N N 54  
ASP N   CA   sing N N 55  
ASP N   H    sing N N 56  
ASP N   H2   sing N N 57  
ASP CA  C    sing N N 58  
ASP CA  CB   sing N N 59  
ASP CA  HA   sing N N 60  
ASP C   O    doub N N 61  
ASP C   OXT  sing N N 62  
ASP CB  CG   sing N N 63  
ASP CB  HB2  sing N N 64  
ASP CB  HB3  sing N N 65  
ASP CG  OD1  doub N N 66  
ASP CG  OD2  sing N N 67  
ASP OD2 HD2  sing N N 68  
ASP OXT HXT  sing N N 69  
CSD N   CA   sing N N 70  
CSD N   H    sing N N 71  
CSD N   H2   sing N N 72  
CSD CA  CB   sing N N 73  
CSD CA  C    sing N N 74  
CSD CA  HA   sing N N 75  
CSD CB  SG   sing N N 76  
CSD CB  HB2  sing N N 77  
CSD CB  HB3  sing N N 78  
CSD SG  OD1  doub N N 79  
CSD SG  OD2  sing N N 80  
CSD C   O    doub N N 81  
CSD C   OXT  sing N N 82  
CSD OXT HXT  sing N N 83  
CSD OD2 HD2  sing N N 84  
GLN N   CA   sing N N 85  
GLN N   H    sing N N 86  
GLN N   H2   sing N N 87  
GLN CA  C    sing N N 88  
GLN CA  CB   sing N N 89  
GLN CA  HA   sing N N 90  
GLN C   O    doub N N 91  
GLN C   OXT  sing N N 92  
GLN CB  CG   sing N N 93  
GLN CB  HB2  sing N N 94  
GLN CB  HB3  sing N N 95  
GLN CG  CD   sing N N 96  
GLN CG  HG2  sing N N 97  
GLN CG  HG3  sing N N 98  
GLN CD  OE1  doub N N 99  
GLN CD  NE2  sing N N 100 
GLN NE2 HE21 sing N N 101 
GLN NE2 HE22 sing N N 102 
GLN OXT HXT  sing N N 103 
GLU N   CA   sing N N 104 
GLU N   H    sing N N 105 
GLU N   H2   sing N N 106 
GLU CA  C    sing N N 107 
GLU CA  CB   sing N N 108 
GLU CA  HA   sing N N 109 
GLU C   O    doub N N 110 
GLU C   OXT  sing N N 111 
GLU CB  CG   sing N N 112 
GLU CB  HB2  sing N N 113 
GLU CB  HB3  sing N N 114 
GLU CG  CD   sing N N 115 
GLU CG  HG2  sing N N 116 
GLU CG  HG3  sing N N 117 
GLU CD  OE1  doub N N 118 
GLU CD  OE2  sing N N 119 
GLU OE2 HE2  sing N N 120 
GLU OXT HXT  sing N N 121 
GLY N   CA   sing N N 122 
GLY N   H    sing N N 123 
GLY N   H2   sing N N 124 
GLY CA  C    sing N N 125 
GLY CA  HA2  sing N N 126 
GLY CA  HA3  sing N N 127 
GLY C   O    doub N N 128 
GLY C   OXT  sing N N 129 
GLY OXT HXT  sing N N 130 
HIS N   CA   sing N N 131 
HIS N   H    sing N N 132 
HIS N   H2   sing N N 133 
HIS CA  C    sing N N 134 
HIS CA  CB   sing N N 135 
HIS CA  HA   sing N N 136 
HIS C   O    doub N N 137 
HIS C   OXT  sing N N 138 
HIS CB  CG   sing N N 139 
HIS CB  HB2  sing N N 140 
HIS CB  HB3  sing N N 141 
HIS CG  ND1  sing Y N 142 
HIS CG  CD2  doub Y N 143 
HIS ND1 CE1  doub Y N 144 
HIS ND1 HD1  sing N N 145 
HIS CD2 NE2  sing Y N 146 
HIS CD2 HD2  sing N N 147 
HIS CE1 NE2  sing Y N 148 
HIS CE1 HE1  sing N N 149 
HIS NE2 HE2  sing N N 150 
HIS OXT HXT  sing N N 151 
HOH O   H1   sing N N 152 
HOH O   H2   sing N N 153 
ILE N   CA   sing N N 154 
ILE N   H    sing N N 155 
ILE N   H2   sing N N 156 
ILE CA  C    sing N N 157 
ILE CA  CB   sing N N 158 
ILE CA  HA   sing N N 159 
ILE C   O    doub N N 160 
ILE C   OXT  sing N N 161 
ILE CB  CG1  sing N N 162 
ILE CB  CG2  sing N N 163 
ILE CB  HB   sing N N 164 
ILE CG1 CD1  sing N N 165 
ILE CG1 HG12 sing N N 166 
ILE CG1 HG13 sing N N 167 
ILE CG2 HG21 sing N N 168 
ILE CG2 HG22 sing N N 169 
ILE CG2 HG23 sing N N 170 
ILE CD1 HD11 sing N N 171 
ILE CD1 HD12 sing N N 172 
ILE CD1 HD13 sing N N 173 
ILE OXT HXT  sing N N 174 
LEU N   CA   sing N N 175 
LEU N   H    sing N N 176 
LEU N   H2   sing N N 177 
LEU CA  C    sing N N 178 
LEU CA  CB   sing N N 179 
LEU CA  HA   sing N N 180 
LEU C   O    doub N N 181 
LEU C   OXT  sing N N 182 
LEU CB  CG   sing N N 183 
LEU CB  HB2  sing N N 184 
LEU CB  HB3  sing N N 185 
LEU CG  CD1  sing N N 186 
LEU CG  CD2  sing N N 187 
LEU CG  HG   sing N N 188 
LEU CD1 HD11 sing N N 189 
LEU CD1 HD12 sing N N 190 
LEU CD1 HD13 sing N N 191 
LEU CD2 HD21 sing N N 192 
LEU CD2 HD22 sing N N 193 
LEU CD2 HD23 sing N N 194 
LEU OXT HXT  sing N N 195 
LHY N   CA   sing N N 196 
LHY N   C1   sing N N 197 
LHY N   H    sing N N 198 
LHY CA  C    sing N N 199 
LHY CA  CB   sing N N 200 
LHY CA  HA   sing N N 201 
LHY C   O    doub N N 202 
LHY C   OXT  sing N N 203 
LHY CB  CG   sing N N 204 
LHY CB  HB1  sing N N 205 
LHY CB  HB2  sing N N 206 
LHY CG  CD1  doub Y N 207 
LHY CG  CD2  sing Y N 208 
LHY CD1 CE1  sing Y N 209 
LHY CD1 HD1  sing N N 210 
LHY CD2 CE2  doub Y N 211 
LHY CD2 HD2  sing N N 212 
LHY CE1 CZ   doub Y N 213 
LHY CE1 HE1  sing N N 214 
LHY CE2 CZ   sing Y N 215 
LHY CE2 HE2  sing N N 216 
LHY CZ  HZ   sing N N 217 
LHY OXT HXT  sing N N 218 
LHY C1  O1   doub N N 219 
LHY C1  N2   sing N N 220 
LHY N2  O2   sing N N 221 
LHY N2  H2N  sing N N 222 
LHY O2  H2O  sing N N 223 
LYS N   CA   sing N N 224 
LYS N   H    sing N N 225 
LYS N   H2   sing N N 226 
LYS CA  C    sing N N 227 
LYS CA  CB   sing N N 228 
LYS CA  HA   sing N N 229 
LYS C   O    doub N N 230 
LYS C   OXT  sing N N 231 
LYS CB  CG   sing N N 232 
LYS CB  HB2  sing N N 233 
LYS CB  HB3  sing N N 234 
LYS CG  CD   sing N N 235 
LYS CG  HG2  sing N N 236 
LYS CG  HG3  sing N N 237 
LYS CD  CE   sing N N 238 
LYS CD  HD2  sing N N 239 
LYS CD  HD3  sing N N 240 
LYS CE  NZ   sing N N 241 
LYS CE  HE2  sing N N 242 
LYS CE  HE3  sing N N 243 
LYS NZ  HZ1  sing N N 244 
LYS NZ  HZ2  sing N N 245 
LYS NZ  HZ3  sing N N 246 
LYS OXT HXT  sing N N 247 
MET N   CA   sing N N 248 
MET N   H    sing N N 249 
MET N   H2   sing N N 250 
MET CA  C    sing N N 251 
MET CA  CB   sing N N 252 
MET CA  HA   sing N N 253 
MET C   O    doub N N 254 
MET C   OXT  sing N N 255 
MET CB  CG   sing N N 256 
MET CB  HB2  sing N N 257 
MET CB  HB3  sing N N 258 
MET CG  SD   sing N N 259 
MET CG  HG2  sing N N 260 
MET CG  HG3  sing N N 261 
MET SD  CE   sing N N 262 
MET CE  HE1  sing N N 263 
MET CE  HE2  sing N N 264 
MET CE  HE3  sing N N 265 
MET OXT HXT  sing N N 266 
PHE N   CA   sing N N 267 
PHE N   H    sing N N 268 
PHE N   H2   sing N N 269 
PHE CA  C    sing N N 270 
PHE CA  CB   sing N N 271 
PHE CA  HA   sing N N 272 
PHE C   O    doub N N 273 
PHE C   OXT  sing N N 274 
PHE CB  CG   sing N N 275 
PHE CB  HB2  sing N N 276 
PHE CB  HB3  sing N N 277 
PHE CG  CD1  doub Y N 278 
PHE CG  CD2  sing Y N 279 
PHE CD1 CE1  sing Y N 280 
PHE CD1 HD1  sing N N 281 
PHE CD2 CE2  doub Y N 282 
PHE CD2 HD2  sing N N 283 
PHE CE1 CZ   doub Y N 284 
PHE CE1 HE1  sing N N 285 
PHE CE2 CZ   sing Y N 286 
PHE CE2 HE2  sing N N 287 
PHE CZ  HZ   sing N N 288 
PHE OXT HXT  sing N N 289 
PRO N   CA   sing N N 290 
PRO N   CD   sing N N 291 
PRO N   H    sing N N 292 
PRO CA  C    sing N N 293 
PRO CA  CB   sing N N 294 
PRO CA  HA   sing N N 295 
PRO C   O    doub N N 296 
PRO C   OXT  sing N N 297 
PRO CB  CG   sing N N 298 
PRO CB  HB2  sing N N 299 
PRO CB  HB3  sing N N 300 
PRO CG  CD   sing N N 301 
PRO CG  HG2  sing N N 302 
PRO CG  HG3  sing N N 303 
PRO CD  HD2  sing N N 304 
PRO CD  HD3  sing N N 305 
PRO OXT HXT  sing N N 306 
SER N   CA   sing N N 307 
SER N   H    sing N N 308 
SER N   H2   sing N N 309 
SER CA  C    sing N N 310 
SER CA  CB   sing N N 311 
SER CA  HA   sing N N 312 
SER C   O    doub N N 313 
SER C   OXT  sing N N 314 
SER CB  OG   sing N N 315 
SER CB  HB2  sing N N 316 
SER CB  HB3  sing N N 317 
SER OG  HG   sing N N 318 
SER OXT HXT  sing N N 319 
THR N   CA   sing N N 320 
THR N   H    sing N N 321 
THR N   H2   sing N N 322 
THR CA  C    sing N N 323 
THR CA  CB   sing N N 324 
THR CA  HA   sing N N 325 
THR C   O    doub N N 326 
THR C   OXT  sing N N 327 
THR CB  OG1  sing N N 328 
THR CB  CG2  sing N N 329 
THR CB  HB   sing N N 330 
THR OG1 HG1  sing N N 331 
THR CG2 HG21 sing N N 332 
THR CG2 HG22 sing N N 333 
THR CG2 HG23 sing N N 334 
THR OXT HXT  sing N N 335 
TRP N   CA   sing N N 336 
TRP N   H    sing N N 337 
TRP N   H2   sing N N 338 
TRP CA  C    sing N N 339 
TRP CA  CB   sing N N 340 
TRP CA  HA   sing N N 341 
TRP C   O    doub N N 342 
TRP C   OXT  sing N N 343 
TRP CB  CG   sing N N 344 
TRP CB  HB2  sing N N 345 
TRP CB  HB3  sing N N 346 
TRP CG  CD1  doub Y N 347 
TRP CG  CD2  sing Y N 348 
TRP CD1 NE1  sing Y N 349 
TRP CD1 HD1  sing N N 350 
TRP CD2 CE2  doub Y N 351 
TRP CD2 CE3  sing Y N 352 
TRP NE1 CE2  sing Y N 353 
TRP NE1 HE1  sing N N 354 
TRP CE2 CZ2  sing Y N 355 
TRP CE3 CZ3  doub Y N 356 
TRP CE3 HE3  sing N N 357 
TRP CZ2 CH2  doub Y N 358 
TRP CZ2 HZ2  sing N N 359 
TRP CZ3 CH2  sing Y N 360 
TRP CZ3 HZ3  sing N N 361 
TRP CH2 HH2  sing N N 362 
TRP OXT HXT  sing N N 363 
TYR N   CA   sing N N 364 
TYR N   H    sing N N 365 
TYR N   H2   sing N N 366 
TYR CA  C    sing N N 367 
TYR CA  CB   sing N N 368 
TYR CA  HA   sing N N 369 
TYR C   O    doub N N 370 
TYR C   OXT  sing N N 371 
TYR CB  CG   sing N N 372 
TYR CB  HB2  sing N N 373 
TYR CB  HB3  sing N N 374 
TYR CG  CD1  doub Y N 375 
TYR CG  CD2  sing Y N 376 
TYR CD1 CE1  sing Y N 377 
TYR CD1 HD1  sing N N 378 
TYR CD2 CE2  doub Y N 379 
TYR CD2 HD2  sing N N 380 
TYR CE1 CZ   doub Y N 381 
TYR CE1 HE1  sing N N 382 
TYR CE2 CZ   sing Y N 383 
TYR CE2 HE2  sing N N 384 
TYR CZ  OH   sing N N 385 
TYR OH  HH   sing N N 386 
TYR OXT HXT  sing N N 387 
VAL N   CA   sing N N 388 
VAL N   H    sing N N 389 
VAL N   H2   sing N N 390 
VAL CA  C    sing N N 391 
VAL CA  CB   sing N N 392 
VAL CA  HA   sing N N 393 
VAL C   O    doub N N 394 
VAL C   OXT  sing N N 395 
VAL CB  CG1  sing N N 396 
VAL CB  CG2  sing N N 397 
VAL CB  HB   sing N N 398 
VAL CG1 HG11 sing N N 399 
VAL CG1 HG12 sing N N 400 
VAL CG1 HG13 sing N N 401 
VAL CG2 HG21 sing N N 402 
VAL CG2 HG22 sing N N 403 
VAL CG2 HG23 sing N N 404 
VAL OXT HXT  sing N N 405 
# 
_pdbx_initial_refinement_model.id               1 
_pdbx_initial_refinement_model.entity_id_list   ? 
_pdbx_initial_refinement_model.type             'experimental model' 
_pdbx_initial_refinement_model.source_name      PDB 
_pdbx_initial_refinement_model.accession_code   5E5D 
_pdbx_initial_refinement_model.details          ? 
# 
_atom_sites.entry_id                    6IL2 
_atom_sites.fract_transf_matrix[1][1]   -0.01792489 
_atom_sites.fract_transf_matrix[1][2]   0.00570562 
_atom_sites.fract_transf_matrix[1][3]   -0.00594474 
_atom_sites.fract_transf_matrix[2][1]   -0.00212444 
_atom_sites.fract_transf_matrix[2][2]   0.00962895 
_atom_sites.fract_transf_matrix[2][3]   -0.01708696 
_atom_sites.fract_transf_matrix[3][1]   -0.00044853 
_atom_sites.fract_transf_matrix[3][2]   -0.00327236 
_atom_sites.fract_transf_matrix[3][3]   -0.00178830 
_atom_sites.fract_transf_vector[1]      -0.037519 
_atom_sites.fract_transf_vector[2]      -0.341004 
_atom_sites.fract_transf_vector[3]      0.018552 
# 
loop_
_atom_type.symbol 
C  
CD 
N  
O  
S  
# 
loop_
_atom_site.group_PDB 
_atom_site.id 
_atom_site.type_symbol 
_atom_site.label_atom_id 
_atom_site.label_alt_id 
_atom_site.label_comp_id 
_atom_site.label_asym_id 
_atom_site.label_entity_id 
_atom_site.label_seq_id 
_atom_site.pdbx_PDB_ins_code 
_atom_site.Cartn_x 
_atom_site.Cartn_y 
_atom_site.Cartn_z 
_atom_site.occupancy 
_atom_site.B_iso_or_equiv 
_atom_site.pdbx_formal_charge 
_atom_site.auth_seq_id 
_atom_site.auth_comp_id 
_atom_site.auth_asym_id 
_atom_site.auth_atom_id 
_atom_site.pdbx_PDB_model_num 
ATOM   1    N  N   . MET A 1 1   ? 16.718  -9.605  -2.799  1.00 61.20 ? 1   MET A N   1 
ATOM   2    C  CA  . MET A 1 1   ? 16.661  -9.289  -4.275  1.00 58.63 ? 1   MET A CA  1 
ATOM   3    C  C   . MET A 1 1   ? 15.725  -8.074  -4.515  1.00 51.44 ? 1   MET A C   1 
ATOM   4    O  O   . MET A 1 1   ? 14.521  -8.122  -4.280  1.00 50.33 ? 1   MET A O   1 
ATOM   5    C  CB  . MET A 1 1   ? 16.238  -10.545 -5.040  1.00 57.82 ? 1   MET A CB  1 
ATOM   6    C  CG  . MET A 1 1   ? 16.192  -10.482 -6.552  1.00 68.40 ? 1   MET A CG  1 
ATOM   7    S  SD  . MET A 1 1   ? 15.461  -12.057 -7.139  1.00 91.53 ? 1   MET A SD  1 
ATOM   8    C  CE  . MET A 1 1   ? 14.320  -11.580 -8.453  1.00 81.73 ? 1   MET A CE  1 
ATOM   9    N  N   . ILE A 1 2   ? 16.303  -6.952  -4.906  1.00 46.34 ? 2   ILE A N   1 
ATOM   10   C  CA  . ILE A 1 2   ? 15.505  -5.791  -5.288  1.00 43.65 ? 2   ILE A CA  1 
ATOM   11   C  C   . ILE A 1 2   ? 14.760  -6.103  -6.569  1.00 38.20 ? 2   ILE A C   1 
ATOM   12   O  O   . ILE A 1 2   ? 15.320  -6.667  -7.449  1.00 40.32 ? 2   ILE A O   1 
ATOM   13   C  CB  . ILE A 1 2   ? 16.360  -4.503  -5.385  1.00 44.94 ? 2   ILE A CB  1 
ATOM   14   C  CG1 . ILE A 1 2   ? 16.685  -4.050  -3.940  1.00 46.72 ? 2   ILE A CG1 1 
ATOM   15   C  CG2 . ILE A 1 2   ? 15.615  -3.395  -6.146  1.00 43.76 ? 2   ILE A CG2 1 
ATOM   16   C  CD1 . ILE A 1 2   ? 17.877  -3.109  -3.769  1.00 49.76 ? 2   ILE A CD1 1 
ATOM   17   N  N   . ARG A 1 3   ? 13.474  -5.773  -6.619  1.00 38.43 ? 3   ARG A N   1 
ATOM   18   C  CA  . ARG A 1 3   ? 12.610  -5.971  -7.805  1.00 35.84 ? 3   ARG A CA  1 
ATOM   19   C  C   . ARG A 1 3   ? 12.315  -4.632  -8.510  1.00 33.86 ? 3   ARG A C   1 
ATOM   20   O  O   . ARG A 1 3   ? 12.399  -3.538  -7.906  1.00 31.18 ? 3   ARG A O   1 
ATOM   21   C  CB  . ARG A 1 3   ? 11.276  -6.560  -7.387  1.00 37.02 ? 3   ARG A CB  1 
ATOM   22   C  CG  . ARG A 1 3   ? 11.375  -7.802  -6.526  1.00 38.42 ? 3   ARG A CG  1 
ATOM   23   C  CD  . ARG A 1 3   ? 11.940  -8.961  -7.324  1.00 41.64 ? 3   ARG A CD  1 
ATOM   24   N  NE  . ARG A 1 3   ? 11.471  -10.197 -6.726  1.00 47.69 ? 3   ARG A NE  1 
ATOM   25   C  CZ  . ARG A 1 3   ? 10.353  -10.846 -7.047  1.00 48.55 ? 3   ARG A CZ  1 
ATOM   26   N  NH1 . ARG A 1 3   ? 9.519   -10.458 -8.038  1.00 54.22 ? 3   ARG A NH1 1 
ATOM   27   N  NH2 . ARG A 1 3   ? 10.072  -11.929 -6.373  1.00 54.91 ? 3   ARG A NH2 1 
ATOM   28   N  N   . ASP A 1 4   ? 11.950  -4.736  -9.775  1.00 33.31 ? 4   ASP A N   1 
ATOM   29   C  CA  . ASP A 1 4   ? 11.589  -3.576  -10.588 1.00 35.97 ? 4   ASP A CA  1 
ATOM   30   C  C   . ASP A 1 4   ? 10.225  -3.145  -10.132 1.00 32.70 ? 4   ASP A C   1 
ATOM   31   O  O   . ASP A 1 4   ? 9.304   -3.940  -10.166 1.00 32.53 ? 4   ASP A O   1 
ATOM   32   C  CB  . ASP A 1 4   ? 11.484  -3.944  -12.098 1.00 39.08 ? 4   ASP A CB  1 
ATOM   33   C  CG  . ASP A 1 4   ? 12.823  -3.965  -12.807 1.00 51.29 ? 4   ASP A CG  1 
ATOM   34   O  OD1 . ASP A 1 4   ? 13.767  -3.224  -12.418 1.00 53.25 ? 4   ASP A OD1 1 
ATOM   35   O  OD2 . ASP A 1 4   ? 12.927  -4.732  -13.789 1.00 63.30 ? 4   ASP A OD2 1 
ATOM   36   N  N   . ILE A 1 5   ? 10.061  -1.897  -9.749  1.00 31.63 ? 5   ILE A N   1 
ATOM   37   C  CA  . ILE A 1 5   ? 8.726   -1.361  -9.506  1.00 31.99 ? 5   ILE A CA  1 
ATOM   38   C  C   . ILE A 1 5   ? 8.137   -0.953  -10.840 1.00 29.42 ? 5   ILE A C   1 
ATOM   39   O  O   . ILE A 1 5   ? 8.774   -0.263  -11.573 1.00 28.56 ? 5   ILE A O   1 
ATOM   40   C  CB  . ILE A 1 5   ? 8.812   -0.185  -8.549  1.00 33.56 ? 5   ILE A CB  1 
ATOM   41   C  CG1 . ILE A 1 5   ? 9.264   -0.711  -7.190  1.00 33.17 ? 5   ILE A CG1 1 
ATOM   42   C  CG2 . ILE A 1 5   ? 7.473   0.525   -8.444  1.00 35.70 ? 5   ILE A CG2 1 
ATOM   43   C  CD1 . ILE A 1 5   ? 9.655   0.358   -6.227  1.00 35.38 ? 5   ILE A CD1 1 
ATOM   44   N  N   . ILE A 1 6   ? 6.937   -1.419  -11.162 1.00 29.58 ? 6   ILE A N   1 
ATOM   45   C  CA  . ILE A 1 6   ? 6.241   -0.978  -12.375 1.00 31.37 ? 6   ILE A CA  1 
ATOM   46   C  C   . ILE A 1 6   ? 5.500   0.405   -12.208 1.00 31.51 ? 6   ILE A C   1 
ATOM   47   O  O   . ILE A 1 6   ? 5.031   0.770   -11.132 1.00 30.90 ? 6   ILE A O   1 
ATOM   48   C  CB  . ILE A 1 6   ? 5.320   -2.070  -13.007 1.00 28.86 ? 6   ILE A CB  1 
ATOM   49   C  CG1 . ILE A 1 6   ? 4.048   -2.294  -12.191 1.00 29.03 ? 6   ILE A CG1 1 
ATOM   50   C  CG2 . ILE A 1 6   ? 6.107   -3.347  -13.307 1.00 29.88 ? 6   ILE A CG2 1 
ATOM   51   C  CD1 . ILE A 1 6   ? 3.256   -3.532  -12.601 1.00 29.72 ? 6   ILE A CD1 1 
ATOM   52   N  N   . ARG A 1 7   ? 5.371   1.107   -13.326 1.00 29.03 ? 7   ARG A N   1 
ATOM   53   C  CA  . ARG A 1 7   ? 4.895   2.466   -13.350 1.00 31.35 ? 7   ARG A CA  1 
ATOM   54   C  C   . ARG A 1 7   ? 3.475   2.603   -13.887 1.00 30.94 ? 7   ARG A C   1 
ATOM   55   O  O   . ARG A 1 7   ? 2.987   1.762   -14.682 1.00 29.61 ? 7   ARG A O   1 
ATOM   56   C  CB  . ARG A 1 7   ? 5.881   3.300   -14.173 1.00 34.72 ? 7   ARG A CB  1 
ATOM   57   C  CG  . ARG A 1 7   ? 7.018   3.808   -13.296 1.00 39.86 ? 7   ARG A CG  1 
ATOM   58   C  CD  . ARG A 1 7   ? 8.051   4.594   -14.072 1.00 46.21 ? 7   ARG A CD  1 
ATOM   59   N  NE  . ARG A 1 7   ? 8.499   3.829   -15.237 1.00 47.62 ? 7   ARG A NE  1 
ATOM   60   C  CZ  . ARG A 1 7   ? 8.570   4.276   -16.493 1.00 51.73 ? 7   ARG A CZ  1 
ATOM   61   N  NH1 . ARG A 1 7   ? 8.239   5.541   -16.809 1.00 55.37 ? 7   ARG A NH1 1 
ATOM   62   N  NH2 . ARG A 1 7   ? 8.994   3.441   -17.460 1.00 49.75 ? 7   ARG A NH2 1 
ATOM   63   N  N   . MET A 1 8   ? 2.816   3.689   -13.480 1.00 30.65 ? 8   MET A N   1 
ATOM   64   C  CA  . MET A 1 8   ? 1.414   3.936   -13.857 1.00 30.78 ? 8   MET A CA  1 
ATOM   65   C  C   . MET A 1 8   ? 1.298   3.910   -15.344 1.00 30.46 ? 8   MET A C   1 
ATOM   66   O  O   . MET A 1 8   ? 2.195   4.409   -16.076 1.00 27.44 ? 8   MET A O   1 
ATOM   67   C  CB  . MET A 1 8   ? 0.930   5.282   -13.399 1.00 35.11 ? 8   MET A CB  1 
ATOM   68   C  CG  . MET A 1 8   ? -0.579  5.469   -13.603 1.00 34.62 ? 8   MET A CG  1 
ATOM   69   S  SD  . MET A 1 8   ? -1.221  6.823   -12.584 1.00 40.45 ? 8   MET A SD  1 
ATOM   70   C  CE  . MET A 1 8   ? -0.332  8.222   -13.320 1.00 39.33 ? 8   MET A CE  1 
ATOM   71   N  N   . GLY A 1 9   ? 0.219   3.296   -15.795 1.00 29.60 ? 9   GLY A N   1 
ATOM   72   C  CA  . GLY A 1 9   ? 0.083   3.014   -17.207 1.00 35.59 ? 9   GLY A CA  1 
ATOM   73   C  C   . GLY A 1 9   ? 0.110   1.528   -17.496 1.00 35.44 ? 9   GLY A C   1 
ATOM   74   O  O   . GLY A 1 9   ? -0.490  1.114   -18.444 1.00 37.23 ? 9   GLY A O   1 
ATOM   75   N  N   . ASP A 1 10  ? 0.784   0.739   -16.667 1.00 34.05 ? 10  ASP A N   1 
ATOM   76   C  CA  . ASP A 1 10  ? 0.866   -0.705  -16.859 1.00 34.18 ? 10  ASP A CA  1 
ATOM   77   C  C   . ASP A 1 10  ? -0.445  -1.331  -16.375 1.00 33.31 ? 10  ASP A C   1 
ATOM   78   O  O   . ASP A 1 10  ? -0.938  -1.062  -15.268 1.00 33.51 ? 10  ASP A O   1 
ATOM   79   C  CB  . ASP A 1 10  ? 2.081   -1.208  -16.085 1.00 36.21 ? 10  ASP A CB  1 
ATOM   80   C  CG  . ASP A 1 10  ? 2.396   -2.657  -16.323 1.00 36.84 ? 10  ASP A CG  1 
ATOM   81   O  OD1 . ASP A 1 10  ? 1.505   -3.533  -16.236 1.00 36.98 ? 10  ASP A OD1 1 
ATOM   82   O  OD2 . ASP A 1 10  ? 3.590   -2.927  -16.520 1.00 41.16 ? 10  ASP A OD2 1 
ATOM   83   N  N   . LYS A 1 11  ? -1.028  -2.166  -17.210 1.00 34.13 ? 11  LYS A N   1 
ATOM   84   C  CA  . LYS A 1 11  ? -2.293  -2.849  -16.845 1.00 40.23 ? 11  LYS A CA  1 
ATOM   85   C  C   . LYS A 1 11  ? -2.205  -3.709  -15.564 1.00 36.19 ? 11  LYS A C   1 
ATOM   86   O  O   . LYS A 1 11  ? -3.214  -3.936  -14.880 1.00 34.82 ? 11  LYS A O   1 
ATOM   87   C  CB  . LYS A 1 11  ? -2.805  -3.703  -18.016 1.00 43.71 ? 11  LYS A CB  1 
ATOM   88   C  CG  . LYS A 1 11  ? -3.222  -2.892  -19.242 1.00 49.60 ? 11  LYS A CG  1 
ATOM   89   C  CD  . LYS A 1 11  ? -2.831  -3.622  -20.546 1.00 61.28 ? 11  LYS A CD  1 
ATOM   90   C  CE  . LYS A 1 11  ? -2.800  -2.687  -21.771 1.00 65.82 ? 11  LYS A CE  1 
ATOM   91   N  NZ  . LYS A 1 11  ? -4.185  -2.229  -22.115 1.00 67.91 ? 11  LYS A NZ  1 
ATOM   92   N  N   . ARG A 1 12  ? -1.014  -4.157  -15.206 1.00 32.88 ? 12  ARG A N   1 
ATOM   93   C  CA  . ARG A 1 12  ? -0.912  -4.972  -14.017 1.00 33.30 ? 12  ARG A CA  1 
ATOM   94   C  C   . ARG A 1 12  ? -1.235  -4.234  -12.710 1.00 34.46 ? 12  ARG A C   1 
ATOM   95   O  O   . ARG A 1 12  ? -1.623  -4.855  -11.725 1.00 36.53 ? 12  ARG A O   1 
ATOM   96   C  CB  . ARG A 1 12  ? 0.420   -5.652  -13.997 1.00 33.35 ? 12  ARG A CB  1 
ATOM   97   C  CG  . ARG A 1 12  ? 0.477   -6.710  -15.106 1.00 36.52 ? 12  ARG A CG  1 
ATOM   98   C  CD  . ARG A 1 12  ? 1.876   -7.250  -15.329 1.00 35.54 ? 12  ARG A CD  1 
ATOM   99   N  NE  . ARG A 1 12  ? 2.814   -6.203  -15.732 1.00 32.35 ? 12  ARG A NE  1 
ATOM   100  C  CZ  . ARG A 1 12  ? 4.097   -6.403  -15.978 1.00 32.64 ? 12  ARG A CZ  1 
ATOM   101  N  NH1 . ARG A 1 12  ? 4.618   -7.608  -15.875 1.00 37.47 ? 12  ARG A NH1 1 
ATOM   102  N  NH2 . ARG A 1 12  ? 4.875   -5.398  -16.306 1.00 32.66 ? 12  ARG A NH2 1 
ATOM   103  N  N   . LEU A 1 13  ? -1.136  -2.916  -12.696 1.00 32.92 ? 13  LEU A N   1 
ATOM   104  C  CA  . LEU A 1 13  ? -1.611  -2.151  -11.551 1.00 29.78 ? 13  LEU A CA  1 
ATOM   105  C  C   . LEU A 1 13  ? -3.108  -1.967  -11.539 1.00 31.88 ? 13  LEU A C   1 
ATOM   106  O  O   . LEU A 1 13  ? -3.675  -1.388  -10.592 1.00 33.17 ? 13  LEU A O   1 
ATOM   107  C  CB  . LEU A 1 13  ? -0.998  -0.785  -11.577 1.00 32.88 ? 13  LEU A CB  1 
ATOM   108  C  CG  . LEU A 1 13  ? 0.486   -0.785  -11.344 1.00 33.79 ? 13  LEU A CG  1 
ATOM   109  C  CD1 . LEU A 1 13  ? 0.935   0.582   -11.800 1.00 38.29 ? 13  LEU A CD1 1 
ATOM   110  C  CD2 . LEU A 1 13  ? 0.800   -0.981  -9.865  1.00 33.86 ? 13  LEU A CD2 1 
ATOM   111  N  N   . LEU A 1 14  ? -3.791  -2.455  -12.563 1.00 33.72 ? 14  LEU A N   1 
ATOM   112  C  CA  . LEU A 1 14  ? -5.222  -2.252  -12.629 1.00 35.81 ? 14  LEU A CA  1 
ATOM   113  C  C   . LEU A 1 14  ? -6.034  -3.455  -12.275 1.00 36.27 ? 14  LEU A C   1 
ATOM   114  O  O   . LEU A 1 14  ? -7.243  -3.342  -12.255 1.00 42.90 ? 14  LEU A O   1 
ATOM   115  C  CB  . LEU A 1 14  ? -5.621  -1.664  -13.996 1.00 37.68 ? 14  LEU A CB  1 
ATOM   116  C  CG  . LEU A 1 14  ? -4.887  -0.323  -14.324 1.00 39.60 ? 14  LEU A CG  1 
ATOM   117  C  CD1 . LEU A 1 14  ? -5.090  0.034   -15.795 1.00 37.16 ? 14  LEU A CD1 1 
ATOM   118  C  CD2 . LEU A 1 14  ? -5.252  0.836   -13.381 1.00 36.05 ? 14  LEU A CD2 1 
ATOM   119  N  N   . ARG A 1 15  ? -5.396  -4.567  -11.922 1.00 39.69 ? 15  ARG A N   1 
ATOM   120  C  CA  . ARG A 1 15  ? -6.097  -5.861  -11.673 1.00 40.78 ? 15  ARG A CA  1 
ATOM   121  C  C   . ARG A 1 15  ? -6.613  -5.900  -10.268 1.00 35.34 ? 15  ARG A C   1 
ATOM   122  O  O   . ARG A 1 15  ? -6.210  -5.102  -9.436  1.00 37.10 ? 15  ARG A O   1 
ATOM   123  C  CB  . ARG A 1 15  ? -5.144  -7.049  -11.819 1.00 40.63 ? 15  ARG A CB  1 
ATOM   124  C  CG  . ARG A 1 15  ? -4.593  -7.197  -13.211 1.00 46.73 ? 15  ARG A CG  1 
ATOM   125  C  CD  . ARG A 1 15  ? -3.675  -8.424  -13.318 1.00 53.27 ? 15  ARG A CD  1 
ATOM   126  N  NE  . ARG A 1 15  ? -2.436  -8.239  -12.561 1.00 51.96 ? 15  ARG A NE  1 
ATOM   127  C  CZ  . ARG A 1 15  ? -1.286  -8.886  -12.768 1.00 51.17 ? 15  ARG A CZ  1 
ATOM   128  N  NH1 . ARG A 1 15  ? -1.175  -9.781  -13.744 1.00 51.59 ? 15  ARG A NH1 1 
ATOM   129  N  NH2 . ARG A 1 15  ? -0.218  -8.615  -11.994 1.00 51.01 ? 15  ARG A NH2 1 
ATOM   130  N  N   . VAL A 1 16  ? -7.496  -6.843  -9.992  1.00 33.33 ? 16  VAL A N   1 
ATOM   131  C  CA  . VAL A 1 16  ? -7.830  -7.136  -8.615  1.00 33.34 ? 16  VAL A CA  1 
ATOM   132  C  C   . VAL A 1 16  ? -7.143  -8.460  -8.269  1.00 31.20 ? 16  VAL A C   1 
ATOM   133  O  O   . VAL A 1 16  ? -7.249  -9.452  -8.951  1.00 30.97 ? 16  VAL A O   1 
ATOM   134  C  CB  . VAL A 1 16  ? -9.318  -6.962  -8.259  1.00 35.12 ? 16  VAL A CB  1 
ATOM   135  C  CG1 . VAL A 1 16  ? -10.204 -6.847  -9.477  1.00 39.90 ? 16  VAL A CG1 1 
ATOM   136  C  CG2 . VAL A 1 16  ? -9.824  -8.039  -7.304  1.00 34.73 ? 16  VAL A CG2 1 
ATOM   137  N  N   . ALA A 1 17  ? -6.354  -8.406  -7.219  1.00 29.44 ? 17  ALA A N   1 
ATOM   138  C  CA  . ALA A 1 17  ? -5.466  -9.481  -6.870  1.00 31.44 ? 17  ALA A CA  1 
ATOM   139  C  C   . ALA A 1 17  ? -6.144  -10.683 -6.162  1.00 28.49 ? 17  ALA A C   1 
ATOM   140  O  O   . ALA A 1 17  ? -6.987  -10.491 -5.247  1.00 24.86 ? 17  ALA A O   1 
ATOM   141  C  CB  . ALA A 1 17  ? -4.374  -8.917  -5.986  1.00 34.33 ? 17  ALA A CB  1 
ATOM   142  N  N   . PRO A 1 18  ? -5.777  -11.933 -6.563  1.00 27.84 ? 18  PRO A N   1 
ATOM   143  C  CA  . PRO A 1 18  ? -6.238  -13.132 -5.828  1.00 28.91 ? 18  PRO A CA  1 
ATOM   144  C  C   . PRO A 1 18  ? -5.575  -13.251 -4.450  1.00 31.34 ? 18  PRO A C   1 
ATOM   145  O  O   . PRO A 1 18  ? -4.578  -12.579 -4.157  1.00 38.56 ? 18  PRO A O   1 
ATOM   146  C  CB  . PRO A 1 18  ? -5.788  -14.270 -6.727  1.00 27.95 ? 18  PRO A CB  1 
ATOM   147  C  CG  . PRO A 1 18  ? -4.483  -13.773 -7.262  1.00 29.28 ? 18  PRO A CG  1 
ATOM   148  C  CD  . PRO A 1 18  ? -4.755  -12.297 -7.550  1.00 29.45 ? 18  PRO A CD  1 
ATOM   149  N  N   . GLN A 1 19  ? -6.156  -14.059 -3.587  1.00 35.53 ? 19  GLN A N   1 
ATOM   150  C  CA  . GLN A 1 19  ? -5.592  -14.304 -2.261  1.00 36.52 ? 19  GLN A CA  1 
ATOM   151  C  C   . GLN A 1 19  ? -4.267  -15.055 -2.258  1.00 35.31 ? 19  GLN A C   1 
ATOM   152  O  O   . GLN A 1 19  ? -3.959  -15.808 -3.171  1.00 32.54 ? 19  GLN A O   1 
ATOM   153  C  CB  . GLN A 1 19  ? -6.563  -15.087 -1.413  1.00 39.70 ? 19  GLN A CB  1 
ATOM   154  C  CG  . GLN A 1 19  ? -7.723  -14.238 -0.954  1.00 49.97 ? 19  GLN A CG  1 
ATOM   155  C  CD  . GLN A 1 19  ? -8.542  -14.948 0.107   1.00 59.16 ? 19  GLN A CD  1 
ATOM   156  O  OE1 . GLN A 1 19  ? -8.583  -16.195 0.123   1.00 51.38 ? 19  GLN A OE1 1 
ATOM   157  N  NE2 . GLN A 1 19  ? -9.176  -14.167 1.021   1.00 51.75 ? 19  GLN A NE2 1 
ATOM   158  N  N   . VAL A 1 20  ? -3.500  -14.813 -1.206  1.00 30.88 ? 20  VAL A N   1 
ATOM   159  C  CA  . VAL A 1 20  ? -2.316  -15.594 -0.889  1.00 30.53 ? 20  VAL A CA  1 
ATOM   160  C  C   . VAL A 1 20  ? -2.781  -16.902 -0.221  1.00 29.39 ? 20  VAL A C   1 
ATOM   161  O  O   . VAL A 1 20  ? -3.584  -16.902 0.775   1.00 26.74 ? 20  VAL A O   1 
ATOM   162  C  CB  . VAL A 1 20  ? -1.402  -14.826 0.127   1.00 32.08 ? 20  VAL A CB  1 
ATOM   163  C  CG1 . VAL A 1 20  ? -0.272  -15.710 0.583   1.00 33.87 ? 20  VAL A CG1 1 
ATOM   164  C  CG2 . VAL A 1 20  ? -0.844  -13.510 -0.437  1.00 30.04 ? 20  VAL A CG2 1 
ATOM   165  N  N   . THR A 1 21  ? -2.236  -18.010 -0.712  1.00 26.61 ? 21  THR A N   1 
ATOM   166  C  CA  . THR A 1 21  ? -2.571  -19.308 -0.142  1.00 27.39 ? 21  THR A CA  1 
ATOM   167  C  C   . THR A 1 21  ? -1.364  -20.129 0.304   1.00 29.47 ? 21  THR A C   1 
ATOM   168  O  O   . THR A 1 21  ? -1.472  -21.369 0.554   1.00 33.51 ? 21  THR A O   1 
ATOM   169  C  CB  . THR A 1 21  ? -3.382  -20.100 -1.152  1.00 27.15 ? 21  THR A CB  1 
ATOM   170  O  OG1 . THR A 1 21  ? -2.658  -20.121 -2.350  1.00 27.52 ? 21  THR A OG1 1 
ATOM   171  C  CG2 . THR A 1 21  ? -4.709  -19.458 -1.400  1.00 29.18 ? 21  THR A CG2 1 
ATOM   172  N  N   . ASN A 1 22  ? -0.224  -19.440 0.428   1.00 27.39 ? 22  ASN A N   1 
ATOM   173  C  CA  . ASN A 1 22  ? 0.997   -20.066 0.823   1.00 25.98 ? 22  ASN A CA  1 
ATOM   174  C  C   . ASN A 1 22  ? 1.710   -19.378 2.005   1.00 26.88 ? 22  ASN A C   1 
ATOM   175  O  O   . ASN A 1 22  ? 2.935   -19.371 2.075   1.00 27.49 ? 22  ASN A O   1 
ATOM   176  C  CB  . ASN A 1 22  ? 1.872   -20.323 -0.389  1.00 26.04 ? 22  ASN A CB  1 
ATOM   177  C  CG  . ASN A 1 22  ? 2.417   -19.092 -1.023  1.00 29.83 ? 22  ASN A CG  1 
ATOM   178  O  OD1 . ASN A 1 22  ? 3.381   -19.214 -1.747  1.00 34.49 ? 22  ASN A OD1 1 
ATOM   179  N  ND2 . ASN A 1 22  ? 1.878   -17.908 -0.726  1.00 30.87 ? 22  ASN A ND2 1 
ATOM   180  N  N   . LEU A 1 23  ? 0.903   -18.868 2.936   1.00 24.07 ? 23  LEU A N   1 
ATOM   181  C  CA  . LEU A 1 23  ? 1.333   -18.464 4.255   1.00 26.58 ? 23  LEU A CA  1 
ATOM   182  C  C   . LEU A 1 23  ? 2.214   -19.535 4.882   1.00 28.94 ? 23  LEU A C   1 
ATOM   183  O  O   . LEU A 1 23  ? 1.975   -20.752 4.739   1.00 30.43 ? 23  LEU A O   1 
ATOM   184  C  CB  . LEU A 1 23  ? 0.119   -18.230 5.174   1.00 27.93 ? 23  LEU A CB  1 
ATOM   185  C  CG  . LEU A 1 23  ? -0.809  -17.101 4.656   1.00 30.76 ? 23  LEU A CG  1 
ATOM   186  C  CD1 . LEU A 1 23  ? -2.099  -17.062 5.470   1.00 30.19 ? 23  LEU A CD1 1 
ATOM   187  C  CD2 . LEU A 1 23  ? -0.091  -15.736 4.603   1.00 27.26 ? 23  LEU A CD2 1 
ATOM   188  N  N   . GLY A 1 24  ? 3.291   -19.086 5.516   1.00 28.02 ? 24  GLY A N   1 
ATOM   189  C  CA  . GLY A 1 24  ? 4.221   -19.988 6.172   1.00 25.12 ? 24  GLY A CA  1 
ATOM   190  C  C   . GLY A 1 24  ? 5.222   -20.570 5.234   1.00 24.94 ? 24  GLY A C   1 
ATOM   191  O  O   . GLY A 1 24  ? 6.155   -21.135 5.709   1.00 27.08 ? 24  GLY A O   1 
ATOM   192  N  N   . SER A 1 25  ? 5.082   -20.422 3.919   1.00 25.96 ? 25  SER A N   1 
ATOM   193  C  CA  . SER A 1 25  ? 5.994   -21.080 2.994   1.00 27.56 ? 25  SER A CA  1 
ATOM   194  C  C   . SER A 1 25  ? 7.263   -20.297 2.852   1.00 28.88 ? 25  SER A C   1 
ATOM   195  O  O   . SER A 1 25  ? 7.288   -19.153 3.197   1.00 37.44 ? 25  SER A O   1 
ATOM   196  C  CB  . SER A 1 25  ? 5.368   -21.275 1.601   1.00 26.76 ? 25  SER A CB  1 
ATOM   197  O  OG  . SER A 1 25  ? 5.108   -20.069 0.917   1.00 26.23 ? 25  SER A OG  1 
ATOM   198  N  N   . ALA A 1 26  ? 8.292   -20.918 2.298   1.00 28.87 ? 26  ALA A N   1 
ATOM   199  C  CA  . ALA A 1 26  ? 9.597   -20.314 2.076   1.00 31.23 ? 26  ALA A CA  1 
ATOM   200  C  C   . ALA A 1 26  ? 9.544   -19.357 0.883   1.00 34.63 ? 26  ALA A C   1 
ATOM   201  O  O   . ALA A 1 26  ? 10.205  -18.333 0.905   1.00 36.99 ? 26  ALA A O   1 
ATOM   202  C  CB  . ALA A 1 26  ? 10.669  -21.396 1.820   1.00 28.22 ? 26  ALA A CB  1 
ATOM   203  N  N   . GLU A 1 27  ? 8.792   -19.724 -0.157  1.00 33.07 ? 27  GLU A N   1 
ATOM   204  C  CA  . GLU A 1 27  ? 8.552   -18.882 -1.329  1.00 32.92 ? 27  GLU A CA  1 
ATOM   205  C  C   . GLU A 1 27  ? 7.942   -17.515 -0.964  1.00 31.24 ? 27  GLU A C   1 
ATOM   206  O  O   . GLU A 1 27  ? 8.392   -16.473 -1.424  1.00 32.11 ? 27  GLU A O   1 
ATOM   207  C  CB  . GLU A 1 27  ? 7.626   -19.592 -2.329  1.00 38.00 ? 27  GLU A CB  1 
ATOM   208  C  CG  . GLU A 1 27  ? 8.237   -20.851 -2.959  1.00 45.59 ? 27  GLU A CG  1 
ATOM   209  C  CD  . GLU A 1 27  ? 7.957   -22.181 -2.211  1.00 50.36 ? 27  GLU A CD  1 
ATOM   210  O  OE1 . GLU A 1 27  ? 7.870   -22.234 -0.951  1.00 48.81 ? 27  GLU A OE1 1 
ATOM   211  O  OE2 . GLU A 1 27  ? 7.833   -23.207 -2.921  1.00 62.87 ? 27  GLU A OE2 1 
ATOM   212  N  N   . LEU A 1 28  ? 6.934   -17.537 -0.123  1.00 26.97 ? 28  LEU A N   1 
ATOM   213  C  CA  . LEU A 1 28  ? 6.354   -16.324 0.410   1.00 26.23 ? 28  LEU A CA  1 
ATOM   214  C  C   . LEU A 1 28  ? 7.299   -15.549 1.308   1.00 27.63 ? 28  LEU A C   1 
ATOM   215  O  O   . LEU A 1 28  ? 7.312   -14.314 1.240   1.00 25.61 ? 28  LEU A O   1 
ATOM   216  C  CB  . LEU A 1 28  ? 5.090   -16.641 1.200   1.00 24.09 ? 28  LEU A CB  1 
ATOM   217  C  CG  . LEU A 1 28  ? 4.326   -15.438 1.681   1.00 24.62 ? 28  LEU A CG  1 
ATOM   218  C  CD1 . LEU A 1 28  ? 3.653   -14.749 0.517   1.00 24.95 ? 28  LEU A CD1 1 
ATOM   219  C  CD2 . LEU A 1 28  ? 3.304   -15.781 2.729   1.00 26.06 ? 28  LEU A CD2 1 
ATOM   220  N  N   . HIS A 1 29  ? 7.997   -16.234 2.225   1.00 29.93 ? 29  HIS A N   1 
ATOM   221  C  CA  . HIS A 1 29  ? 8.988   -15.546 3.057   1.00 31.09 ? 29  HIS A CA  1 
ATOM   222  C  C   . HIS A 1 29  ? 10.021  -14.857 2.093   1.00 28.20 ? 29  HIS A C   1 
ATOM   223  O  O   . HIS A 1 29  ? 10.303  -13.683 2.227   1.00 23.97 ? 29  HIS A O   1 
ATOM   224  C  CB  . HIS A 1 29  ? 9.605   -16.437 4.150   1.00 32.65 ? 29  HIS A CB  1 
ATOM   225  C  CG  . HIS A 1 29  ? 8.711   -16.613 5.358   1.00 40.06 ? 29  HIS A CG  1 
ATOM   226  N  ND1 . HIS A 1 29  ? 8.582   -15.644 6.342   1.00 45.05 ? 29  HIS A ND1 1 
ATOM   227  C  CD2 . HIS A 1 29  ? 7.904   -17.643 5.749   1.00 39.76 ? 29  HIS A CD2 1 
ATOM   228  C  CE1 . HIS A 1 29  ? 7.738   -16.065 7.277   1.00 42.58 ? 29  HIS A CE1 1 
ATOM   229  N  NE2 . HIS A 1 29  ? 7.300   -17.266 6.934   1.00 39.95 ? 29  HIS A NE2 1 
ATOM   230  N  N   . ALA A 1 30  ? 10.457  -15.532 1.046   1.00 25.13 ? 30  ALA A N   1 
ATOM   231  C  CA  . ALA A 1 30  ? 11.385  -14.911 0.122   1.00 27.08 ? 30  ALA A CA  1 
ATOM   232  C  C   . ALA A 1 30  ? 10.810  -13.656 -0.560  1.00 28.02 ? 30  ALA A C   1 
ATOM   233  O  O   . ALA A 1 30  ? 11.527  -12.675 -0.765  1.00 31.01 ? 30  ALA A O   1 
ATOM   234  C  CB  . ALA A 1 30  ? 11.825  -15.898 -0.941  1.00 26.92 ? 30  ALA A CB  1 
ATOM   235  N  N   . LEU A 1 31  ? 9.541   -13.731 -0.945  1.00 27.90 ? 31  LEU A N   1 
ATOM   236  C  CA  . LEU A 1 31  ? 8.873   -12.638 -1.634  1.00 26.35 ? 31  LEU A CA  1 
ATOM   237  C  C   . LEU A 1 31  ? 8.737   -11.416 -0.689  1.00 26.16 ? 31  LEU A C   1 
ATOM   238  O  O   . LEU A 1 31  ? 9.008   -10.315 -1.085  1.00 26.11 ? 31  LEU A O   1 
ATOM   239  C  CB  . LEU A 1 31  ? 7.535   -13.093 -2.155  1.00 25.61 ? 31  LEU A CB  1 
ATOM   240  C  CG  . LEU A 1 31  ? 6.614   -12.006 -2.714  1.00 29.72 ? 31  LEU A CG  1 
ATOM   241  C  CD1 . LEU A 1 31  ? 7.288   -11.288 -3.888  1.00 27.56 ? 31  LEU A CD1 1 
ATOM   242  C  CD2 . LEU A 1 31  ? 5.278   -12.625 -3.137  1.00 30.15 ? 31  LEU A CD2 1 
ATOM   243  N  N   . VAL A 1 32  ? 8.363   -11.640 0.560   1.00 26.30 ? 32  VAL A N   1 
ATOM   244  C  CA  . VAL A 1 32  ? 8.222   -10.576 1.545   1.00 26.61 ? 32  VAL A CA  1 
ATOM   245  C  C   . VAL A 1 32  ? 9.529   -9.839  1.788   1.00 28.35 ? 32  VAL A C   1 
ATOM   246  O  O   . VAL A 1 32  ? 9.537   -8.626  1.855   1.00 28.93 ? 32  VAL A O   1 
ATOM   247  C  CB  . VAL A 1 32  ? 7.648   -11.119 2.848   1.00 27.09 ? 32  VAL A CB  1 
ATOM   248  C  CG1 . VAL A 1 32  ? 7.692   -10.091 3.971   1.00 27.24 ? 32  VAL A CG1 1 
ATOM   249  C  CG2 . VAL A 1 32  ? 6.186   -11.549 2.596   1.00 28.76 ? 32  VAL A CG2 1 
ATOM   250  N  N   . SER A 1 33  ? 10.608  -10.593 1.856   1.00 28.39 ? 33  SER A N   1 
ATOM   251  C  CA  . SER A 1 33  ? 11.960  -10.124 2.085   1.00 29.05 ? 33  SER A CA  1 
ATOM   252  C  C   . SER A 1 33  ? 12.372  -9.159  0.982   1.00 29.17 ? 33  SER A C   1 
ATOM   253  O  O   . SER A 1 33  ? 12.785  -7.995  1.249   1.00 29.95 ? 33  SER A O   1 
ATOM   254  C  CB  . SER A 1 33  ? 12.913  -11.346 2.078   1.00 30.50 ? 33  SER A CB  1 
ATOM   255  O  OG  . SER A 1 33  ? 13.764  -11.336 3.199   1.00 32.72 ? 33  SER A OG  1 
ATOM   256  N  N   . ASP A 1 34  ? 12.253  -9.664  -0.240  1.00 26.20 ? 34  ASP A N   1 
ATOM   257  C  CA  . ASP A 1 34  ? 12.296  -8.866  -1.479  1.00 29.71 ? 34  ASP A CA  1 
ATOM   258  C  C   . ASP A 1 34  ? 11.463  -7.570  -1.447  1.00 26.54 ? 34  ASP A C   1 
ATOM   259  O  O   . ASP A 1 34  ? 11.901  -6.517  -1.932  1.00 26.79 ? 34  ASP A O   1 
ATOM   260  C  CB  . ASP A 1 34  ? 11.744  -9.686  -2.679  1.00 29.86 ? 34  ASP A CB  1 
ATOM   261  C  CG  . ASP A 1 34  ? 12.719  -10.803 -3.186  1.00 37.16 ? 34  ASP A CG  1 
ATOM   262  O  OD1 . ASP A 1 34  ? 13.841  -10.986 -2.609  1.00 31.11 ? 34  ASP A OD1 1 
ATOM   263  O  OD2 . ASP A 1 34  ? 12.303  -11.499 -4.198  1.00 42.62 ? 34  ASP A OD2 1 
ATOM   264  N  N   . MET A 1 35  ? 10.240  -7.673  -0.940  1.00 24.90 ? 35  MET A N   1 
ATOM   265  C  CA  . MET A 1 35  ? 9.356   -6.522  -0.874  1.00 25.68 ? 35  MET A CA  1 
ATOM   266  C  C   . MET A 1 35  ? 9.835   -5.420  0.089   1.00 24.56 ? 35  MET A C   1 
ATOM   267  O  O   . MET A 1 35  ? 9.852   -4.279  -0.299  1.00 24.23 ? 35  MET A O   1 
ATOM   268  C  CB  . MET A 1 35  ? 7.945   -6.955  -0.593  1.00 25.08 ? 35  MET A CB  1 
ATOM   269  C  CG  . MET A 1 35  ? 7.275   -7.499  -1.838  1.00 26.03 ? 35  MET A CG  1 
ATOM   270  S  SD  . MET A 1 35  ? 5.575   -7.979  -1.426  1.00 27.40 ? 35  MET A SD  1 
ATOM   271  C  CE  . MET A 1 35  ? 4.653   -6.415  -1.339  1.00 27.77 ? 35  MET A CE  1 
ATOM   272  N  N   . PHE A 1 36  ? 10.239  -5.798  1.300   1.00 25.37 ? 36  PHE A N   1 
ATOM   273  C  CA  . PHE A 1 36  ? 10.887  -4.901  2.239   1.00 29.85 ? 36  PHE A CA  1 
ATOM   274  C  C   . PHE A 1 36  ? 12.159  -4.291  1.678   1.00 32.35 ? 36  PHE A C   1 
ATOM   275  O  O   . PHE A 1 36  ? 12.450  -3.127  1.906   1.00 32.41 ? 36  PHE A O   1 
ATOM   276  C  CB  . PHE A 1 36  ? 11.251  -5.631  3.528   1.00 28.88 ? 36  PHE A CB  1 
ATOM   277  C  CG  . PHE A 1 36  ? 10.123  -5.700  4.494   1.00 27.10 ? 36  PHE A CG  1 
ATOM   278  C  CD1 . PHE A 1 36  ? 9.598   -4.509  5.039   1.00 25.07 ? 36  PHE A CD1 1 
ATOM   279  C  CD2 . PHE A 1 36  ? 9.540   -6.934  4.839   1.00 24.32 ? 36  PHE A CD2 1 
ATOM   280  C  CE1 . PHE A 1 36  ? 8.532   -4.562  5.912   1.00 25.00 ? 36  PHE A CE1 1 
ATOM   281  C  CE2 . PHE A 1 36  ? 8.489   -6.983  5.734   1.00 23.74 ? 36  PHE A CE2 1 
ATOM   282  C  CZ  . PHE A 1 36  ? 7.979   -5.810  6.270   1.00 25.09 ? 36  PHE A CZ  1 
ATOM   283  N  N   . GLU A 1 37  ? 12.900  -5.070  0.918   1.00 31.45 ? 37  GLU A N   1 
ATOM   284  C  CA  . GLU A 1 37  ? 14.137  -4.559  0.397   1.00 30.95 ? 37  GLU A CA  1 
ATOM   285  C  C   . GLU A 1 37  ? 13.895  -3.567  -0.735  1.00 30.15 ? 37  GLU A C   1 
ATOM   286  O  O   . GLU A 1 37  ? 14.580  -2.511  -0.857  1.00 28.72 ? 37  GLU A O   1 
ATOM   287  C  CB  . GLU A 1 37  ? 14.978  -5.695  -0.100  1.00 30.64 ? 37  GLU A CB  1 
ATOM   288  C  CG  . GLU A 1 37  ? 16.395  -5.272  -0.210  1.00 31.99 ? 37  GLU A CG  1 
ATOM   289  C  CD  . GLU A 1 37  ? 17.285  -6.337  -0.765  1.00 33.31 ? 37  GLU A CD  1 
ATOM   290  O  OE1 . GLU A 1 37  ? 16.789  -7.440  -1.153  1.00 33.12 ? 37  GLU A OE1 1 
ATOM   291  O  OE2 . GLU A 1 37  ? 18.494  -6.009  -0.834  1.00 35.62 ? 37  GLU A OE2 1 
ATOM   292  N  N   . THR A 1 38  ? 12.945  -3.936  -1.590  1.00 26.75 ? 38  THR A N   1 
ATOM   293  C  CA  . THR A 1 38  ? 12.581  -3.100  -2.685  1.00 24.05 ? 38  THR A CA  1 
ATOM   294  C  C   . THR A 1 38  ? 12.010  -1.817  -2.123  1.00 24.57 ? 38  THR A C   1 
ATOM   295  O  O   . THR A 1 38  ? 12.366  -0.725  -2.570  1.00 26.21 ? 38  THR A O   1 
ATOM   296  C  CB  . THR A 1 38  ? 11.569  -3.786  -3.566  1.00 23.04 ? 38  THR A CB  1 
ATOM   297  O  OG1 . THR A 1 38  ? 12.112  -5.031  -4.092  1.00 22.44 ? 38  THR A OG1 1 
ATOM   298  C  CG2 . THR A 1 38  ? 11.192  -2.879  -4.713  1.00 22.72 ? 38  THR A CG2 1 
ATOM   299  N  N   . MET A 1 39  ? 11.154  -1.927  -1.120  1.00 25.27 ? 39  MET A N   1 
ATOM   300  C  CA  . MET A 1 39  ? 10.545  -0.725  -0.503  1.00 29.52 ? 39  MET A CA  1 
ATOM   301  C  C   . MET A 1 39  ? 11.614  0.262   0.053   1.00 28.91 ? 39  MET A C   1 
ATOM   302  O  O   . MET A 1 39  ? 11.456  1.477   -0.087  1.00 26.10 ? 39  MET A O   1 
ATOM   303  C  CB  . MET A 1 39  ? 9.554   -1.115  0.592   1.00 30.00 ? 39  MET A CB  1 
ATOM   304  C  CG  . MET A 1 39  ? 8.985   0.056   1.375   1.00 31.21 ? 39  MET A CG  1 
ATOM   305  S  SD  . MET A 1 39  ? 7.759   -0.439  2.624   1.00 35.97 ? 39  MET A SD  1 
ATOM   306  C  CE  . MET A 1 39  ? 8.749   -0.455  4.117   1.00 38.37 ? 39  MET A CE  1 
ATOM   307  N  N   . GLY A 1 40  ? 12.685  -0.316  0.619   1.00 27.62 ? 40  GLY A N   1 
ATOM   308  C  CA  . GLY A 1 40  ? 13.825  0.385   1.223   1.00 28.04 ? 40  GLY A CA  1 
ATOM   309  C  C   . GLY A 1 40  ? 14.699  1.064   0.206   1.00 26.50 ? 40  GLY A C   1 
ATOM   310  O  O   . GLY A 1 40  ? 15.054  2.211   0.414   1.00 27.83 ? 40  GLY A O   1 
ATOM   311  N  N   . ALA A 1 41  ? 15.013  0.369   -0.890  1.00 25.80 ? 41  ALA A N   1 
ATOM   312  C  CA  . ALA A 1 41  ? 15.826  0.918   -1.998  1.00 28.03 ? 41  ALA A CA  1 
ATOM   313  C  C   . ALA A 1 41  ? 15.165  2.118   -2.714  1.00 31.12 ? 41  ALA A C   1 
ATOM   314  O  O   . ALA A 1 41  ? 15.842  3.076   -3.110  1.00 42.21 ? 41  ALA A O   1 
ATOM   315  C  CB  . ALA A 1 41  ? 16.137  -0.165  -3.021  1.00 26.70 ? 41  ALA A CB  1 
ATOM   316  N  N   . ALA A 1 42  ? 13.852  2.055   -2.827  1.00 31.43 ? 42  ALA A N   1 
ATOM   317  C  CA  . ALA A 1 42  ? 13.047  3.127   -3.355  1.00 30.71 ? 42  ALA A CA  1 
ATOM   318  C  C   . ALA A 1 42  ? 12.603  4.141   -2.313  1.00 28.54 ? 42  ALA A C   1 
ATOM   319  O  O   . ALA A 1 42  ? 12.042  5.124   -2.684  1.00 29.20 ? 42  ALA A O   1 
ATOM   320  C  CB  . ALA A 1 42  ? 11.838  2.546   -4.060  1.00 29.29 ? 42  ALA A CB  1 
ATOM   321  N  N   . HIS A 1 43  ? 12.857  3.943   -1.029  1.00 27.67 ? 43  HIS A N   1 
ATOM   322  C  CA  . HIS A 1 43  ? 12.546  4.987   -0.012  1.00 29.06 ? 43  HIS A CA  1 
ATOM   323  C  C   . HIS A 1 43  ? 11.073  5.167   0.276   1.00 30.99 ? 43  HIS A C   1 
ATOM   324  O  O   . HIS A 1 43  ? 10.650  6.240   0.710   1.00 27.68 ? 43  HIS A O   1 
ATOM   325  C  CB  . HIS A 1 43  ? 13.170  6.354   -0.320  1.00 33.65 ? 43  HIS A CB  1 
ATOM   326  C  CG  . HIS A 1 43  ? 14.666  6.368   -0.271  1.00 42.40 ? 43  HIS A CG  1 
ATOM   327  N  ND1 . HIS A 1 43  ? 15.370  7.388   0.320   1.00 48.66 ? 43  HIS A ND1 1 
ATOM   328  C  CD2 . HIS A 1 43  ? 15.591  5.489   -0.729  1.00 44.98 ? 43  HIS A CD2 1 
ATOM   329  C  CE1 . HIS A 1 43  ? 16.661  7.145   0.216   1.00 48.83 ? 43  HIS A CE1 1 
ATOM   330  N  NE2 . HIS A 1 43  ? 16.821  5.998   -0.414  1.00 47.35 ? 43  HIS A NE2 1 
ATOM   331  N  N   . GLY A 1 44  ? 10.286  4.089   0.143   1.00 32.15 ? 44  GLY A N   1 
ATOM   332  C  CA  . GLY A 1 44  ? 8.868   4.151   0.442   1.00 29.05 ? 44  GLY A CA  1 
ATOM   333  C  C   . GLY A 1 44  ? 8.526   3.865   1.868   1.00 29.21 ? 44  GLY A C   1 
ATOM   334  O  O   . GLY A 1 44  ? 9.372   3.398   2.607   1.00 30.27 ? 44  GLY A O   1 
ATOM   335  N  N   . VAL A 1 45  ? 7.289   4.161   2.256   1.00 27.70 ? 45  VAL A N   1 
ATOM   336  C  CA  . VAL A 1 45  ? 6.746   3.661   3.488   1.00 27.32 ? 45  VAL A CA  1 
ATOM   337  C  C   . VAL A 1 45  ? 5.738   2.518   3.289   1.00 28.63 ? 45  VAL A C   1 
ATOM   338  O  O   . VAL A 1 45  ? 5.162   2.008   4.254   1.00 27.29 ? 45  VAL A O   1 
ATOM   339  C  CB  . VAL A 1 45  ? 6.139   4.782   4.326   1.00 31.27 ? 45  VAL A CB  1 
ATOM   340  C  CG1 . VAL A 1 45  ? 7.238   5.813   4.629   1.00 33.38 ? 45  VAL A CG1 1 
ATOM   341  C  CG2 . VAL A 1 45  ? 4.915   5.399   3.658   1.00 31.34 ? 45  VAL A CG2 1 
ATOM   342  N  N   . GLY A 1 46  ? 5.548   2.089   2.058   1.00 25.00 ? 46  GLY A N   1 
ATOM   343  C  CA  . GLY A 1 46  ? 4.515   1.129   1.782   1.00 25.84 ? 46  GLY A CA  1 
ATOM   344  C  C   . GLY A 1 46  ? 4.863   0.592   0.412   1.00 26.15 ? 46  GLY A C   1 
ATOM   345  O  O   . GLY A 1 46  ? 5.576   1.272   -0.353  1.00 24.75 ? 46  GLY A O   1 
ATOM   346  N  N   . LEU A 1 47  ? 4.451   -0.648  0.146   1.00 23.21 ? 47  LEU A N   1 
ATOM   347  C  CA  . LEU A 1 47  ? 4.653   -1.244  -1.163  1.00 22.90 ? 47  LEU A CA  1 
ATOM   348  C  C   . LEU A 1 47  ? 3.675   -2.395  -1.284  1.00 21.57 ? 47  LEU A C   1 
ATOM   349  O  O   . LEU A 1 47  ? 3.610   -3.214  -0.414  1.00 22.73 ? 47  LEU A O   1 
ATOM   350  C  CB  . LEU A 1 47  ? 6.068   -1.740  -1.294  1.00 23.76 ? 47  LEU A CB  1 
ATOM   351  C  CG  . LEU A 1 47  ? 6.408   -2.312  -2.687  1.00 26.81 ? 47  LEU A CG  1 
ATOM   352  C  CD1 . LEU A 1 47  ? 6.742   -1.175  -3.632  1.00 28.74 ? 47  LEU A CD1 1 
ATOM   353  C  CD2 . LEU A 1 47  ? 7.544   -3.345  -2.673  1.00 26.87 ? 47  LEU A CD2 1 
ATOM   354  N  N   . ALA A 1 48  ? 2.883   -2.426  -2.339  1.00 21.36 ? 48  ALA A N   1 
ATOM   355  C  CA  . ALA A 1 48  ? 1.982   -3.524  -2.555  1.00 20.99 ? 48  ALA A CA  1 
ATOM   356  C  C   . ALA A 1 48  ? 2.531   -4.409  -3.624  1.00 21.80 ? 48  ALA A C   1 
ATOM   357  O  O   . ALA A 1 48  ? 3.258   -3.983  -4.497  1.00 23.05 ? 48  ALA A O   1 
ATOM   358  C  CB  . ALA A 1 48  ? 0.633   -3.024  -2.932  1.00 21.17 ? 48  ALA A CB  1 
ATOM   359  N  N   . ALA A 1 49  ? 2.157   -5.665  -3.568  1.00 23.23 ? 49  ALA A N   1 
ATOM   360  C  CA  . ALA A 1 49  ? 2.689   -6.665  -4.489  1.00 24.25 ? 49  ALA A CA  1 
ATOM   361  C  C   . ALA A 1 49  ? 2.412   -6.405  -5.937  1.00 21.70 ? 49  ALA A C   1 
ATOM   362  O  O   . ALA A 1 49  ? 3.226   -6.700  -6.748  1.00 21.69 ? 49  ALA A O   1 
ATOM   363  C  CB  . ALA A 1 49  ? 2.207   -8.063  -4.097  1.00 24.49 ? 49  ALA A CB  1 
ATOM   364  N  N   . PRO A 1 50  ? 1.263   -5.865  -6.282  1.00 23.50 ? 50  PRO A N   1 
ATOM   365  C  CA  . PRO A 1 50  ? 1.079   -5.492  -7.682  1.00 24.51 ? 50  PRO A CA  1 
ATOM   366  C  C   . PRO A 1 50  ? 2.059   -4.466  -8.202  1.00 23.97 ? 50  PRO A C   1 
ATOM   367  O  O   . PRO A 1 50  ? 2.338   -4.456  -9.414  1.00 22.78 ? 50  PRO A O   1 
ATOM   368  C  CB  . PRO A 1 50  ? -0.315  -4.873  -7.687  1.00 24.19 ? 50  PRO A CB  1 
ATOM   369  C  CG  . PRO A 1 50  ? -1.027  -5.654  -6.633  1.00 26.37 ? 50  PRO A CG  1 
ATOM   370  C  CD  . PRO A 1 50  ? 0.018   -5.631  -5.538  1.00 26.96 ? 50  PRO A CD  1 
ATOM   371  N  N   . GLN A 1 51  ? 2.611   -3.634  -7.307  1.00 25.15 ? 51  GLN A N   1 
ATOM   372  C  CA  . GLN A 1 51  ? 3.637   -2.702  -7.717  1.00 25.48 ? 51  GLN A CA  1 
ATOM   373  C  C   . GLN A 1 51  ? 4.874   -3.376  -8.245  1.00 25.27 ? 51  GLN A C   1 
ATOM   374  O  O   . GLN A 1 51  ? 5.575   -2.771  -9.007  1.00 32.14 ? 51  GLN A O   1 
ATOM   375  C  CB  . GLN A 1 51  ? 3.991   -1.677  -6.648  1.00 24.61 ? 51  GLN A CB  1 
ATOM   376  C  CG  . GLN A 1 51  ? 2.824   -0.825  -6.237  1.00 24.47 ? 51  GLN A CG  1 
ATOM   377  C  CD  . GLN A 1 51  ? 3.241   0.286   -5.293  1.00 24.52 ? 51  GLN A CD  1 
ATOM   378  O  OE1 . GLN A 1 51  ? 3.157   0.126   -4.095  1.00 28.22 ? 51  GLN A OE1 1 
ATOM   379  N  NE2 . GLN A 1 51  ? 3.745   1.392   -5.833  1.00 23.42 ? 51  GLN A NE2 1 
ATOM   380  N  N   . ILE A 1 52  ? 5.181   -4.595  -7.851  1.00 26.19 ? 52  ILE A N   1 
ATOM   381  C  CA  . ILE A 1 52  ? 6.303   -5.297  -8.465  1.00 26.28 ? 52  ILE A CA  1 
ATOM   382  C  C   . ILE A 1 52  ? 5.772   -6.403  -9.339  1.00 25.37 ? 52  ILE A C   1 
ATOM   383  O  O   . ILE A 1 52  ? 6.362   -7.417  -9.445  1.00 26.02 ? 52  ILE A O   1 
ATOM   384  C  CB  . ILE A 1 52  ? 7.308   -5.826  -7.404  1.00 28.72 ? 52  ILE A CB  1 
ATOM   385  C  CG1 . ILE A 1 52  ? 6.593   -6.595  -6.282  1.00 32.14 ? 52  ILE A CG1 1 
ATOM   386  C  CG2 . ILE A 1 52  ? 8.059   -4.699  -6.756  1.00 28.92 ? 52  ILE A CG2 1 
ATOM   387  C  CD1 . ILE A 1 52  ? 7.437   -7.695  -5.659  1.00 32.28 ? 52  ILE A CD1 1 
ATOM   388  N  N   . ALA A 1 53  ? 4.624   -6.190  -9.954  1.00 28.17 ? 53  ALA A N   1 
ATOM   389  C  CA  . ALA A 1 53  ? 4.013   -7.130  -10.896 1.00 26.84 ? 53  ALA A CA  1 
ATOM   390  C  C   . ALA A 1 53  ? 3.746   -8.539  -10.339 1.00 30.37 ? 53  ALA A C   1 
ATOM   391  O  O   . ALA A 1 53  ? 3.701   -9.496  -11.076 1.00 33.05 ? 53  ALA A O   1 
ATOM   392  C  CB  . ALA A 1 53  ? 4.816   -7.181  -12.193 1.00 26.75 ? 53  ALA A CB  1 
ATOM   393  N  N   . VAL A 1 54  ? 3.504   -8.653  -9.044  1.00 30.83 ? 54  VAL A N   1 
ATOM   394  C  CA  . VAL A 1 54  ? 3.034   -9.881  -8.471  1.00 30.40 ? 54  VAL A CA  1 
ATOM   395  C  C   . VAL A 1 54  ? 1.558   -9.731  -8.114  1.00 30.34 ? 54  VAL A C   1 
ATOM   396  O  O   . VAL A 1 54  ? 1.187   -8.912  -7.313  1.00 26.47 ? 54  VAL A O   1 
ATOM   397  C  CB  . VAL A 1 54  ? 3.909   -10.277 -7.281  1.00 33.83 ? 54  VAL A CB  1 
ATOM   398  C  CG1 . VAL A 1 54  ? 3.323   -11.460 -6.536  1.00 35.29 ? 54  VAL A CG1 1 
ATOM   399  C  CG2 . VAL A 1 54  ? 5.332   -10.575 -7.769  1.00 32.61 ? 54  VAL A CG2 1 
ATOM   400  N  N   . ASP A 1 55  ? 0.737   -10.559 -8.742  1.00 32.95 ? 55  ASP A N   1 
ATOM   401  C  CA  . ASP A 1 55  ? -0.706  -10.524 -8.581  1.00 36.61 ? 55  ASP A CA  1 
ATOM   402  C  C   . ASP A 1 55  ? -1.132  -11.230 -7.289  1.00 32.47 ? 55  ASP A C   1 
ATOM   403  O  O   . ASP A 1 55  ? -1.619  -12.355 -7.322  1.00 34.92 ? 55  ASP A O   1 
ATOM   404  C  CB  . ASP A 1 55  ? -1.381  -11.212 -9.815  1.00 41.49 ? 55  ASP A CB  1 
ATOM   405  C  CG  . ASP A 1 55  ? -2.872  -10.804 -10.018 1.00 46.62 ? 55  ASP A CG  1 
ATOM   406  O  OD1 . ASP A 1 55  ? -3.375  -9.818  -9.375  1.00 49.75 ? 55  ASP A OD1 1 
ATOM   407  O  OD2 . ASP A 1 55  ? -3.528  -11.446 -10.885 1.00 49.15 ? 55  ASP A OD2 1 
ATOM   408  N  N   . LEU A 1 56  ? -0.956  -10.578 -6.157  1.00 30.49 ? 56  LEU A N   1 
ATOM   409  C  CA  . LEU A 1 56  ? -1.273  -11.184 -4.857  1.00 28.36 ? 56  LEU A CA  1 
ATOM   410  C  C   . LEU A 1 56  ? -1.734  -10.160 -3.830  1.00 27.35 ? 56  LEU A C   1 
ATOM   411  O  O   . LEU A 1 56  ? -1.236  -9.003  -3.781  1.00 25.46 ? 56  LEU A O   1 
ATOM   412  C  CB  . LEU A 1 56  ? -0.036  -11.895 -4.283  1.00 31.57 ? 56  LEU A CB  1 
ATOM   413  C  CG  . LEU A 1 56  ? 0.417   -13.321 -4.727  1.00 31.91 ? 56  LEU A CG  1 
ATOM   414  C  CD1 . LEU A 1 56  ? 1.671   -13.795 -3.921  1.00 31.83 ? 56  LEU A CD1 1 
ATOM   415  C  CD2 . LEU A 1 56  ? -0.753  -14.304 -4.621  1.00 29.76 ? 56  LEU A CD2 1 
ATOM   416  N  N   . GLN A 1 57  ? -2.657  -10.597 -2.982  1.00 27.10 ? 57  GLN A N   1 
ATOM   417  C  CA  . GLN A 1 57  ? -3.113  -9.768  -1.849  1.00 27.39 ? 57  GLN A CA  1 
ATOM   418  C  C   . GLN A 1 57  ? -2.047  -9.708  -0.760  1.00 27.54 ? 57  GLN A C   1 
ATOM   419  O  O   . GLN A 1 57  ? -2.099  -10.437 0.230   1.00 32.81 ? 57  GLN A O   1 
ATOM   420  C  CB  . GLN A 1 57  ? -4.408  -10.311 -1.293  1.00 26.15 ? 57  GLN A CB  1 
ATOM   421  C  CG  . GLN A 1 57  ? -5.550  -10.105 -2.245  1.00 27.29 ? 57  GLN A CG  1 
ATOM   422  C  CD  . GLN A 1 57  ? -6.829  -10.561 -1.656  1.00 25.96 ? 57  GLN A CD  1 
ATOM   423  O  OE1 . GLN A 1 57  ? -7.002  -10.535 -0.449  1.00 31.94 ? 57  GLN A OE1 1 
ATOM   424  N  NE2 . GLN A 1 57  ? -7.726  -10.991 -2.488  1.00 21.32 ? 57  GLN A NE2 1 
ATOM   425  N  N   . LEU A 1 58  ? -1.060  -8.853  -0.981  1.00 25.78 ? 58  LEU A N   1 
ATOM   426  C  CA  . LEU A 1 58  ? 0.080   -8.733  -0.111  1.00 25.78 ? 58  LEU A CA  1 
ATOM   427  C  C   . LEU A 1 58  ? 0.658   -7.291  -0.161  1.00 25.66 ? 58  LEU A C   1 
ATOM   428  O  O   . LEU A 1 58  ? 0.813   -6.663  -1.243  1.00 24.23 ? 58  LEU A O   1 
ATOM   429  C  CB  . LEU A 1 58  ? 1.104   -9.727  -0.548  1.00 24.63 ? 58  LEU A CB  1 
ATOM   430  C  CG  . LEU A 1 58  ? 2.409   -9.801  0.180   1.00 25.94 ? 58  LEU A CG  1 
ATOM   431  C  CD1 . LEU A 1 58  ? 2.223   -10.215 1.623   1.00 25.99 ? 58  LEU A CD1 1 
ATOM   432  C  CD2 . LEU A 1 58  ? 3.212   -10.867 -0.545  1.00 26.61 ? 58  LEU A CD2 1 
ATOM   433  N  N   . MET A 1 59  ? 0.977   -6.777  1.006   1.00 22.64 ? 59  MET A N   1 
ATOM   434  C  CA  . MET A 1 59  ? 1.578   -5.436  1.103   1.00 23.92 ? 59  MET A CA  1 
ATOM   435  C  C   . MET A 1 59  ? 2.586   -5.456  2.238   1.00 23.61 ? 59  MET A C   1 
ATOM   436  O  O   . MET A 1 59  ? 2.499   -6.289  3.169   1.00 24.10 ? 59  MET A O   1 
ATOM   437  C  CB  . MET A 1 59  ? 0.465   -4.393  1.356   1.00 25.81 ? 59  MET A CB  1 
ATOM   438  C  CG  . MET A 1 59  ? -0.252  -4.605  2.683   1.00 25.86 ? 59  MET A CG  1 
ATOM   439  S  SD  . MET A 1 59  ? -1.548  -3.420  3.146   1.00 35.13 ? 59  MET A SD  1 
ATOM   440  C  CE  . MET A 1 59  ? -2.816  -3.819  1.936   1.00 36.94 ? 59  MET A CE  1 
ATOM   441  N  N   . VAL A 1 60  ? 3.574   -4.573  2.152   1.00 26.02 ? 60  VAL A N   1 
ATOM   442  C  CA  . VAL A 1 60  ? 4.444   -4.276  3.295   1.00 25.50 ? 60  VAL A CA  1 
ATOM   443  C  C   . VAL A 1 60  ? 4.353   -2.807  3.584   1.00 25.24 ? 60  VAL A C   1 
ATOM   444  O  O   . VAL A 1 60  ? 4.106   -2.044  2.701   1.00 26.13 ? 60  VAL A O   1 
ATOM   445  C  CB  . VAL A 1 60  ? 5.898   -4.678  3.058   1.00 26.04 ? 60  VAL A CB  1 
ATOM   446  C  CG1 . VAL A 1 60  ? 6.020   -6.180  2.979   1.00 26.18 ? 60  VAL A CG1 1 
ATOM   447  C  CG2 . VAL A 1 60  ? 6.491   -4.057  1.804   1.00 27.21 ? 60  VAL A CG2 1 
ATOM   448  N  N   . PHE A 1 61  ? 4.570   -2.410  4.814   1.00 26.00 ? 61  PHE A N   1 
ATOM   449  C  CA  . PHE A 1 61  ? 4.636   -1.004  5.138   1.00 26.26 ? 61  PHE A CA  1 
ATOM   450  C  C   . PHE A 1 61  ? 5.333   -0.785  6.450   1.00 26.35 ? 61  PHE A C   1 
ATOM   451  O  O   . PHE A 1 61  ? 5.577   -1.741  7.144   1.00 29.13 ? 61  PHE A O   1 
ATOM   452  C  CB  . PHE A 1 61  ? 3.246   -0.405  5.177   1.00 27.64 ? 61  PHE A CB  1 
ATOM   453  C  CG  . PHE A 1 61  ? 2.284   -1.136  6.055   1.00 25.57 ? 61  PHE A CG  1 
ATOM   454  C  CD1 . PHE A 1 61  ? 1.470   -2.149  5.532   1.00 26.41 ? 61  PHE A CD1 1 
ATOM   455  C  CD2 . PHE A 1 61  ? 2.138   -0.777  7.379   1.00 25.48 ? 61  PHE A CD2 1 
ATOM   456  C  CE1 . PHE A 1 61  ? 0.556   -2.834  6.359   1.00 26.21 ? 61  PHE A CE1 1 
ATOM   457  C  CE2 . PHE A 1 61  ? 1.227   -1.424  8.195   1.00 25.27 ? 61  PHE A CE2 1 
ATOM   458  C  CZ  . PHE A 1 61  ? 0.439   -2.445  7.703   1.00 24.95 ? 61  PHE A CZ  1 
ATOM   459  N  N   . GLY A 1 62  ? 5.696   0.457   6.745   1.00 27.87 ? 62  GLY A N   1 
ATOM   460  C  CA  . GLY A 1 62  ? 6.290   0.870   8.032   1.00 34.82 ? 62  GLY A CA  1 
ATOM   461  C  C   . GLY A 1 62  ? 7.387   1.921   7.910   1.00 37.74 ? 62  GLY A C   1 
ATOM   462  O  O   . GLY A 1 62  ? 8.076   1.883   6.936   1.00 44.26 ? 62  GLY A O   1 
ATOM   463  N  N   . PHE A 1 63  ? 7.533   2.835   8.886   1.00 49.39 ? 63  PHE A N   1 
ATOM   464  C  CA  . PHE A 1 63  ? 8.458   4.048   8.836   1.00 52.05 ? 63  PHE A CA  1 
ATOM   465  C  C   . PHE A 1 63  ? 9.663   3.781   9.717   1.00 53.41 ? 63  PHE A C   1 
ATOM   466  O  O   . PHE A 1 63  ? 9.527   3.611   10.935  1.00 54.77 ? 63  PHE A O   1 
ATOM   467  C  CB  . PHE A 1 63  ? 7.742   5.374   9.291   1.00 49.21 ? 63  PHE A CB  1 
ATOM   468  N  N   . ALA A 1 74  ? 4.922   7.265   13.643  1.00 41.43 ? 74  ALA A N   1 
ATOM   469  C  CA  . ALA A 1 74  ? 5.486   5.922   13.697  1.00 50.16 ? 74  ALA A CA  1 
ATOM   470  C  C   . ALA A 1 74  ? 4.478   4.965   13.090  1.00 52.90 ? 74  ALA A C   1 
ATOM   471  O  O   . ALA A 1 74  ? 3.286   5.128   13.294  1.00 50.12 ? 74  ALA A O   1 
ATOM   472  C  CB  . ALA A 1 74  ? 5.795   5.489   15.128  1.00 53.08 ? 74  ALA A CB  1 
ATOM   473  N  N   . VAL A 1 75  ? 4.950   3.991   12.320  1.00 47.78 ? 75  VAL A N   1 
ATOM   474  C  CA  . VAL A 1 75  ? 4.095   2.925   11.779  1.00 45.33 ? 75  VAL A CA  1 
ATOM   475  C  C   . VAL A 1 75  ? 4.825   1.572   11.949  1.00 39.68 ? 75  VAL A C   1 
ATOM   476  O  O   . VAL A 1 75  ? 5.946   1.418   11.502  1.00 32.26 ? 75  VAL A O   1 
ATOM   477  C  CB  . VAL A 1 75  ? 3.795   3.214   10.300  1.00 49.71 ? 75  VAL A CB  1 
ATOM   478  C  CG1 . VAL A 1 75  ? 2.787   2.222   9.738   1.00 52.66 ? 75  VAL A CG1 1 
ATOM   479  C  CG2 . VAL A 1 75  ? 3.279   4.641   10.136  1.00 48.59 ? 75  VAL A CG2 1 
ATOM   480  N  N   . PRO A 1 76  ? 4.200   0.561   12.569  1.00 39.66 ? 76  PRO A N   1 
ATOM   481  C  CA  . PRO A 1 76  ? 4.993   -0.701  12.760  1.00 36.93 ? 76  PRO A CA  1 
ATOM   482  C  C   . PRO A 1 76  ? 5.381   -1.346  11.432  1.00 30.76 ? 76  PRO A C   1 
ATOM   483  O  O   . PRO A 1 76  ? 4.562   -1.334  10.507  1.00 28.54 ? 76  PRO A O   1 
ATOM   484  C  CB  . PRO A 1 76  ? 4.046   -1.609  13.551  1.00 38.59 ? 76  PRO A CB  1 
ATOM   485  C  CG  . PRO A 1 76  ? 2.684   -1.103  13.197  1.00 39.96 ? 76  PRO A CG  1 
ATOM   486  C  CD  . PRO A 1 76  ? 2.778   0.376   12.872  1.00 39.35 ? 76  PRO A CD  1 
ATOM   487  N  N   . LEU A 1 77  ? 6.630   -1.808  11.310  1.00 28.43 ? 77  LEU A N   1 
ATOM   488  C  CA  . LEU A 1 77  ? 7.056   -2.571  10.109  1.00 29.44 ? 77  LEU A CA  1 
ATOM   489  C  C   . LEU A 1 77  ? 6.214   -3.821  10.058  1.00 24.96 ? 77  LEU A C   1 
ATOM   490  O  O   . LEU A 1 77  ? 6.177   -4.584  10.982  1.00 23.45 ? 77  LEU A O   1 
ATOM   491  C  CB  . LEU A 1 77  ? 8.547   -2.929  10.145  1.00 32.03 ? 77  LEU A CB  1 
ATOM   492  C  CG  . LEU A 1 77  ? 9.409   -1.722  9.706   1.00 33.76 ? 77  LEU A CG  1 
ATOM   493  C  CD1 . LEU A 1 77  ? 10.851  -1.888  10.185  1.00 34.26 ? 77  LEU A CD1 1 
ATOM   494  C  CD2 . LEU A 1 77  ? 9.355   -1.481  8.180   1.00 32.86 ? 77  LEU A CD2 1 
ATOM   495  N  N   . THR A 1 78  ? 5.434   -3.964  9.031   1.00 26.04 ? 78  THR A N   1 
ATOM   496  C  CA  . THR A 1 78  ? 4.432   -5.010  9.009   1.00 25.63 ? 78  THR A CA  1 
ATOM   497  C  C   . THR A 1 78  ? 4.433   -5.625  7.642   1.00 25.74 ? 78  THR A C   1 
ATOM   498  O  O   . THR A 1 78  ? 4.535   -4.897  6.655   1.00 23.39 ? 78  THR A O   1 
ATOM   499  C  CB  . THR A 1 78  ? 3.041   -4.403  9.222   1.00 27.17 ? 78  THR A CB  1 
ATOM   500  O  OG1 . THR A 1 78  ? 3.017   -3.604  10.428  1.00 28.97 ? 78  THR A OG1 1 
ATOM   501  C  CG2 . THR A 1 78  ? 2.021   -5.517  9.297   1.00 28.95 ? 78  THR A CG2 1 
ATOM   502  N  N   . ALA A 1 79  ? 4.175   -6.930  7.563   1.00 26.07 ? 79  ALA A N   1 
ATOM   503  C  CA  . ALA A 1 79  ? 3.809   -7.560  6.265   1.00 24.85 ? 79  ALA A CA  1 
ATOM   504  C  C   . ALA A 1 79  ? 2.450   -8.197  6.390   1.00 26.90 ? 79  ALA A C   1 
ATOM   505  O  O   . ALA A 1 79  ? 2.225   -8.947  7.336   1.00 30.62 ? 79  ALA A O   1 
ATOM   506  C  CB  . ALA A 1 79  ? 4.822   -8.599  5.862   1.00 24.06 ? 79  ALA A CB  1 
ATOM   507  N  N   . LEU A 1 80  ? 1.551   -7.911  5.439   1.00 26.68 ? 80  LEU A N   1 
ATOM   508  C  CA  . LEU A 1 80  ? 0.135   -8.196  5.616   1.00 24.21 ? 80  LEU A CA  1 
ATOM   509  C  C   . LEU A 1 80  ? -0.430  -8.823  4.367   1.00 24.38 ? 80  LEU A C   1 
ATOM   510  O  O   . LEU A 1 80  ? -0.327  -8.256  3.265   1.00 22.05 ? 80  LEU A O   1 
ATOM   511  C  CB  . LEU A 1 80  ? -0.625  -6.920  5.907   1.00 26.98 ? 80  LEU A CB  1 
ATOM   512  C  CG  . LEU A 1 80  ? -2.123  -7.080  6.138   1.00 30.03 ? 80  LEU A CG  1 
ATOM   513  C  CD1 . LEU A 1 80  ? -2.427  -7.903  7.392   1.00 31.12 ? 80  LEU A CD1 1 
ATOM   514  C  CD2 . LEU A 1 80  ? -2.719  -5.718  6.248   1.00 32.18 ? 80  LEU A CD2 1 
ATOM   515  N  N   . ALA A 1 81  ? -1.025  -10.002 4.551   1.00 24.44 ? 81  ALA A N   1 
ATOM   516  C  CA  . ALA A 1 81  ? -1.620  -10.769 3.461   1.00 23.40 ? 81  ALA A CA  1 
ATOM   517  C  C   . ALA A 1 81  ? -3.147  -10.847 3.664   1.00 24.42 ? 81  ALA A C   1 
ATOM   518  O  O   . ALA A 1 81  ? -3.660  -10.783 4.816   1.00 22.76 ? 81  ALA A O   1 
ATOM   519  C  CB  . ALA A 1 81  ? -1.029  -12.143 3.404   1.00 22.83 ? 81  ALA A CB  1 
ATOM   520  N  N   . ASN A 1 82  ? -3.827  -10.970 2.523   1.00 22.22 ? 82  ASN A N   1 
ATOM   521  C  CA  . ASN A 1 82  ? -5.257  -11.158 2.446   1.00 25.58 ? 82  ASN A CA  1 
ATOM   522  C  C   . ASN A 1 82  ? -5.972  -10.136 3.291   1.00 26.27 ? 82  ASN A C   1 
ATOM   523  O  O   . ASN A 1 82  ? -6.806  -10.486 4.115   1.00 26.58 ? 82  ASN A O   1 
ATOM   524  C  CB  . ASN A 1 82  ? -5.631  -12.594 2.837   1.00 24.40 ? 82  ASN A CB  1 
ATOM   525  C  CG  . ASN A 1 82  ? -4.974  -13.624 1.958   1.00 25.86 ? 82  ASN A CG  1 
ATOM   526  O  OD1 . ASN A 1 82  ? -4.548  -13.328 0.842   1.00 27.35 ? 82  ASN A OD1 1 
ATOM   527  N  ND2 . ASN A 1 82  ? -4.835  -14.839 2.469   1.00 25.01 ? 82  ASN A ND2 1 
ATOM   528  N  N   . ALA A 1 83  ? -5.589  -8.873  3.107   1.00 28.23 ? 83  ALA A N   1 
ATOM   529  C  CA  . ALA A 1 83  ? -6.085  -7.758  3.928   1.00 29.16 ? 83  ALA A CA  1 
ATOM   530  C  C   . ALA A 1 83  ? -7.552  -7.454  3.696   1.00 31.32 ? 83  ALA A C   1 
ATOM   531  O  O   . ALA A 1 83  ? -8.029  -7.487  2.570   1.00 34.21 ? 83  ALA A O   1 
ATOM   532  C  CB  . ALA A 1 83  ? -5.285  -6.493  3.663   1.00 28.01 ? 83  ALA A CB  1 
ATOM   533  N  N   . GLN A 1 84  ? -8.254  -7.159  4.776   1.00 35.43 ? 84  GLN A N   1 
ATOM   534  C  CA  . GLN A 1 84  ? -9.555  -6.502  4.765   1.00 36.45 ? 84  GLN A CA  1 
ATOM   535  C  C   . GLN A 1 84  ? -9.469  -5.253  5.621   1.00 34.00 ? 84  GLN A C   1 
ATOM   536  O  O   . GLN A 1 84  ? -8.776  -5.273  6.636   1.00 32.83 ? 84  GLN A O   1 
ATOM   537  C  CB  . GLN A 1 84  ? -10.556 -7.386  5.455   1.00 41.19 ? 84  GLN A CB  1 
ATOM   538  C  CG  . GLN A 1 84  ? -10.668 -8.796  4.949   1.00 43.91 ? 84  GLN A CG  1 
ATOM   539  C  CD  . GLN A 1 84  ? -11.495 -9.647  5.912   1.00 56.12 ? 84  GLN A CD  1 
ATOM   540  O  OE1 . GLN A 1 84  ? -11.447 -10.886 5.850   1.00 53.13 ? 84  GLN A OE1 1 
ATOM   541  N  NE2 . GLN A 1 84  ? -12.224 -8.976  6.859   1.00 56.43 ? 84  GLN A NE2 1 
ATOM   542  N  N   . ILE A 1 85  ? -10.214 -4.213  5.248   1.00 34.14 ? 85  ILE A N   1 
ATOM   543  C  CA  . ILE A 1 85  ? -10.237 -2.905  5.936   1.00 38.96 ? 85  ILE A CA  1 
ATOM   544  C  C   . ILE A 1 85  ? -11.716 -2.526  6.191   1.00 35.33 ? 85  ILE A C   1 
ATOM   545  O  O   . ILE A 1 85  ? -12.574 -2.801  5.357   1.00 34.34 ? 85  ILE A O   1 
ATOM   546  C  CB  . ILE A 1 85  ? -9.473  -1.758  5.164   1.00 46.87 ? 85  ILE A CB  1 
ATOM   547  C  CG1 . ILE A 1 85  ? -9.481  -1.923  3.650   1.00 52.63 ? 85  ILE A CG1 1 
ATOM   548  C  CG2 . ILE A 1 85  ? -8.006  -1.774  5.480   1.00 49.43 ? 85  ILE A CG2 1 
ATOM   549  C  CD1 . ILE A 1 85  ? -10.853 -1.927  3.015   1.00 60.34 ? 85  ILE A CD1 1 
ATOM   550  N  N   . GLU A 1 86  ? -11.993 -1.936  7.354   1.00 32.62 ? 86  GLU A N   1 
ATOM   551  C  CA  . GLU A 1 86  ? -13.357 -1.517  7.794   1.00 31.32 ? 86  GLU A CA  1 
ATOM   552  C  C   . GLU A 1 86  ? -13.150 -0.101  8.309   1.00 29.35 ? 86  GLU A C   1 
ATOM   553  O  O   . GLU A 1 86  ? -12.323 0.132   9.172   1.00 31.16 ? 86  GLU A O   1 
ATOM   554  C  CB  . GLU A 1 86  ? -13.921 -2.430  8.934   1.00 27.70 ? 86  GLU A CB  1 
ATOM   555  N  N   . PRO A 1 87  ? -13.843 0.875   7.751   1.00 32.85 ? 87  PRO A N   1 
ATOM   556  C  CA  . PRO A 1 87  ? -13.707 2.195   8.412   1.00 31.72 ? 87  PRO A CA  1 
ATOM   557  C  C   . PRO A 1 87  ? -14.384 2.125   9.772   1.00 31.03 ? 87  PRO A C   1 
ATOM   558  O  O   . PRO A 1 87  ? -15.338 1.413   9.892   1.00 27.09 ? 87  PRO A O   1 
ATOM   559  C  CB  . PRO A 1 87  ? -14.488 3.129   7.490   1.00 31.83 ? 87  PRO A CB  1 
ATOM   560  C  CG  . PRO A 1 87  ? -15.512 2.231   6.883   1.00 35.07 ? 87  PRO A CG  1 
ATOM   561  C  CD  . PRO A 1 87  ? -14.800 0.915   6.625   1.00 33.21 ? 87  PRO A CD  1 
ATOM   562  N  N   . LEU A 1 88  ? -13.901 2.884   10.756  1.00 31.08 ? 88  LEU A N   1 
ATOM   563  C  CA  . LEU A 1 88  ? -14.520 2.967   12.090  1.00 33.25 ? 88  LEU A CA  1 
ATOM   564  C  C   . LEU A 1 88  ? -15.379 4.211   12.407  1.00 35.46 ? 88  LEU A C   1 
ATOM   565  O  O   . LEU A 1 88  ? -16.033 4.220   13.446  1.00 34.64 ? 88  LEU A O   1 
ATOM   566  C  CB  . LEU A 1 88  ? -13.437 2.848   13.166  1.00 32.83 ? 88  LEU A CB  1 
ATOM   567  C  CG  . LEU A 1 88  ? -12.784 1.471   13.146  1.00 31.84 ? 88  LEU A CG  1 
ATOM   568  C  CD1 . LEU A 1 88  ? -11.764 1.431   14.256  1.00 33.47 ? 88  LEU A CD1 1 
ATOM   569  C  CD2 . LEU A 1 88  ? -13.786 0.307   13.232  1.00 30.07 ? 88  LEU A CD2 1 
ATOM   570  N  N   . SER A 1 89  ? -15.328 5.250   11.565  1.00 34.86 ? 89  SER A N   1 
ATOM   571  C  CA  . SER A 1 89  ? -16.330 6.326   11.559  1.00 35.01 ? 89  SER A CA  1 
ATOM   572  C  C   . SER A 1 89  ? -16.437 6.805   10.154  1.00 40.99 ? 89  SER A C   1 
ATOM   573  O  O   . SER A 1 89  ? -15.795 6.247   9.254   1.00 37.35 ? 89  SER A O   1 
ATOM   574  C  CB  . SER A 1 89  ? -16.007 7.494   12.532  1.00 32.54 ? 89  SER A CB  1 
ATOM   575  O  OG  . SER A 1 89  ? -15.023 8.381   12.103  1.00 28.77 ? 89  SER A OG  1 
ATOM   576  N  N   . ASP A 1 90  ? -17.233 7.848   9.965   1.00 45.83 ? 90  ASP A N   1 
ATOM   577  C  CA  . ASP A 1 90  ? -17.332 8.498   8.674   1.00 46.16 ? 90  ASP A CA  1 
ATOM   578  C  C   . ASP A 1 90  ? -16.326 9.643   8.518   1.00 42.17 ? 90  ASP A C   1 
ATOM   579  O  O   . ASP A 1 90  ? -16.230 10.190  7.425   1.00 46.10 ? 90  ASP A O   1 
ATOM   580  C  CB  . ASP A 1 90  ? -18.781 8.954   8.402   1.00 55.92 ? 90  ASP A CB  1 
ATOM   581  C  CG  . ASP A 1 90  ? -19.447 8.175   7.240   1.00 65.33 ? 90  ASP A CG  1 
ATOM   582  O  OD1 . ASP A 1 90  ? -18.801 7.933   6.183   1.00 73.49 ? 90  ASP A OD1 1 
ATOM   583  O  OD2 . ASP A 1 90  ? -20.642 7.832   7.370   1.00 75.13 ? 90  ASP A OD2 1 
ATOM   584  N  N   . GLU A 1 91  ? -15.541 9.969   9.554   1.00 35.01 ? 91  GLU A N   1 
ATOM   585  C  CA  . GLU A 1 91  ? -14.560 11.046  9.470   1.00 34.87 ? 91  GLU A CA  1 
ATOM   586  C  C   . GLU A 1 91  ? -13.426 10.778  8.444   1.00 36.04 ? 91  GLU A C   1 
ATOM   587  O  O   . GLU A 1 91  ? -12.742 9.743   8.475   1.00 37.95 ? 91  GLU A O   1 
ATOM   588  C  CB  . GLU A 1 91  ? -13.946 11.312  10.836  1.00 37.35 ? 91  GLU A CB  1 
ATOM   589  C  CG  . GLU A 1 91  ? -13.376 12.741  11.021  1.00 39.98 ? 91  GLU A CG  1 
ATOM   590  C  CD  . GLU A 1 91  ? -12.840 12.945  12.432  1.00 44.61 ? 91  GLU A CD  1 
ATOM   591  O  OE1 . GLU A 1 91  ? -12.251 14.013  12.740  1.00 47.36 ? 91  GLU A OE1 1 
ATOM   592  O  OE2 . GLU A 1 91  ? -13.018 12.003  13.259  1.00 46.45 ? 91  GLU A OE2 1 
ATOM   593  N  N   . MET A 1 92  ? -13.280 11.710  7.509   1.00 38.17 ? 92  MET A N   1 
ATOM   594  C  CA  . MET A 1 92  ? -12.214 11.721  6.530   1.00 35.31 ? 92  MET A CA  1 
ATOM   595  C  C   . MET A 1 92  ? -11.223 12.813  6.930   1.00 34.11 ? 92  MET A C   1 
ATOM   596  O  O   . MET A 1 92  ? -11.576 13.805  7.499   1.00 28.68 ? 92  MET A O   1 
ATOM   597  C  CB  . MET A 1 92  ? -12.728 12.049  5.148   1.00 38.08 ? 92  MET A CB  1 
ATOM   598  C  CG  . MET A 1 92  ? -13.923 11.243  4.674   1.00 46.41 ? 92  MET A CG  1 
ATOM   599  S  SD  . MET A 1 92  ? -13.497 9.662   3.944   1.00 51.91 ? 92  MET A SD  1 
ATOM   600  C  CE  . MET A 1 92  ? -13.242 10.099  2.247   1.00 56.59 ? 92  MET A CE  1 
ATOM   601  N  N   . GLU A 1 93  ? -9.982  12.624  6.556   1.00 34.35 ? 93  GLU A N   1 
ATOM   602  C  CA  . GLU A 1 93  ? -8.988  13.585  6.732   1.00 34.44 ? 93  GLU A CA  1 
ATOM   603  C  C   . GLU A 1 93  ? -8.196  13.715  5.418   1.00 39.27 ? 93  GLU A C   1 
ATOM   604  O  O   . GLU A 1 93  ? -7.979  12.704  4.701   1.00 34.29 ? 93  GLU A O   1 
ATOM   605  C  CB  . GLU A 1 93  ? -8.116  13.033  7.785   1.00 37.42 ? 93  GLU A CB  1 
ATOM   606  C  CG  . GLU A 1 93  ? -7.329  14.085  8.472   1.00 44.61 ? 93  GLU A CG  1 
ATOM   607  C  CD  . GLU A 1 93  ? -6.668  13.539  9.711   1.00 51.66 ? 93  GLU A CD  1 
ATOM   608  O  OE1 . GLU A 1 93  ? -6.095  12.387  9.654   1.00 49.83 ? 93  GLU A OE1 1 
ATOM   609  O  OE2 . GLU A 1 93  ? -6.758  14.287  10.723  1.00 54.41 ? 93  GLU A OE2 1 
ATOM   610  N  N   . ASN A 1 94  ? -7.761  14.946  5.112   1.00 36.44 ? 94  ASN A N   1 
ATOM   611  C  CA  . ASN A 1 94  ? -6.854  15.197  3.986   1.00 32.82 ? 94  ASN A CA  1 
ATOM   612  C  C   . ASN A 1 94  ? -5.408  15.074  4.363   1.00 30.40 ? 94  ASN A C   1 
ATOM   613  O  O   . ASN A 1 94  ? -5.002  15.447  5.432   1.00 35.89 ? 94  ASN A O   1 
ATOM   614  C  CB  . ASN A 1 94  ? -7.064  16.584  3.439   1.00 32.91 ? 94  ASN A CB  1 
ATOM   615  C  CG  . ASN A 1 94  ? -8.367  16.710  2.721   1.00 33.66 ? 94  ASN A CG  1 
ATOM   616  O  OD1 . ASN A 1 94  ? -8.819  15.801  2.002   1.00 36.50 ? 94  ASN A OD1 1 
ATOM   617  N  ND2 . ASN A 1 94  ? -8.981  17.827  2.903   1.00 30.21 ? 94  ASN A ND2 1 
ATOM   618  N  N   . GLY A 1 95  ? -4.605  14.582  3.453   1.00 27.53 ? 95  GLY A N   1 
ATOM   619  C  CA  . GLY A 1 95  ? -3.180  14.486  3.687   1.00 25.91 ? 95  GLY A CA  1 
ATOM   620  C  C   . GLY A 1 95  ? -2.483  14.240  2.370   1.00 25.63 ? 95  GLY A C   1 
ATOM   621  O  O   . GLY A 1 95  ? -3.096  13.838  1.399   1.00 24.53 ? 95  GLY A O   1 
ATOM   622  N  N   . TRP A 1 96  ? -1.199  14.514  2.348   1.00 27.42 ? 96  TRP A N   1 
ATOM   623  C  CA  . TRP A 1 96  ? -0.360  14.239  1.190   1.00 28.08 ? 96  TRP A CA  1 
ATOM   624  C  C   . TRP A 1 96  ? -0.112  12.769  0.869   1.00 30.68 ? 96  TRP A C   1 
ATOM   625  O  O   . TRP A 1 96  ? 0.153   11.957  1.758   1.00 29.79 ? 96  TRP A O   1 
ATOM   626  C  CB  . TRP A 1 96  ? 0.966   14.924  1.419   1.00 27.54 ? 96  TRP A CB  1 
ATOM   627  C  CG  . TRP A 1 96  ? 0.783   16.436  1.354   1.00 32.79 ? 96  TRP A CG  1 
ATOM   628  C  CD1 . TRP A 1 96  ? 0.798   17.313  2.390   1.00 33.75 ? 96  TRP A CD1 1 
ATOM   629  C  CD2 . TRP A 1 96  ? 0.542   17.227  0.158   1.00 34.27 ? 96  TRP A CD2 1 
ATOM   630  N  NE1 . TRP A 1 96  ? 0.587   18.610  1.920   1.00 36.71 ? 96  TRP A NE1 1 
ATOM   631  C  CE2 . TRP A 1 96  ? 0.442   18.581  0.559   1.00 36.56 ? 96  TRP A CE2 1 
ATOM   632  C  CE3 . TRP A 1 96  ? 0.394   16.917  -1.194  1.00 30.48 ? 96  TRP A CE3 1 
ATOM   633  C  CZ2 . TRP A 1 96  ? 0.208   19.619  -0.351  1.00 35.10 ? 96  TRP A CZ2 1 
ATOM   634  C  CZ3 . TRP A 1 96  ? 0.175   17.946  -2.087  1.00 34.08 ? 96  TRP A CZ3 1 
ATOM   635  C  CH2 . TRP A 1 96  ? 0.081   19.283  -1.665  1.00 31.65 ? 96  TRP A CH2 1 
ATOM   636  N  N   . GLU A 1 97  ? -0.131  12.418  -0.405  1.00 31.81 ? 97  GLU A N   1 
ATOM   637  C  CA  . GLU A 1 97  ? 0.361   11.072  -0.800  1.00 31.92 ? 97  GLU A CA  1 
ATOM   638  C  C   . GLU A 1 97  ? 1.245   11.141  -2.019  1.00 31.14 ? 97  GLU A C   1 
ATOM   639  O  O   . GLU A 1 97  ? 1.216   12.132  -2.748  1.00 29.63 ? 97  GLU A O   1 
ATOM   640  C  CB  . GLU A 1 97  ? -0.815  10.132  -1.094  1.00 32.30 ? 97  GLU A CB  1 
ATOM   641  C  CG  . GLU A 1 97  ? -1.781  10.015  0.107   1.00 34.32 ? 97  GLU A CG  1 
ATOM   642  C  CD  . GLU A 1 97  ? -2.828  8.888   -0.039  1.00 34.98 ? 97  GLU A CD  1 
ATOM   643  O  OE1 . GLU A 1 97  ? -2.731  8.075   -0.989  1.00 33.05 ? 97  GLU A OE1 1 
ATOM   644  O  OE2 . GLU A 1 97  ? -3.761  8.806   0.811   1.00 33.36 ? 97  GLU A OE2 1 
ATOM   645  N  N   . GLY A 1 98  ? 2.043   10.093  -2.207  1.00 31.03 ? 98  GLY A N   1 
ATOM   646  C  CA  . GLY A 1 98  ? 2.730   9.779   -3.450  1.00 30.71 ? 98  GLY A CA  1 
ATOM   647  C  C   . GLY A 1 98  ? 2.659   8.281   -3.760  1.00 33.71 ? 98  GLY A C   1 
ATOM   648  O  O   . GLY A 1 98  ? 1.926   7.529   -3.144  1.00 34.44 ? 98  GLY A O   1 
HETATM 649  N  N   . CSD A 1 99  ? 3.426   7.851   -4.736  1.00 31.29 ? 99  CSD A N   1 
HETATM 650  C  CA  . CSD A 1 99  ? 3.291   6.515   -5.274  1.00 34.83 ? 99  CSD A CA  1 
HETATM 651  C  CB  . CSD A 1 99  ? 2.084   6.376   -6.215  1.00 35.85 ? 99  CSD A CB  1 
HETATM 652  S  SG  . CSD A 1 99  ? 1.310   4.835   -6.211  1.00 36.28 ? 99  CSD A SG  1 
HETATM 653  C  C   . CSD A 1 99  ? 4.627   6.268   -5.945  1.00 35.58 ? 99  CSD A C   1 
HETATM 654  O  O   . CSD A 1 99  ? 5.087   7.065   -6.771  1.00 30.32 ? 99  CSD A O   1 
HETATM 655  O  OD1 . CSD A 1 99  ? 2.443   4.079   -6.738  1.00 41.89 ? 99  CSD A OD1 1 
HETATM 656  O  OD2 . CSD A 1 99  ? 0.729   4.874   -7.757  1.00 46.61 ? 99  CSD A OD2 1 
ATOM   657  N  N   . LEU A 1 100 ? 5.259   5.164   -5.566  1.00 33.05 ? 100 LEU A N   1 
ATOM   658  C  CA  . LEU A 1 100 ? 6.502   4.774   -6.169  1.00 33.83 ? 100 LEU A CA  1 
ATOM   659  C  C   . LEU A 1 100 ? 6.249   4.437   -7.634  1.00 30.21 ? 100 LEU A C   1 
ATOM   660  O  O   . LEU A 1 100 ? 7.178   4.468   -8.428  1.00 26.61 ? 100 LEU A O   1 
ATOM   661  C  CB  . LEU A 1 100 ? 7.118   3.577   -5.447  1.00 35.06 ? 100 LEU A CB  1 
ATOM   662  C  CG  . LEU A 1 100 ? 7.440   3.873   -4.001  1.00 39.12 ? 100 LEU A CG  1 
ATOM   663  C  CD1 . LEU A 1 100 ? 7.762   2.568   -3.253  1.00 40.54 ? 100 LEU A CD1 1 
ATOM   664  C  CD2 . LEU A 1 100 ? 8.558   4.915   -3.931  1.00 41.95 ? 100 LEU A CD2 1 
ATOM   665  N  N   . SER A 1 101 ? 5.010   4.121   -7.984  1.00 28.31 ? 101 SER A N   1 
ATOM   666  C  CA  . SER A 1 101 ? 4.634   3.907   -9.390  1.00 31.91 ? 101 SER A CA  1 
ATOM   667  C  C   . SER A 1 101 ? 4.320   5.210   -10.157 1.00 32.44 ? 101 SER A C   1 
ATOM   668  O  O   . SER A 1 101 ? 4.146   5.153   -11.365 1.00 30.55 ? 101 SER A O   1 
ATOM   669  C  CB  . SER A 1 101 ? 3.469   2.878   -9.483  1.00 31.83 ? 101 SER A CB  1 
ATOM   670  O  OG  . SER A 1 101 ? 3.877   1.605   -8.938  1.00 29.72 ? 101 SER A OG  1 
ATOM   671  N  N   . ILE A 1 102 ? 4.272   6.364   -9.458  1.00 36.16 ? 102 ILE A N   1 
ATOM   672  C  CA  . ILE A 1 102 ? 4.063   7.688   -10.044 1.00 34.95 ? 102 ILE A CA  1 
ATOM   673  C  C   . ILE A 1 102 ? 5.163   8.622   -9.518  1.00 35.12 ? 102 ILE A C   1 
ATOM   674  O  O   . ILE A 1 102 ? 4.874   9.578   -8.799  1.00 34.85 ? 102 ILE A O   1 
ATOM   675  C  CB  . ILE A 1 102 ? 2.674   8.256   -9.676  1.00 39.90 ? 102 ILE A CB  1 
ATOM   676  C  CG1 . ILE A 1 102 ? 1.520   7.298   -10.015 1.00 44.66 ? 102 ILE A CG1 1 
ATOM   677  C  CG2 . ILE A 1 102 ? 2.399   9.539   -10.454 1.00 42.20 ? 102 ILE A CG2 1 
ATOM   678  C  CD1 . ILE A 1 102 ? 0.223   7.635   -9.286  1.00 45.49 ? 102 ILE A CD1 1 
ATOM   679  N  N   . PRO A 1 103 ? 6.438   8.353   -9.850  1.00 36.62 ? 103 PRO A N   1 
ATOM   680  C  CA  . PRO A 1 103 ? 7.553   9.042   -9.112  1.00 35.98 ? 103 PRO A CA  1 
ATOM   681  C  C   . PRO A 1 103 ? 7.592   10.532  -9.359  1.00 35.26 ? 103 PRO A C   1 
ATOM   682  O  O   . PRO A 1 103 ? 7.378   10.938  -10.468 1.00 37.97 ? 103 PRO A O   1 
ATOM   683  C  CB  . PRO A 1 103 ? 8.840   8.405   -9.676  1.00 38.25 ? 103 PRO A CB  1 
ATOM   684  C  CG  . PRO A 1 103 ? 8.418   7.638   -10.906 1.00 38.41 ? 103 PRO A CG  1 
ATOM   685  C  CD  . PRO A 1 103 ? 6.941   7.308   -10.761 1.00 38.12 ? 103 PRO A CD  1 
ATOM   686  N  N   . GLY A 1 104 ? 7.830   11.337  -8.340  1.00 33.02 ? 104 GLY A N   1 
ATOM   687  C  CA  . GLY A 1 104 ? 7.953   12.729  -8.524  1.00 32.45 ? 104 GLY A CA  1 
ATOM   688  C  C   . GLY A 1 104 ? 6.696   13.455  -8.170  1.00 32.65 ? 104 GLY A C   1 
ATOM   689  O  O   . GLY A 1 104 ? 6.759   14.628  -7.802  1.00 33.38 ? 104 GLY A O   1 
ATOM   690  N  N   . LEU A 1 105 ? 5.546   12.802  -8.232  1.00 31.09 ? 105 LEU A N   1 
ATOM   691  C  CA  . LEU A 1 105 ? 4.302   13.526  -7.939  1.00 31.96 ? 105 LEU A CA  1 
ATOM   692  C  C   . LEU A 1 105 ? 3.774   13.379  -6.519  1.00 32.84 ? 105 LEU A C   1 
ATOM   693  O  O   . LEU A 1 105 ? 4.121   12.448  -5.795  1.00 35.61 ? 105 LEU A O   1 
ATOM   694  C  CB  . LEU A 1 105 ? 3.241   13.167  -8.982  1.00 34.09 ? 105 LEU A CB  1 
ATOM   695  C  CG  . LEU A 1 105 ? 3.655   13.605  -10.404 1.00 39.03 ? 105 LEU A CG  1 
ATOM   696  C  CD1 . LEU A 1 105 ? 2.748   12.985  -11.427 1.00 44.14 ? 105 LEU A CD1 1 
ATOM   697  C  CD2 . LEU A 1 105 ? 3.597   15.124  -10.570 1.00 43.21 ? 105 LEU A CD2 1 
ATOM   698  N  N   . ARG A 1 106 ? 2.942   14.329  -6.109  1.00 35.33 ? 106 ARG A N   1 
ATOM   699  C  CA  . ARG A 1 106 ? 2.234   14.205  -4.889  1.00 35.89 ? 106 ARG A CA  1 
ATOM   700  C  C   . ARG A 1 106 ? 0.876   14.929  -5.014  1.00 34.44 ? 106 ARG A C   1 
ATOM   701  O  O   . ARG A 1 106 ? 0.729   15.803  -5.836  1.00 31.44 ? 106 ARG A O   1 
ATOM   702  C  CB  . ARG A 1 106 ? 3.157   14.614  -3.726  1.00 42.57 ? 106 ARG A CB  1 
ATOM   703  C  CG  . ARG A 1 106 ? 3.158   16.068  -3.366  1.00 53.98 ? 106 ARG A CG  1 
ATOM   704  C  CD  . ARG A 1 106 ? 4.310   16.444  -2.396  1.00 69.47 ? 106 ARG A CD  1 
ATOM   705  N  NE  . ARG A 1 106 ? 4.056   17.582  -1.461  1.00 71.16 ? 106 ARG A NE  1 
ATOM   706  C  CZ  . ARG A 1 106 ? 4.886   17.987  -0.490  1.00 77.88 ? 106 ARG A CZ  1 
ATOM   707  N  NH1 . ARG A 1 106 ? 4.521   18.991  0.303   1.00 73.61 ? 106 ARG A NH1 1 
ATOM   708  N  NH2 . ARG A 1 106 ? 6.072   17.386  -0.281  1.00 88.51 ? 106 ARG A NH2 1 
ATOM   709  N  N   . ALA A 1 107 ? -0.146  14.446  -4.290  1.00 32.02 ? 107 ALA A N   1 
ATOM   710  C  CA  . ALA A 1 107 ? -1.453  15.087  -4.185  1.00 27.15 ? 107 ALA A CA  1 
ATOM   711  C  C   . ALA A 1 107 ? -2.039  14.973  -2.794  1.00 27.94 ? 107 ALA A C   1 
ATOM   712  O  O   . ALA A 1 107 ? -1.577  14.176  -1.970  1.00 31.57 ? 107 ALA A O   1 
ATOM   713  C  CB  . ALA A 1 107 ? -2.425  14.507  -5.179  1.00 25.45 ? 107 ALA A CB  1 
ATOM   714  N  N   . VAL A 1 108 ? -3.056  15.779  -2.531  1.00 24.99 ? 108 VAL A N   1 
ATOM   715  C  CA  . VAL A 1 108 ? -3.788  15.668  -1.306  1.00 26.09 ? 108 VAL A CA  1 
ATOM   716  C  C   . VAL A 1 108 ? -4.933  14.761  -1.552  1.00 25.40 ? 108 VAL A C   1 
ATOM   717  O  O   . VAL A 1 108 ? -5.632  14.916  -2.502  1.00 23.78 ? 108 VAL A O   1 
ATOM   718  C  CB  . VAL A 1 108 ? -4.350  17.008  -0.773  1.00 25.10 ? 108 VAL A CB  1 
ATOM   719  C  CG1 . VAL A 1 108 ? -5.390  16.740  0.312   1.00 24.76 ? 108 VAL A CG1 1 
ATOM   720  C  CG2 . VAL A 1 108 ? -3.208  17.852  -0.208  1.00 24.00 ? 108 VAL A CG2 1 
ATOM   721  N  N   . ILE A 1 109 ? -5.172  13.870  -0.605  1.00 29.88 ? 109 ILE A N   1 
ATOM   722  C  CA  . ILE A 1 109 ? -6.146  12.794  -0.780  1.00 29.16 ? 109 ILE A CA  1 
ATOM   723  C  C   . ILE A 1 109 ? -6.942  12.662  0.510   1.00 30.44 ? 109 ILE A C   1 
ATOM   724  O  O   . ILE A 1 109 ? -6.367  12.494  1.616   1.00 27.09 ? 109 ILE A O   1 
ATOM   725  C  CB  . ILE A 1 109 ? -5.427  11.440  -1.035  1.00 27.99 ? 109 ILE A CB  1 
ATOM   726  C  CG1 . ILE A 1 109 ? -4.468  11.505  -2.238  1.00 29.92 ? 109 ILE A CG1 1 
ATOM   727  C  CG2 . ILE A 1 109 ? -6.438  10.321  -1.293  1.00 29.40 ? 109 ILE A CG2 1 
ATOM   728  C  CD1 . ILE A 1 109 ? -5.210  11.691  -3.564  1.00 30.20 ? 109 ILE A CD1 1 
ATOM   729  N  N   . PRO A 1 110 ? -8.262  12.701  0.389   1.00 32.18 ? 110 PRO A N   1 
ATOM   730  C  CA  . PRO A 1 110 ? -9.074  12.316  1.550   1.00 32.19 ? 110 PRO A CA  1 
ATOM   731  C  C   . PRO A 1 110 ? -9.105  10.766  1.858   1.00 30.48 ? 110 PRO A C   1 
ATOM   732  O  O   . PRO A 1 110 ? -9.374  9.942   0.990   1.00 33.52 ? 110 PRO A O   1 
ATOM   733  C  CB  . PRO A 1 110 ? -10.445 12.800  1.137   1.00 30.44 ? 110 PRO A CB  1 
ATOM   734  C  CG  . PRO A 1 110 ? -10.483 12.514  -0.328  1.00 30.38 ? 110 PRO A CG  1 
ATOM   735  C  CD  . PRO A 1 110 ? -9.091  12.836  -0.827  1.00 31.08 ? 110 PRO A CD  1 
ATOM   736  N  N   . ARG A 1 111 ? -8.833  10.403  3.093   1.00 29.61 ? 111 ARG A N   1 
ATOM   737  C  CA  . ARG A 1 111 ? -8.944  9.026   3.553   1.00 31.08 ? 111 ARG A CA  1 
ATOM   738  C  C   . ARG A 1 111 ? -9.675  9.021   4.886   1.00 32.06 ? 111 ARG A C   1 
ATOM   739  O  O   . ARG A 1 111 ? -9.727  10.046  5.570   1.00 33.27 ? 111 ARG A O   1 
ATOM   740  C  CB  . ARG A 1 111 ? -7.553  8.453   3.823   1.00 29.28 ? 111 ARG A CB  1 
ATOM   741  C  CG  . ARG A 1 111 ? -6.564  8.450   2.664   1.00 28.19 ? 111 ARG A CG  1 
ATOM   742  C  CD  . ARG A 1 111 ? -6.944  7.373   1.659   1.00 28.44 ? 111 ARG A CD  1 
ATOM   743  N  NE  . ARG A 1 111 ? -5.933  7.261   0.632   1.00 30.03 ? 111 ARG A NE  1 
ATOM   744  C  CZ  . ARG A 1 111 ? -5.974  6.432   -0.428  1.00 29.58 ? 111 ARG A CZ  1 
ATOM   745  N  NH1 . ARG A 1 111 ? -6.981  5.604   -0.620  1.00 25.13 ? 111 ARG A NH1 1 
ATOM   746  N  NH2 . ARG A 1 111 ? -4.971  6.469   -1.333  1.00 30.45 ? 111 ARG A NH2 1 
ATOM   747  N  N   . TYR A 1 112 ? -10.168 7.851   5.269   1.00 28.63 ? 112 TYR A N   1 
ATOM   748  C  CA  . TYR A 1 112 ? -10.696 7.643   6.576   1.00 29.34 ? 112 TYR A CA  1 
ATOM   749  C  C   . TYR A 1 112 ? -9.635  7.834   7.650   1.00 30.27 ? 112 TYR A C   1 
ATOM   750  O  O   . TYR A 1 112 ? -8.519  7.293   7.577   1.00 30.31 ? 112 TYR A O   1 
ATOM   751  C  CB  . TYR A 1 112 ? -11.262 6.230   6.738   1.00 29.69 ? 112 TYR A CB  1 
ATOM   752  C  CG  . TYR A 1 112 ? -12.453 5.949   5.877   1.00 29.10 ? 112 TYR A CG  1 
ATOM   753  C  CD1 . TYR A 1 112 ? -13.697 6.456   6.209   1.00 29.86 ? 112 TYR A CD1 1 
ATOM   754  C  CD2 . TYR A 1 112 ? -12.335 5.139   4.733   1.00 32.87 ? 112 TYR A CD2 1 
ATOM   755  C  CE1 . TYR A 1 112 ? -14.805 6.192   5.433   1.00 33.86 ? 112 TYR A CE1 1 
ATOM   756  C  CE2 . TYR A 1 112 ? -13.431 4.859   3.951   1.00 35.45 ? 112 TYR A CE2 1 
ATOM   757  C  CZ  . TYR A 1 112 ? -14.656 5.397   4.308   1.00 37.29 ? 112 TYR A CZ  1 
ATOM   758  O  OH  . TYR A 1 112 ? -15.735 5.110   3.542   1.00 44.81 ? 112 TYR A OH  1 
ATOM   759  N  N   . ARG A 1 113 ? -10.029 8.576   8.666   1.00 30.42 ? 113 ARG A N   1 
ATOM   760  C  CA  . ARG A 1 113 ? -9.192  8.828   9.819   1.00 32.50 ? 113 ARG A CA  1 
ATOM   761  C  C   . ARG A 1 113 ? -8.914  7.583   10.682  1.00 29.40 ? 113 ARG A C   1 
ATOM   762  O  O   . ARG A 1 113 ? -7.778  7.430   11.161  1.00 26.88 ? 113 ARG A O   1 
ATOM   763  C  CB  . ARG A 1 113 ? -9.854  9.900   10.684  1.00 36.29 ? 113 ARG A CB  1 
ATOM   764  C  CG  . ARG A 1 113 ? -9.067  10.211  11.927  1.00 41.33 ? 113 ARG A CG  1 
ATOM   765  C  CD  . ARG A 1 113 ? -9.454  11.540  12.465  1.00 44.18 ? 113 ARG A CD  1 
ATOM   766  N  NE  . ARG A 1 113 ? -8.635  11.824  13.619  1.00 49.24 ? 113 ARG A NE  1 
ATOM   767  C  CZ  . ARG A 1 113 ? -8.930  12.730  14.559  1.00 49.63 ? 113 ARG A CZ  1 
ATOM   768  N  NH1 . ARG A 1 113 ? -10.068 13.486  14.548  1.00 47.07 ? 113 ARG A NH1 1 
ATOM   769  N  NH2 . ARG A 1 113 ? -8.071  12.865  15.548  1.00 47.70 ? 113 ARG A NH2 1 
ATOM   770  N  N   . TYR A 1 114 ? -9.938  6.730   10.868  1.00 26.70 ? 114 TYR A N   1 
ATOM   771  C  CA  . TYR A 1 114 ? -9.897  5.611   11.781  1.00 27.78 ? 114 TYR A CA  1 
ATOM   772  C  C   . TYR A 1 114 ? -10.312 4.369   11.026  1.00 28.05 ? 114 TYR A C   1 
ATOM   773  O  O   . TYR A 1 114 ? -11.404 4.351   10.470  1.00 28.45 ? 114 TYR A O   1 
ATOM   774  C  CB  . TYR A 1 114 ? -10.862 5.799   12.936  1.00 28.72 ? 114 TYR A CB  1 
ATOM   775  C  CG  . TYR A 1 114 ? -10.654 7.052   13.807  1.00 36.50 ? 114 TYR A CG  1 
ATOM   776  C  CD1 . TYR A 1 114 ? -9.465  7.276   14.490  1.00 38.39 ? 114 TYR A CD1 1 
ATOM   777  C  CD2 . TYR A 1 114 ? -11.698 7.994   14.012  1.00 42.53 ? 114 TYR A CD2 1 
ATOM   778  C  CE1 . TYR A 1 114 ? -9.288  8.377   15.316  1.00 40.67 ? 114 TYR A CE1 1 
ATOM   779  C  CE2 . TYR A 1 114 ? -11.522 9.101   14.850  1.00 44.12 ? 114 TYR A CE2 1 
ATOM   780  C  CZ  . TYR A 1 114 ? -10.302 9.291   15.493  1.00 45.09 ? 114 TYR A CZ  1 
ATOM   781  O  OH  . TYR A 1 114 ? -10.117 10.375  16.348  1.00 48.67 ? 114 TYR A OH  1 
ATOM   782  N  N   . ILE A 1 115 ? -9.458  3.332   11.010  1.00 25.88 ? 115 ILE A N   1 
ATOM   783  C  CA  . ILE A 1 115 ? -9.828  2.060   10.429  1.00 26.17 ? 115 ILE A CA  1 
ATOM   784  C  C   . ILE A 1 115 ? -9.453  0.916   11.328  1.00 26.58 ? 115 ILE A C   1 
ATOM   785  O  O   . ILE A 1 115 ? -8.670  1.065   12.277  1.00 24.60 ? 115 ILE A O   1 
ATOM   786  C  CB  . ILE A 1 115 ? -9.180  1.789   9.046   1.00 27.18 ? 115 ILE A CB  1 
ATOM   787  C  CG1 . ILE A 1 115 ? -7.675  1.533   9.186   1.00 27.38 ? 115 ILE A CG1 1 
ATOM   788  C  CG2 . ILE A 1 115 ? -9.485  2.921   8.056   1.00 30.00 ? 115 ILE A CG2 1 
ATOM   789  C  CD1 . ILE A 1 115 ? -6.892  1.310   7.894   1.00 27.82 ? 115 ILE A CD1 1 
ATOM   790  N  N   . ARG A 1 116 ? -10.015 -0.244  10.995  1.00 25.36 ? 116 ARG A N   1 
ATOM   791  C  CA  . ARG A 1 116 ? -9.477  -1.483  11.446  1.00 25.95 ? 116 ARG A CA  1 
ATOM   792  C  C   . ARG A 1 116 ? -9.038  -2.248  10.215  1.00 28.25 ? 116 ARG A C   1 
ATOM   793  O  O   . ARG A 1 116 ? -9.773  -2.277  9.206   1.00 27.09 ? 116 ARG A O   1 
ATOM   794  C  CB  . ARG A 1 116 ? -10.534 -2.279  12.171  1.00 26.23 ? 116 ARG A CB  1 
ATOM   795  C  CG  . ARG A 1 116 ? -10.117 -3.706  12.477  1.00 28.35 ? 116 ARG A CG  1 
ATOM   796  C  CD  . ARG A 1 116 ? -11.149 -4.472  13.280  1.00 29.30 ? 116 ARG A CD  1 
ATOM   797  N  NE  . ARG A 1 116 ? -11.414 -3.825  14.579  1.00 29.21 ? 116 ARG A NE  1 
ATOM   798  C  CZ  . ARG A 1 116 ? -12.596 -3.341  14.978  1.00 30.45 ? 116 ARG A CZ  1 
ATOM   799  N  NH1 . ARG A 1 116 ? -13.650 -3.430  14.205  1.00 26.36 ? 116 ARG A NH1 1 
ATOM   800  N  NH2 . ARG A 1 116 ? -12.717 -2.729  16.168  1.00 33.61 ? 116 ARG A NH2 1 
ATOM   801  N  N   . TYR A 1 117 ? -7.886  -2.921  10.315  1.00 28.51 ? 117 TYR A N   1 
ATOM   802  C  CA  . TYR A 1 117 ? -7.500  -3.883  9.288   1.00 27.06 ? 117 TYR A CA  1 
ATOM   803  C  C   . TYR A 1 117 ? -7.193  -5.217  9.892   1.00 26.04 ? 117 TYR A C   1 
ATOM   804  O  O   . TYR A 1 117 ? -6.860  -5.271  11.060  1.00 22.99 ? 117 TYR A O   1 
ATOM   805  C  CB  . TYR A 1 117 ? -6.351  -3.377  8.454   1.00 25.91 ? 117 TYR A CB  1 
ATOM   806  C  CG  . TYR A 1 117 ? -5.026  -3.085  9.184   1.00 28.69 ? 117 TYR A CG  1 
ATOM   807  C  CD1 . TYR A 1 117 ? -4.784  -1.824  9.733   1.00 25.40 ? 117 TYR A CD1 1 
ATOM   808  C  CD2 . TYR A 1 117 ? -3.955  -4.033  9.205   1.00 28.08 ? 117 TYR A CD2 1 
ATOM   809  C  CE1 . TYR A 1 117 ? -3.580  -1.521  10.316  1.00 26.70 ? 117 TYR A CE1 1 
ATOM   810  C  CE2 . TYR A 1 117 ? -2.741  -3.723  9.818   1.00 27.04 ? 117 TYR A CE2 1 
ATOM   811  C  CZ  . TYR A 1 117 ? -2.557  -2.456  10.348  1.00 26.72 ? 117 TYR A CZ  1 
ATOM   812  O  OH  . TYR A 1 117 ? -1.411  -2.086  10.996  1.00 24.71 ? 117 TYR A OH  1 
ATOM   813  N  N   . ARG A 1 118 ? -7.391  -6.247  9.075   1.00 25.79 ? 118 ARG A N   1 
ATOM   814  C  CA  . ARG A 1 118 ? -7.286  -7.669  9.410   1.00 31.32 ? 118 ARG A CA  1 
ATOM   815  C  C   . ARG A 1 118 ? -6.556  -8.404  8.285   1.00 31.40 ? 118 ARG A C   1 
ATOM   816  O  O   . ARG A 1 118 ? -6.698  -8.055  7.082   1.00 28.81 ? 118 ARG A O   1 
ATOM   817  C  CB  . ARG A 1 118 ? -8.653  -8.377  9.482   1.00 35.96 ? 118 ARG A CB  1 
ATOM   818  C  CG  . ARG A 1 118 ? -9.469  -8.056  10.698  1.00 43.66 ? 118 ARG A CG  1 
ATOM   819  C  CD  . ARG A 1 118 ? -10.929 -8.535  10.597  1.00 48.57 ? 118 ARG A CD  1 
ATOM   820  N  NE  . ARG A 1 118 ? -11.592 -8.330  11.894  1.00 60.91 ? 118 ARG A NE  1 
ATOM   821  C  CZ  . ARG A 1 118 ? -11.334 -9.040  13.016  1.00 70.17 ? 118 ARG A CZ  1 
ATOM   822  N  NH1 . ARG A 1 118 ? -10.417 -10.046 13.023  1.00 62.12 ? 118 ARG A NH1 1 
ATOM   823  N  NH2 . ARG A 1 118 ? -11.983 -8.739  14.161  1.00 68.40 ? 118 ARG A NH2 1 
ATOM   824  N  N   . GLY A 1 119 ? -5.822  -9.449  8.670   1.00 27.69 ? 119 GLY A N   1 
ATOM   825  C  CA  . GLY A 1 119 ? -5.174  -10.319 7.698   1.00 27.05 ? 119 GLY A CA  1 
ATOM   826  C  C   . GLY A 1 119 ? -4.210  -11.239 8.384   1.00 26.26 ? 119 GLY A C   1 
ATOM   827  O  O   . GLY A 1 119 ? -4.399  -11.553 9.564   1.00 25.38 ? 119 GLY A O   1 
ATOM   828  N  N   . PHE A 1 120 ? -3.156  -11.624 7.664   1.00 26.84 ? 120 PHE A N   1 
ATOM   829  C  CA  . PHE A 1 120 ? -2.185  -12.593 8.161   1.00 27.83 ? 120 PHE A CA  1 
ATOM   830  C  C   . PHE A 1 120 ? -0.772  -12.120 7.973   1.00 27.37 ? 120 PHE A C   1 
ATOM   831  O  O   . PHE A 1 120 ? -0.446  -11.475 6.971   1.00 25.20 ? 120 PHE A O   1 
ATOM   832  C  CB  . PHE A 1 120 ? -2.370  -13.961 7.462   1.00 28.62 ? 120 PHE A CB  1 
ATOM   833  C  CG  . PHE A 1 120 ? -3.728  -14.520 7.672   1.00 32.77 ? 120 PHE A CG  1 
ATOM   834  C  CD1 . PHE A 1 120 ? -4.800  -14.146 6.828   1.00 35.51 ? 120 PHE A CD1 1 
ATOM   835  C  CD2 . PHE A 1 120 ? -4.002  -15.325 8.788   1.00 35.82 ? 120 PHE A CD2 1 
ATOM   836  C  CE1 . PHE A 1 120 ? -6.097  -14.626 7.057   1.00 36.19 ? 120 PHE A CE1 1 
ATOM   837  C  CE2 . PHE A 1 120 ? -5.302  -15.820 8.991   1.00 34.76 ? 120 PHE A CE2 1 
ATOM   838  C  CZ  . PHE A 1 120 ? -6.340  -15.478 8.137   1.00 30.96 ? 120 PHE A CZ  1 
ATOM   839  N  N   . ALA A 1 121 ? 0.087   -12.474 8.937   1.00 27.55 ? 121 ALA A N   1 
ATOM   840  C  CA  . ALA A 1 121 ? 1.489   -12.269 8.762   1.00 25.72 ? 121 ALA A CA  1 
ATOM   841  C  C   . ALA A 1 121 ? 1.921   -13.388 7.819   1.00 27.93 ? 121 ALA A C   1 
ATOM   842  O  O   . ALA A 1 121 ? 1.201   -14.387 7.634   1.00 24.75 ? 121 ALA A O   1 
ATOM   843  C  CB  . ALA A 1 121 ? 2.209   -12.351 10.070  1.00 25.18 ? 121 ALA A CB  1 
ATOM   844  N  N   . PRO A 1 122 ? 3.086   -13.217 7.200   1.00 31.80 ? 122 PRO A N   1 
ATOM   845  C  CA  . PRO A 1 122 ? 3.661   -14.226 6.328   1.00 32.05 ? 122 PRO A CA  1 
ATOM   846  C  C   . PRO A 1 122 ? 3.804   -15.610 6.925   1.00 30.15 ? 122 PRO A C   1 
ATOM   847  O  O   . PRO A 1 122 ? 3.826   -16.558 6.179   1.00 35.61 ? 122 PRO A O   1 
ATOM   848  C  CB  . PRO A 1 122 ? 5.075   -13.672 6.084   1.00 33.29 ? 122 PRO A CB  1 
ATOM   849  C  CG  . PRO A 1 122 ? 4.890   -12.203 6.177   1.00 32.19 ? 122 PRO A CG  1 
ATOM   850  C  CD  . PRO A 1 122 ? 3.992   -12.060 7.352   1.00 31.81 ? 122 PRO A CD  1 
ATOM   851  N  N   . ASP A 1 123 ? 4.004   -15.717 8.231   1.00 31.37 ? 123 ASP A N   1 
ATOM   852  C  CA  . ASP A 1 123 ? 4.094   -17.034 8.907   1.00 32.64 ? 123 ASP A CA  1 
ATOM   853  C  C   . ASP A 1 123 ? 2.740   -17.711 9.140   1.00 38.75 ? 123 ASP A C   1 
ATOM   854  O  O   . ASP A 1 123 ? 2.742   -18.782 9.636   1.00 42.98 ? 123 ASP A O   1 
ATOM   855  C  CB  . ASP A 1 123 ? 4.827   -16.920 10.246  1.00 32.98 ? 123 ASP A CB  1 
ATOM   856  C  CG  . ASP A 1 123 ? 4.055   -16.147 11.292  1.00 38.77 ? 123 ASP A CG  1 
ATOM   857  O  OD1 . ASP A 1 123 ? 2.997   -15.544 11.047  1.00 44.24 ? 123 ASP A OD1 1 
ATOM   858  O  OD2 . ASP A 1 123 ? 4.512   -16.123 12.414  1.00 43.83 ? 123 ASP A OD2 1 
ATOM   859  N  N   . GLY A 1 124 ? 1.593   -17.082 8.814   1.00 40.62 ? 124 GLY A N   1 
ATOM   860  C  CA  . GLY A 1 124 ? 0.262   -17.635 9.097   1.00 35.99 ? 124 GLY A CA  1 
ATOM   861  C  C   . GLY A 1 124 ? -0.457  -17.010 10.282  1.00 34.50 ? 124 GLY A C   1 
ATOM   862  O  O   . GLY A 1 124 ? -1.642  -17.260 10.471  1.00 33.49 ? 124 GLY A O   1 
ATOM   863  N  N   . SER A 1 125 ? 0.245   -16.203 11.076  1.00 34.31 ? 125 SER A N   1 
ATOM   864  C  CA  . SER A 1 125 ? -0.355  -15.590 12.277  1.00 38.17 ? 125 SER A CA  1 
ATOM   865  C  C   . SER A 1 125 ? -1.427  -14.565 11.927  1.00 37.86 ? 125 SER A C   1 
ATOM   866  O  O   . SER A 1 125 ? -1.147  -13.613 11.187  1.00 36.09 ? 125 SER A O   1 
ATOM   867  C  CB  . SER A 1 125 ? 0.683   -14.810 13.136  1.00 38.65 ? 125 SER A CB  1 
ATOM   868  O  OG  . SER A 1 125 ? 1.777   -15.609 13.514  1.00 40.73 ? 125 SER A OG  1 
ATOM   869  N  N   . PRO A 1 126 ? -2.605  -14.686 12.539  1.00 39.96 ? 126 PRO A N   1 
ATOM   870  C  CA  . PRO A 1 126 ? -3.633  -13.622 12.374  1.00 40.49 ? 126 PRO A CA  1 
ATOM   871  C  C   . PRO A 1 126 ? -3.179  -12.223 12.841  1.00 38.24 ? 126 PRO A C   1 
ATOM   872  O  O   . PRO A 1 126 ? -2.444  -12.108 13.770  1.00 32.96 ? 126 PRO A O   1 
ATOM   873  C  CB  . PRO A 1 126 ? -4.817  -14.126 13.200  1.00 39.04 ? 126 PRO A CB  1 
ATOM   874  C  CG  . PRO A 1 126 ? -4.264  -15.175 14.107  1.00 40.23 ? 126 PRO A CG  1 
ATOM   875  C  CD  . PRO A 1 126 ? -3.002  -15.716 13.519  1.00 38.31 ? 126 PRO A CD  1 
ATOM   876  N  N   . ILE A 1 127 ? -3.577  -11.181 12.113  1.00 39.57 ? 127 ILE A N   1 
ATOM   877  C  CA  . ILE A 1 127 ? -3.275  -9.803  12.455  1.00 37.26 ? 127 ILE A CA  1 
ATOM   878  C  C   . ILE A 1 127 ? -4.616  -9.047  12.427  1.00 34.92 ? 127 ILE A C   1 
ATOM   879  O  O   . ILE A 1 127 ? -5.444  -9.226  11.522  1.00 31.14 ? 127 ILE A O   1 
ATOM   880  C  CB  . ILE A 1 127 ? -2.285  -9.164  11.438  1.00 43.28 ? 127 ILE A CB  1 
ATOM   881  C  CG1 . ILE A 1 127 ? -0.889  -9.756  11.637  1.00 46.83 ? 127 ILE A CG1 1 
ATOM   882  C  CG2 . ILE A 1 127 ? -2.227  -7.621  11.587  1.00 44.44 ? 127 ILE A CG2 1 
ATOM   883  C  CD1 . ILE A 1 127 ? 0.155   -9.267  10.639  1.00 49.50 ? 127 ILE A CD1 1 
ATOM   884  N  N   . GLU A 1 128 ? -4.819  -8.207  13.432  1.00 31.91 ? 128 GLU A N   1 
ATOM   885  C  CA  . GLU A 1 128 ? -5.997  -7.398  13.516  1.00 32.75 ? 128 GLU A CA  1 
ATOM   886  C  C   . GLU A 1 128 ? -5.583  -6.158  14.296  1.00 32.39 ? 128 GLU A C   1 
ATOM   887  O  O   . GLU A 1 128 ? -5.099  -6.264  15.400  1.00 33.92 ? 128 GLU A O   1 
ATOM   888  C  CB  . GLU A 1 128 ? -7.141  -8.188  14.155  1.00 33.34 ? 128 GLU A CB  1 
ATOM   889  C  CG  . GLU A 1 128 ? -8.391  -7.393  14.477  1.00 37.49 ? 128 GLU A CG  1 
ATOM   890  C  CD  . GLU A 1 128 ? -8.337  -6.727  15.850  1.00 38.42 ? 128 GLU A CD  1 
ATOM   891  O  OE1 . GLU A 1 128 ? -8.608  -5.483  15.983  1.00 34.29 ? 128 GLU A OE1 1 
ATOM   892  O  OE2 . GLU A 1 128 ? -8.006  -7.448  16.815  1.00 40.12 ? 128 GLU A OE2 1 
ATOM   893  N  N   . ARG A 1 129 ? -5.724  -4.980  13.691  1.00 32.83 ? 129 ARG A N   1 
ATOM   894  C  CA  . ARG A 1 129 ? -5.379  -3.721  14.388  1.00 33.92 ? 129 ARG A CA  1 
ATOM   895  C  C   . ARG A 1 129 ? -6.287  -2.583  14.067  1.00 27.39 ? 129 ARG A C   1 
ATOM   896  O  O   . ARG A 1 129 ? -6.799  -2.488  12.969  1.00 23.14 ? 129 ARG A O   1 
ATOM   897  C  CB  . ARG A 1 129 ? -3.987  -3.258  14.005  1.00 36.77 ? 129 ARG A CB  1 
ATOM   898  C  CG  . ARG A 1 129 ? -2.846  -4.175  14.414  1.00 37.35 ? 129 ARG A CG  1 
ATOM   899  C  CD  . ARG A 1 129 ? -1.640  -3.673  13.657  1.00 39.23 ? 129 ARG A CD  1 
ATOM   900  N  NE  . ARG A 1 129 ? -0.417  -4.401  13.909  1.00 37.39 ? 129 ARG A NE  1 
ATOM   901  C  CZ  . ARG A 1 129 ? 0.656   -4.373  13.126  1.00 37.79 ? 129 ARG A CZ  1 
ATOM   902  N  NH1 . ARG A 1 129 ? 0.723   -3.693  11.979  1.00 35.89 ? 129 ARG A NH1 1 
ATOM   903  N  NH2 . ARG A 1 129 ? 1.673   -5.090  13.482  1.00 42.98 ? 129 ARG A NH2 1 
ATOM   904  N  N   . GLU A 1 130 ? -6.453  -1.719  15.050  1.00 28.50 ? 130 GLU A N   1 
ATOM   905  C  CA  . GLU A 1 130 ? -7.054  -0.393  14.809  1.00 30.34 ? 130 GLU A CA  1 
ATOM   906  C  C   . GLU A 1 130 ? -5.960  0.561   14.472  1.00 29.46 ? 130 GLU A C   1 
ATOM   907  O  O   . GLU A 1 130 ? -4.975  0.523   15.131  1.00 30.05 ? 130 GLU A O   1 
ATOM   908  C  CB  . GLU A 1 130 ? -7.764  0.152   16.023  1.00 28.19 ? 130 GLU A CB  1 
ATOM   909  C  CG  . GLU A 1 130 ? -9.055  -0.598  16.337  1.00 28.83 ? 130 GLU A CG  1 
ATOM   910  C  CD  . GLU A 1 130 ? -8.847  -1.943  17.024  1.00 29.05 ? 130 GLU A CD  1 
ATOM   911  O  OE1 . GLU A 1 130 ? -9.636  -2.858  16.615  1.00 31.86 ? 130 GLU A OE1 1 
ATOM   912  O  OE2 . GLU A 1 130 ? -7.939  -2.097  17.942  1.00 26.48 ? 130 GLU A OE2 1 
ATOM   913  N  N   . ALA A 1 131 ? -6.170  1.431   13.475  1.00 28.94 ? 131 ALA A N   1 
ATOM   914  C  CA  . ALA A 1 131 ? -5.185  2.432   13.048  1.00 29.32 ? 131 ALA A CA  1 
ATOM   915  C  C   . ALA A 1 131 ? -5.820  3.789   12.828  1.00 28.45 ? 131 ALA A C   1 
ATOM   916  O  O   . ALA A 1 131 ? -6.992  3.911   12.474  1.00 29.30 ? 131 ALA A O   1 
ATOM   917  C  CB  . ALA A 1 131 ? -4.463  1.967   11.780  1.00 27.72 ? 131 ALA A CB  1 
ATOM   918  N  N   . GLU A 1 132 ? -5.037  4.830   13.020  1.00 28.77 ? 132 GLU A N   1 
ATOM   919  C  CA  . GLU A 1 132 ? -5.538  6.149   12.771  1.00 27.08 ? 132 GLU A CA  1 
ATOM   920  C  C   . GLU A 1 132 ? -4.499  7.034   12.061  1.00 27.00 ? 132 GLU A C   1 
ATOM   921  O  O   . GLU A 1 132 ? -3.314  6.719   12.062  1.00 22.60 ? 132 GLU A O   1 
ATOM   922  C  CB  . GLU A 1 132 ? -5.930  6.734   14.084  1.00 29.77 ? 132 GLU A CB  1 
ATOM   923  C  CG  . GLU A 1 132 ? -4.757  7.341   14.802  1.00 31.91 ? 132 GLU A CG  1 
ATOM   924  C  CD  . GLU A 1 132 ? -5.157  7.701   16.194  1.00 39.59 ? 132 GLU A CD  1 
ATOM   925  O  OE1 . GLU A 1 132 ? -5.926  8.722   16.391  1.00 46.57 ? 132 GLU A OE1 1 
ATOM   926  O  OE2 . GLU A 1 132 ? -4.710  6.932   17.091  1.00 41.28 ? 132 GLU A OE2 1 
ATOM   927  N  N   . GLY A 1 133 ? -4.963  8.133   11.438  1.00 26.22 ? 133 GLY A N   1 
ATOM   928  C  CA  . GLY A 1 133 ? -4.074  9.037   10.751  1.00 23.74 ? 133 GLY A CA  1 
ATOM   929  C  C   . GLY A 1 133 ? -3.164  8.415   9.689   1.00 23.48 ? 133 GLY A C   1 
ATOM   930  O  O   . GLY A 1 133 ? -3.601  7.722   8.723   1.00 20.02 ? 133 GLY A O   1 
ATOM   931  N  N   . PHE A 1 134 ? -1.881  8.695   9.851   1.00 25.31 ? 134 PHE A N   1 
ATOM   932  C  CA  . PHE A 1 134 ? -0.879  8.252   8.912   1.00 26.43 ? 134 PHE A CA  1 
ATOM   933  C  C   . PHE A 1 134 ? -0.786  6.734   8.716   1.00 26.51 ? 134 PHE A C   1 
ATOM   934  O  O   . PHE A 1 134 ? -0.750  6.287   7.595   1.00 28.18 ? 134 PHE A O   1 
ATOM   935  C  CB  . PHE A 1 134 ? 0.503   8.843   9.178   1.00 24.40 ? 134 PHE A CB  1 
ATOM   936  C  CG  . PHE A 1 134 ? 1.412   8.724   7.958   1.00 28.55 ? 134 PHE A CG  1 
ATOM   937  C  CD1 . PHE A 1 134 ? 1.054   9.301   6.759   1.00 29.30 ? 134 PHE A CD1 1 
ATOM   938  C  CD2 . PHE A 1 134 ? 2.592   8.009   7.996   1.00 27.85 ? 134 PHE A CD2 1 
ATOM   939  C  CE1 . PHE A 1 134 ? 1.863   9.176   5.624   1.00 31.14 ? 134 PHE A CE1 1 
ATOM   940  C  CE2 . PHE A 1 134 ? 3.394   7.875   6.879   1.00 28.14 ? 134 PHE A CE2 1 
ATOM   941  C  CZ  . PHE A 1 134 ? 3.033   8.447   5.688   1.00 28.98 ? 134 PHE A CZ  1 
ATOM   942  N  N   . HIS A 1 135 ? -0.723  5.978   9.796   1.00 26.26 ? 135 HIS A N   1 
ATOM   943  C  CA  . HIS A 1 135 ? -0.792  4.512   9.771   1.00 26.20 ? 135 HIS A CA  1 
ATOM   944  C  C   . HIS A 1 135 ? -1.994  4.096   8.961   1.00 24.77 ? 135 HIS A C   1 
ATOM   945  O  O   . HIS A 1 135 ? -1.888  3.296   8.039   1.00 23.43 ? 135 HIS A O   1 
ATOM   946  C  CB  . HIS A 1 135 ? -0.882  4.024   11.216  1.00 27.56 ? 135 HIS A CB  1 
ATOM   947  C  CG  . HIS A 1 135 ? -0.871  2.544   11.405  1.00 29.64 ? 135 HIS A CG  1 
ATOM   948  N  ND1 . HIS A 1 135 ? -0.853  1.989   12.665  1.00 29.95 ? 135 HIS A ND1 1 
ATOM   949  C  CD2 . HIS A 1 135 ? -0.901  1.499   10.531  1.00 30.95 ? 135 HIS A CD2 1 
ATOM   950  C  CE1 . HIS A 1 135 ? -0.871  0.669   12.562  1.00 32.29 ? 135 HIS A CE1 1 
ATOM   951  N  NE2 . HIS A 1 135 ? -0.893  0.344   11.280  1.00 31.47 ? 135 HIS A NE2 1 
ATOM   952  N  N   . ALA A 1 136 ? -3.137  4.687   9.267   1.00 26.38 ? 136 ALA A N   1 
ATOM   953  C  CA  . ALA A 1 136 ? -4.392  4.319   8.565   1.00 25.96 ? 136 ALA A CA  1 
ATOM   954  C  C   . ALA A 1 136 ? -4.408  4.653   7.094   1.00 25.00 ? 136 ALA A C   1 
ATOM   955  O  O   . ALA A 1 136 ? -5.025  3.963   6.268   1.00 29.16 ? 136 ALA A O   1 
ATOM   956  C  CB  . ALA A 1 136 ? -5.606  4.926   9.279   1.00 26.88 ? 136 ALA A CB  1 
ATOM   957  N  N   . ARG A 1 137 ? -3.726  5.717   6.751   1.00 26.28 ? 137 ARG A N   1 
ATOM   958  C  CA  . ARG A 1 137 ? -3.627  6.193   5.351   1.00 24.96 ? 137 ARG A CA  1 
ATOM   959  C  C   . ARG A 1 137 ? -2.786  5.266   4.496   1.00 23.54 ? 137 ARG A C   1 
ATOM   960  O  O   . ARG A 1 137 ? -3.199  4.908   3.388   1.00 23.24 ? 137 ARG A O   1 
ATOM   961  C  CB  . ARG A 1 137 ? -3.050  7.625   5.336   1.00 24.62 ? 137 ARG A CB  1 
ATOM   962  C  CG  . ARG A 1 137 ? -2.677  8.174   3.980   1.00 24.49 ? 137 ARG A CG  1 
ATOM   963  C  CD  . ARG A 1 137 ? -2.265  9.615   4.103   1.00 26.25 ? 137 ARG A CD  1 
ATOM   964  N  NE  . ARG A 1 137 ? -3.326  10.443  4.683   1.00 27.99 ? 137 ARG A NE  1 
ATOM   965  C  CZ  . ARG A 1 137 ? -4.304  11.030  3.998   1.00 29.12 ? 137 ARG A CZ  1 
ATOM   966  N  NH1 . ARG A 1 137 ? -4.390  10.919  2.675   1.00 31.70 ? 137 ARG A NH1 1 
ATOM   967  N  NH2 . ARG A 1 137 ? -5.210  11.738  4.646   1.00 30.95 ? 137 ARG A NH2 1 
ATOM   968  N  N   . VAL A 1 138 ? -1.607  4.913   5.003   1.00 22.52 ? 138 VAL A N   1 
ATOM   969  C  CA  . VAL A 1 138 ? -0.707  4.024   4.291   1.00 23.35 ? 138 VAL A CA  1 
ATOM   970  C  C   . VAL A 1 138 ? -1.379  2.703   3.979   1.00 24.55 ? 138 VAL A C   1 
ATOM   971  O  O   . VAL A 1 138 ? -1.278  2.202   2.833   1.00 25.70 ? 138 VAL A O   1 
ATOM   972  C  CB  . VAL A 1 138 ? 0.584   3.777   5.028   1.00 26.73 ? 138 VAL A CB  1 
ATOM   973  C  CG1 . VAL A 1 138 ? 1.457   2.827   4.218   1.00 27.65 ? 138 VAL A CG1 1 
ATOM   974  C  CG2 . VAL A 1 138 ? 1.352   5.083   5.199   1.00 30.26 ? 138 VAL A CG2 1 
ATOM   975  N  N   . VAL A 1 139 ? -2.182  2.215   4.919   1.00 24.70 ? 139 VAL A N   1 
ATOM   976  C  CA  . VAL A 1 139 ? -2.893  0.978   4.701   1.00 25.37 ? 139 VAL A CA  1 
ATOM   977  C  C   . VAL A 1 139 ? -3.995  1.087   3.665   1.00 24.36 ? 139 VAL A C   1 
ATOM   978  O  O   . VAL A 1 139 ? -4.168  0.171   2.826   1.00 22.34 ? 139 VAL A O   1 
ATOM   979  C  CB  . VAL A 1 139 ? -3.396  0.406   6.041   1.00 30.20 ? 139 VAL A CB  1 
ATOM   980  C  CG1 . VAL A 1 139 ? -4.175  -0.890  5.833   1.00 32.70 ? 139 VAL A CG1 1 
ATOM   981  C  CG2 . VAL A 1 139 ? -2.199  0.104   6.972   1.00 31.09 ? 139 VAL A CG2 1 
ATOM   982  N  N   . GLN A 1 140 ? -4.760  2.185   3.711   1.00 24.86 ? 140 GLN A N   1 
ATOM   983  C  CA  . GLN A 1 140 ? -5.850  2.418   2.728   1.00 22.08 ? 140 GLN A CA  1 
ATOM   984  C  C   . GLN A 1 140 ? -5.282  2.517   1.322   1.00 24.40 ? 140 GLN A C   1 
ATOM   985  O  O   . GLN A 1 140 ? -5.815  1.912   0.348   1.00 24.97 ? 140 GLN A O   1 
ATOM   986  C  CB  . GLN A 1 140 ? -6.647  3.647   3.078   1.00 21.55 ? 140 GLN A CB  1 
ATOM   987  C  CG  . GLN A 1 140 ? -7.554  3.460   4.283   1.00 21.23 ? 140 GLN A CG  1 
ATOM   988  C  CD  . GLN A 1 140 ? -8.159  4.805   4.740   1.00 23.77 ? 140 GLN A CD  1 
ATOM   989  O  OE1 . GLN A 1 140 ? -9.198  5.203   4.177   1.00 24.02 ? 140 GLN A OE1 1 
ATOM   990  N  NE2 . GLN A 1 140 ? -7.510  5.530   5.749   1.00 18.81 ? 140 GLN A NE2 1 
ATOM   991  N  N   . HIS A 1 141 ? -4.133  3.189   1.245   1.00 25.29 ? 141 HIS A N   1 
ATOM   992  C  CA  . HIS A 1 141 ? -3.414  3.420   -0.006  1.00 26.30 ? 141 HIS A CA  1 
ATOM   993  C  C   . HIS A 1 141 ? -2.934  2.078   -0.602  1.00 26.25 ? 141 HIS A C   1 
ATOM   994  O  O   . HIS A 1 141 ? -3.083  1.851   -1.759  1.00 26.10 ? 141 HIS A O   1 
ATOM   995  C  CB  . HIS A 1 141 ? -2.220  4.353   0.251   1.00 26.83 ? 141 HIS A CB  1 
ATOM   996  C  CG  . HIS A 1 141 ? -1.368  4.603   -0.946  1.00 30.12 ? 141 HIS A CG  1 
ATOM   997  N  ND1 . HIS A 1 141 ? -1.449  5.760   -1.701  1.00 34.49 ? 141 HIS A ND1 1 
ATOM   998  C  CD2 . HIS A 1 141 ? -0.395  3.858   -1.510  1.00 30.58 ? 141 HIS A CD2 1 
ATOM   999  C  CE1 . HIS A 1 141 ? -0.593  5.687   -2.704  1.00 30.63 ? 141 HIS A CE1 1 
ATOM   1000 N  NE2 . HIS A 1 141 ? 0.081   4.559   -2.587  1.00 29.36 ? 141 HIS A NE2 1 
ATOM   1001 N  N   . GLU A 1 142 ? -2.338  1.215   0.196   1.00 25.21 ? 142 GLU A N   1 
ATOM   1002 C  CA  . GLU A 1 142 ? -1.856  -0.029  -0.342  1.00 26.68 ? 142 GLU A CA  1 
ATOM   1003 C  C   . GLU A 1 142 ? -2.997  -0.945  -0.653  1.00 25.53 ? 142 GLU A C   1 
ATOM   1004 O  O   . GLU A 1 142 ? -2.963  -1.674  -1.627  1.00 28.44 ? 142 GLU A O   1 
ATOM   1005 C  CB  . GLU A 1 142 ? -0.937  -0.735  0.636   1.00 28.32 ? 142 GLU A CB  1 
ATOM   1006 C  CG  . GLU A 1 142 ? 0.376   -0.034  0.985   1.00 30.31 ? 142 GLU A CG  1 
ATOM   1007 C  CD  . GLU A 1 142 ? 1.094   0.614   -0.187  1.00 31.31 ? 142 GLU A CD  1 
ATOM   1008 O  OE1 . GLU A 1 142 ? 1.103   0.017   -1.317  1.00 29.06 ? 142 GLU A OE1 1 
ATOM   1009 O  OE2 . GLU A 1 142 ? 1.676   1.706   0.060   1.00 30.63 ? 142 GLU A OE2 1 
ATOM   1010 N  N   . TYR A 1 143 ? -4.016  -0.915  0.169   1.00 24.83 ? 143 TYR A N   1 
ATOM   1011 C  CA  . TYR A 1 143 ? -5.190  -1.693  -0.114  1.00 25.79 ? 143 TYR A CA  1 
ATOM   1012 C  C   . TYR A 1 143 ? -5.738  -1.363  -1.500  1.00 26.77 ? 143 TYR A C   1 
ATOM   1013 O  O   . TYR A 1 143 ? -6.218  -2.248  -2.220  1.00 22.63 ? 143 TYR A O   1 
ATOM   1014 C  CB  . TYR A 1 143 ? -6.249  -1.407  0.981   1.00 29.29 ? 143 TYR A CB  1 
ATOM   1015 C  CG  . TYR A 1 143 ? -7.477  -2.243  0.775   1.00 33.30 ? 143 TYR A CG  1 
ATOM   1016 C  CD1 . TYR A 1 143 ? -7.471  -3.605  1.131   1.00 33.06 ? 143 TYR A CD1 1 
ATOM   1017 C  CD2 . TYR A 1 143 ? -8.644  -1.699  0.110   1.00 36.47 ? 143 TYR A CD2 1 
ATOM   1018 C  CE1 . TYR A 1 143 ? -8.587  -4.397  0.890   1.00 38.32 ? 143 TYR A CE1 1 
ATOM   1019 C  CE2 . TYR A 1 143 ? -9.768  -2.486  -0.156  1.00 35.00 ? 143 TYR A CE2 1 
ATOM   1020 C  CZ  . TYR A 1 143 ? -9.738  -3.832  0.256   1.00 43.37 ? 143 TYR A CZ  1 
ATOM   1021 O  OH  . TYR A 1 143 ? -10.823 -4.647  0.064   1.00 47.91 ? 143 TYR A OH  1 
ATOM   1022 N  N   . ASP A 1 144 ? -5.726  -0.063  -1.846  1.00 27.60 ? 144 ASP A N   1 
ATOM   1023 C  CA  . ASP A 1 144 ? -6.209  0.370   -3.131  1.00 28.10 ? 144 ASP A CA  1 
ATOM   1024 C  C   . ASP A 1 144 ? -5.473  -0.332  -4.232  1.00 29.11 ? 144 ASP A C   1 
ATOM   1025 O  O   . ASP A 1 144 ? -6.124  -0.722  -5.232  1.00 27.37 ? 144 ASP A O   1 
ATOM   1026 C  CB  . ASP A 1 144 ? -6.065  1.899   -3.326  1.00 31.27 ? 144 ASP A CB  1 
ATOM   1027 C  CG  . ASP A 1 144 ? -7.292  2.690   -2.831  1.00 32.38 ? 144 ASP A CG  1 
ATOM   1028 O  OD1 . ASP A 1 144 ? -8.332  2.089   -2.606  1.00 34.13 ? 144 ASP A OD1 1 
ATOM   1029 O  OD2 . ASP A 1 144 ? -7.223  3.920   -2.638  1.00 36.19 ? 144 ASP A OD2 1 
ATOM   1030 N  N   . HIS A 1 145 ? -4.141  -0.469  -4.090  1.00 24.92 ? 145 HIS A N   1 
ATOM   1031 C  CA  . HIS A 1 145 ? -3.398  -1.277  -5.074  1.00 27.28 ? 145 HIS A CA  1 
ATOM   1032 C  C   . HIS A 1 145 ? -3.938  -2.670  -5.287  1.00 27.78 ? 145 HIS A C   1 
ATOM   1033 O  O   . HIS A 1 145 ? -3.893  -3.176  -6.399  1.00 26.48 ? 145 HIS A O   1 
ATOM   1034 C  CB  . HIS A 1 145 ? -1.928  -1.429  -4.724  1.00 26.76 ? 145 HIS A CB  1 
ATOM   1035 C  CG  . HIS A 1 145 ? -1.143  -0.210  -5.001  1.00 28.20 ? 145 HIS A CG  1 
ATOM   1036 N  ND1 . HIS A 1 145 ? -1.032  0.320   -6.261  1.00 31.12 ? 145 HIS A ND1 1 
ATOM   1037 C  CD2 . HIS A 1 145 ? -0.435  0.597   -4.190  1.00 29.68 ? 145 HIS A CD2 1 
ATOM   1038 C  CE1 . HIS A 1 145 ? -0.249  1.380   -6.228  1.00 29.66 ? 145 HIS A CE1 1 
ATOM   1039 N  NE2 . HIS A 1 145 ? 0.117   1.573   -4.980  1.00 34.17 ? 145 HIS A NE2 1 
ATOM   1040 N  N   . LEU A 1 146 ? -4.429  -3.303  -4.218  1.00 26.81 ? 146 LEU A N   1 
ATOM   1041 C  CA  . LEU A 1 146 ? -4.930  -4.674  -4.324  1.00 27.84 ? 146 LEU A CA  1 
ATOM   1042 C  C   . LEU A 1 146 ? -6.212  -4.783  -5.157  1.00 29.45 ? 146 LEU A C   1 
ATOM   1043 O  O   . LEU A 1 146 ? -6.518  -5.849  -5.773  1.00 28.08 ? 146 LEU A O   1 
ATOM   1044 C  CB  . LEU A 1 146 ? -5.114  -5.225  -2.923  1.00 26.94 ? 146 LEU A CB  1 
ATOM   1045 C  CG  . LEU A 1 146 ? -3.848  -5.178  -2.061  1.00 27.60 ? 146 LEU A CG  1 
ATOM   1046 C  CD1 . LEU A 1 146 ? -4.108  -5.897  -0.753  1.00 25.49 ? 146 LEU A CD1 1 
ATOM   1047 C  CD2 . LEU A 1 146 ? -2.650  -5.800  -2.789  1.00 28.03 ? 146 LEU A CD2 1 
ATOM   1048 N  N   . VAL A 1 147 ? -6.952  -3.671  -5.212  1.00 30.09 ? 147 VAL A N   1 
ATOM   1049 C  CA  . VAL A 1 147 ? -8.204  -3.609  -5.991  1.00 30.18 ? 147 VAL A CA  1 
ATOM   1050 C  C   . VAL A 1 147 ? -8.069  -2.822  -7.327  1.00 33.62 ? 147 VAL A C   1 
ATOM   1051 O  O   . VAL A 1 147 ? -9.078  -2.484  -7.921  1.00 35.58 ? 147 VAL A O   1 
ATOM   1052 C  CB  . VAL A 1 147 ? -9.422  -3.238  -5.086  1.00 32.00 ? 147 VAL A CB  1 
ATOM   1053 C  CG1 . VAL A 1 147 ? -9.603  -4.339  -4.008  1.00 32.43 ? 147 VAL A CG1 1 
ATOM   1054 C  CG2 . VAL A 1 147 ? -9.309  -1.885  -4.402  1.00 31.71 ? 147 VAL A CG2 1 
ATOM   1055 N  N   . GLY A 1 148 ? -6.829  -2.587  -7.817  1.00 29.29 ? 148 GLY A N   1 
ATOM   1056 C  CA  . GLY A 1 148 ? -6.585  -1.936  -9.083  1.00 29.42 ? 148 GLY A CA  1 
ATOM   1057 C  C   . GLY A 1 148 ? -6.827  -0.426  -9.124  1.00 32.54 ? 148 GLY A C   1 
ATOM   1058 O  O   . GLY A 1 148 ? -7.050  0.131   -10.192 1.00 30.85 ? 148 GLY A O   1 
ATOM   1059 N  N   . ARG A 1 149 ? -6.745  0.240   -7.980  1.00 34.03 ? 149 ARG A N   1 
ATOM   1060 C  CA  . ARG A 1 149 ? -7.083  1.652   -7.835  1.00 33.85 ? 149 ARG A CA  1 
ATOM   1061 C  C   . ARG A 1 149 ? -5.805  2.411   -7.452  1.00 32.39 ? 149 ARG A C   1 
ATOM   1062 O  O   . ARG A 1 149 ? -5.024  1.934   -6.614  1.00 30.87 ? 149 ARG A O   1 
ATOM   1063 C  CB  . ARG A 1 149 ? -8.142  1.788   -6.726  1.00 40.06 ? 149 ARG A CB  1 
ATOM   1064 C  CG  . ARG A 1 149 ? -8.979  3.071   -6.746  1.00 48.79 ? 149 ARG A CG  1 
ATOM   1065 C  CD  . ARG A 1 149 ? -10.403 2.891   -7.342  1.00 51.92 ? 149 ARG A CD  1 
ATOM   1066 N  NE  . ARG A 1 149 ? -11.000 4.197   -7.623  1.00 48.69 ? 149 ARG A NE  1 
ATOM   1067 C  CZ  . ARG A 1 149 ? -11.595 5.009   -6.742  1.00 61.42 ? 149 ARG A CZ  1 
ATOM   1068 N  NH1 . ARG A 1 149 ? -11.803 4.649   -5.491  1.00 72.65 ? 149 ARG A NH1 1 
ATOM   1069 N  NH2 . ARG A 1 149 ? -12.031 6.210   -7.117  1.00 62.07 ? 149 ARG A NH2 1 
ATOM   1070 N  N   . LEU A 1 150 ? -5.593  3.579   -8.065  1.00 29.52 ? 150 LEU A N   1 
ATOM   1071 C  CA  . LEU A 1 150 ? -4.472  4.492   -7.771  1.00 28.51 ? 150 LEU A CA  1 
ATOM   1072 C  C   . LEU A 1 150 ? -4.953  5.841   -7.248  1.00 27.59 ? 150 LEU A C   1 
ATOM   1073 O  O   . LEU A 1 150 ? -6.089  6.273   -7.561  1.00 29.46 ? 150 LEU A O   1 
ATOM   1074 C  CB  . LEU A 1 150 ? -3.706  4.741   -9.067  1.00 31.25 ? 150 LEU A CB  1 
ATOM   1075 C  CG  . LEU A 1 150 ? -3.243  3.460   -9.778  1.00 35.54 ? 150 LEU A CG  1 
ATOM   1076 C  CD1 . LEU A 1 150 ? -2.732  3.750   -11.179 1.00 35.56 ? 150 LEU A CD1 1 
ATOM   1077 C  CD2 . LEU A 1 150 ? -2.190  2.742   -8.902  1.00 35.75 ? 150 LEU A CD2 1 
ATOM   1078 N  N   . TYR A 1 151 ? -4.081  6.560   -6.544  1.00 27.56 ? 151 TYR A N   1 
ATOM   1079 C  CA  . TYR A 1 151 ? -4.501  7.816   -5.916  1.00 27.04 ? 151 TYR A CA  1 
ATOM   1080 C  C   . TYR A 1 151 ? -5.087  8.937   -6.808  1.00 27.65 ? 151 TYR A C   1 
ATOM   1081 O  O   . TYR A 1 151 ? -5.964  9.633   -6.324  1.00 26.43 ? 151 TYR A O   1 
ATOM   1082 C  CB  . TYR A 1 151 ? -3.446  8.378   -4.977  1.00 29.41 ? 151 TYR A CB  1 
ATOM   1083 C  CG  . TYR A 1 151 ? -2.334  9.168   -5.587  1.00 30.82 ? 151 TYR A CG  1 
ATOM   1084 C  CD1 . TYR A 1 151 ? -2.529  10.487  -6.060  1.00 33.36 ? 151 TYR A CD1 1 
ATOM   1085 C  CD2 . TYR A 1 151 ? -1.070  8.644   -5.646  1.00 32.68 ? 151 TYR A CD2 1 
ATOM   1086 C  CE1 . TYR A 1 151 ? -1.464  11.219  -6.576  1.00 33.75 ? 151 TYR A CE1 1 
ATOM   1087 C  CE2 . TYR A 1 151 ? -0.014  9.353   -6.181  1.00 33.42 ? 151 TYR A CE2 1 
ATOM   1088 C  CZ  . TYR A 1 151 ? -0.208  10.623  -6.648  1.00 33.76 ? 151 TYR A CZ  1 
ATOM   1089 O  OH  . TYR A 1 151 ? 0.899   11.231  -7.174  1.00 35.41 ? 151 TYR A OH  1 
ATOM   1090 N  N   . PRO A 1 152 ? -4.678  9.076   -8.098  1.00 28.97 ? 152 PRO A N   1 
ATOM   1091 C  CA  . PRO A 1 152 ? -5.275  10.177  -8.889  1.00 29.61 ? 152 PRO A CA  1 
ATOM   1092 C  C   . PRO A 1 152 ? -6.783  10.165  -8.995  1.00 29.84 ? 152 PRO A C   1 
ATOM   1093 O  O   . PRO A 1 152 ? -7.416  11.256  -8.881  1.00 31.39 ? 152 PRO A O   1 
ATOM   1094 C  CB  . PRO A 1 152 ? -4.595  10.023  -10.236 1.00 31.08 ? 152 PRO A CB  1 
ATOM   1095 C  CG  . PRO A 1 152 ? -3.209  9.537   -9.841  1.00 29.36 ? 152 PRO A CG  1 
ATOM   1096 C  CD  . PRO A 1 152 ? -3.548  8.468   -8.854  1.00 30.49 ? 152 PRO A CD  1 
ATOM   1097 N  N   . SER A 1 153 ? -7.357  8.963   -9.035  1.00 27.07 ? 153 SER A N   1 
ATOM   1098 C  CA  . SER A 1 153 ? -8.777  8.803   -9.086  1.00 26.33 ? 153 SER A CA  1 
ATOM   1099 C  C   . SER A 1 153 ? -9.459  9.224   -7.818  1.00 26.84 ? 153 SER A C   1 
ATOM   1100 O  O   . SER A 1 153 ? -10.662 9.350   -7.814  1.00 28.82 ? 153 SER A O   1 
ATOM   1101 C  CB  . SER A 1 153 ? -9.198  7.356   -9.395  1.00 25.66 ? 153 SER A CB  1 
ATOM   1102 O  OG  . SER A 1 153 ? -8.816  6.534   -8.321  1.00 31.16 ? 153 SER A OG  1 
ATOM   1103 N  N   . ARG A 1 154 ? -8.752  9.483   -6.742  1.00 29.72 ? 154 ARG A N   1 
ATOM   1104 C  CA  . ARG A 1 154 ? -9.417  10.017  -5.524  1.00 30.04 ? 154 ARG A CA  1 
ATOM   1105 C  C   . ARG A 1 154 ? -9.093  11.449  -5.229  1.00 31.68 ? 154 ARG A C   1 
ATOM   1106 O  O   . ARG A 1 154 ? -9.492  11.971  -4.126  1.00 30.85 ? 154 ARG A O   1 
ATOM   1107 C  CB  . ARG A 1 154 ? -8.990  9.206   -4.305  1.00 31.86 ? 154 ARG A CB  1 
ATOM   1108 C  CG  . ARG A 1 154 ? -9.180  7.719   -4.508  1.00 32.93 ? 154 ARG A CG  1 
ATOM   1109 C  CD  . ARG A 1 154 ? -8.857  7.071   -3.193  1.00 37.66 ? 154 ARG A CD  1 
ATOM   1110 N  NE  . ARG A 1 154 ? -9.158  5.655   -3.245  1.00 39.70 ? 154 ARG A NE  1 
ATOM   1111 C  CZ  . ARG A 1 154 ? -10.310 5.116   -2.898  1.00 39.93 ? 154 ARG A CZ  1 
ATOM   1112 N  NH1 . ARG A 1 154 ? -11.323 5.853   -2.487  1.00 40.24 ? 154 ARG A NH1 1 
ATOM   1113 N  NH2 . ARG A 1 154 ? -10.466 3.814   -2.981  1.00 42.51 ? 154 ARG A NH2 1 
ATOM   1114 N  N   . ILE A 1 155 ? -8.375  12.110  -6.160  1.00 31.72 ? 155 ILE A N   1 
ATOM   1115 C  CA  . ILE A 1 155 ? -8.098  13.545  -5.959  1.00 32.62 ? 155 ILE A CA  1 
ATOM   1116 C  C   . ILE A 1 155 ? -9.453  14.297  -6.115  1.00 30.23 ? 155 ILE A C   1 
ATOM   1117 O  O   . ILE A 1 155 ? -10.235 14.047  -7.059  1.00 30.09 ? 155 ILE A O   1 
ATOM   1118 C  CB  . ILE A 1 155 ? -7.039  14.106  -6.941  1.00 31.86 ? 155 ILE A CB  1 
ATOM   1119 C  CG1 . ILE A 1 155 ? -5.670  13.445  -6.761  1.00 30.16 ? 155 ILE A CG1 1 
ATOM   1120 C  CG2 . ILE A 1 155 ? -6.918  15.619  -6.772  1.00 30.64 ? 155 ILE A CG2 1 
ATOM   1121 C  CD1 . ILE A 1 155 ? -4.754  13.746  -7.945  1.00 29.06 ? 155 ILE A CD1 1 
ATOM   1122 N  N   . GLU A 1 156 ? -9.729  15.138  -5.143  1.00 32.82 ? 156 GLU A N   1 
ATOM   1123 C  CA  . GLU A 1 156 ? -10.873 16.040  -5.159  1.00 37.42 ? 156 GLU A CA  1 
ATOM   1124 C  C   . GLU A 1 156 ? -10.483 17.442  -5.600  1.00 33.02 ? 156 GLU A C   1 
ATOM   1125 O  O   . GLU A 1 156 ? -11.195 17.987  -6.421  1.00 34.20 ? 156 GLU A O   1 
ATOM   1126 C  CB  . GLU A 1 156 ? -11.587 16.075  -3.808  1.00 40.19 ? 156 GLU A CB  1 
ATOM   1127 C  CG  . GLU A 1 156 ? -12.504 14.874  -3.640  1.00 48.18 ? 156 GLU A CG  1 
ATOM   1128 C  CD  . GLU A 1 156 ? -13.140 14.793  -2.255  1.00 59.01 ? 156 GLU A CD  1 
ATOM   1129 O  OE1 . GLU A 1 156 ? -12.932 15.696  -1.384  1.00 65.53 ? 156 GLU A OE1 1 
ATOM   1130 O  OE2 . GLU A 1 156 ? -13.859 13.794  -2.030  1.00 61.55 ? 156 GLU A OE2 1 
ATOM   1131 N  N   . ASN A 1 157 ? -9.347  17.960  -5.116  1.00 29.84 ? 157 ASN A N   1 
ATOM   1132 C  CA  . ASN A 1 157 ? -8.821  19.278  -5.420  1.00 27.38 ? 157 ASN A CA  1 
ATOM   1133 C  C   . ASN A 1 157 ? -7.521  19.133  -6.226  1.00 26.15 ? 157 ASN A C   1 
ATOM   1134 O  O   . ASN A 1 157 ? -6.460  18.810  -5.724  1.00 24.24 ? 157 ASN A O   1 
ATOM   1135 C  CB  . ASN A 1 157 ? -8.589  20.038  -4.097  1.00 30.14 ? 157 ASN A CB  1 
ATOM   1136 C  CG  . ASN A 1 157 ? -8.028  21.463  -4.290  1.00 35.24 ? 157 ASN A CG  1 
ATOM   1137 O  OD1 . ASN A 1 157 ? -7.788  21.953  -5.414  1.00 36.18 ? 157 ASN A OD1 1 
ATOM   1138 N  ND2 . ASN A 1 157 ? -7.810  22.129  -3.183  1.00 34.96 ? 157 ASN A ND2 1 
ATOM   1139 N  N   . PHE A 1 158 ? -7.623  19.443  -7.508  1.00 30.88 ? 158 PHE A N   1 
ATOM   1140 C  CA  . PHE A 1 158 ? -6.555  19.244  -8.466  1.00 28.65 ? 158 PHE A CA  1 
ATOM   1141 C  C   . PHE A 1 158 ? -5.541  20.368  -8.482  1.00 30.04 ? 158 PHE A C   1 
ATOM   1142 O  O   . PHE A 1 158 ? -4.505  20.225  -9.088  1.00 29.61 ? 158 PHE A O   1 
ATOM   1143 C  CB  . PHE A 1 158 ? -7.125  19.033  -9.821  1.00 27.29 ? 158 PHE A CB  1 
ATOM   1144 C  CG  . PHE A 1 158 ? -7.525  17.614  -10.063 1.00 31.04 ? 158 PHE A CG  1 
ATOM   1145 C  CD1 . PHE A 1 158 ? -6.578  16.678  -10.473 1.00 28.19 ? 158 PHE A CD1 1 
ATOM   1146 C  CD2 . PHE A 1 158 ? -8.866  17.190  -9.894  1.00 33.06 ? 158 PHE A CD2 1 
ATOM   1147 C  CE1 . PHE A 1 158 ? -6.944  15.355  -10.721 1.00 29.16 ? 158 PHE A CE1 1 
ATOM   1148 C  CE2 . PHE A 1 158 ? -9.230  15.856  -10.161 1.00 32.71 ? 158 PHE A CE2 1 
ATOM   1149 C  CZ  . PHE A 1 158 ? -8.259  14.942  -10.570 1.00 28.71 ? 158 PHE A CZ  1 
ATOM   1150 N  N   . ASP A 1 159 ? -5.798  21.443  -7.763  1.00 28.38 ? 159 ASP A N   1 
ATOM   1151 C  CA  . ASP A 1 159 ? -4.713  22.350  -7.393  1.00 33.37 ? 159 ASP A CA  1 
ATOM   1152 C  C   . ASP A 1 159 ? -3.581  21.727  -6.590  1.00 32.55 ? 159 ASP A C   1 
ATOM   1153 O  O   . ASP A 1 159 ? -2.514  22.298  -6.552  1.00 33.19 ? 159 ASP A O   1 
ATOM   1154 C  CB  . ASP A 1 159 ? -5.213  23.569  -6.537  1.00 37.79 ? 159 ASP A CB  1 
ATOM   1155 C  CG  . ASP A 1 159 ? -6.331  24.416  -7.250  1.00 40.75 ? 159 ASP A CG  1 
ATOM   1156 O  OD1 . ASP A 1 159 ? -6.527  24.252  -8.481  1.00 39.31 ? 159 ASP A OD1 1 
ATOM   1157 O  OD2 . ASP A 1 159 ? -7.006  25.220  -6.546  1.00 44.09 ? 159 ASP A OD2 1 
ATOM   1158 N  N   . THR A 1 160 ? -3.832  20.652  -5.844  1.00 31.43 ? 160 THR A N   1 
ATOM   1159 C  CA  . THR A 1 160 ? -2.827  20.128  -4.956  1.00 28.66 ? 160 THR A CA  1 
ATOM   1160 C  C   . THR A 1 160 ? -1.963  19.114  -5.649  1.00 28.77 ? 160 THR A C   1 
ATOM   1161 O  O   . THR A 1 160 ? -1.025  18.602  -5.029  1.00 33.10 ? 160 THR A O   1 
ATOM   1162 C  CB  . THR A 1 160 ? -3.484  19.424  -3.767  1.00 31.21 ? 160 THR A CB  1 
ATOM   1163 O  OG1 . THR A 1 160 ? -4.342  18.349  -4.246  1.00 32.05 ? 160 THR A OG1 1 
ATOM   1164 C  CG2 . THR A 1 160 ? -4.250  20.471  -2.890  1.00 29.89 ? 160 THR A CG2 1 
ATOM   1165 N  N   . PHE A 1 161 ? -2.299  18.769  -6.892  1.00 25.56 ? 161 PHE A N   1 
ATOM   1166 C  CA  . PHE A 1 161 ? -1.579  17.740  -7.628  1.00 27.13 ? 161 PHE A CA  1 
ATOM   1167 C  C   . PHE A 1 161 ? -0.377  18.365  -8.340  1.00 27.10 ? 161 PHE A C   1 
ATOM   1168 O  O   . PHE A 1 161 ? -0.529  19.279  -9.088  1.00 30.71 ? 161 PHE A O   1 
ATOM   1169 C  CB  . PHE A 1 161 ? -2.550  17.088  -8.608  1.00 26.95 ? 161 PHE A CB  1 
ATOM   1170 C  CG  . PHE A 1 161 ? -2.045  15.859  -9.309  1.00 27.06 ? 161 PHE A CG  1 
ATOM   1171 C  CD1 . PHE A 1 161 ? -1.082  15.017  -8.748  1.00 26.36 ? 161 PHE A CD1 1 
ATOM   1172 C  CD2 . PHE A 1 161 ? -2.627  15.499  -10.530 1.00 27.33 ? 161 PHE A CD2 1 
ATOM   1173 C  CE1 . PHE A 1 161 ? -0.699  13.858  -9.405  1.00 28.74 ? 161 PHE A CE1 1 
ATOM   1174 C  CE2 . PHE A 1 161 ? -2.270  14.330  -11.185 1.00 30.12 ? 161 PHE A CE2 1 
ATOM   1175 C  CZ  . PHE A 1 161 ? -1.298  13.495  -10.616 1.00 31.75 ? 161 PHE A CZ  1 
ATOM   1176 N  N   . GLY A 1 162 ? 0.829   17.905  -8.053  1.00 29.68 ? 162 GLY A N   1 
ATOM   1177 C  CA  . GLY A 1 162 ? 2.054   18.509  -8.579  1.00 30.52 ? 162 GLY A CA  1 
ATOM   1178 C  C   . GLY A 1 162 ? 3.330   17.719  -8.244  1.00 34.59 ? 162 GLY A C   1 
ATOM   1179 O  O   . GLY A 1 162 ? 3.267   16.662  -7.607  1.00 33.16 ? 162 GLY A O   1 
ATOM   1180 N  N   . PHE A 1 163 ? 4.475   18.236  -8.698  1.00 32.99 ? 163 PHE A N   1 
ATOM   1181 C  CA  . PHE A 1 163 ? 5.762   17.626  -8.493  1.00 33.25 ? 163 PHE A CA  1 
ATOM   1182 C  C   . PHE A 1 163 ? 6.244   18.009  -7.148  1.00 35.46 ? 163 PHE A C   1 
ATOM   1183 O  O   . PHE A 1 163 ? 5.935   19.082  -6.730  1.00 35.65 ? 163 PHE A O   1 
ATOM   1184 C  CB  . PHE A 1 163 ? 6.742   18.049  -9.573  1.00 33.77 ? 163 PHE A CB  1 
ATOM   1185 C  CG  . PHE A 1 163 ? 6.506   17.322  -10.867 1.00 37.69 ? 163 PHE A CG  1 
ATOM   1186 C  CD1 . PHE A 1 163 ? 6.971   16.014  -11.037 1.00 38.54 ? 163 PHE A CD1 1 
ATOM   1187 C  CD2 . PHE A 1 163 ? 5.748   17.898  -11.876 1.00 37.50 ? 163 PHE A CD2 1 
ATOM   1188 C  CE1 . PHE A 1 163 ? 6.748   15.324  -12.233 1.00 38.93 ? 163 PHE A CE1 1 
ATOM   1189 C  CE2 . PHE A 1 163 ? 5.499   17.216  -13.052 1.00 39.43 ? 163 PHE A CE2 1 
ATOM   1190 C  CZ  . PHE A 1 163 ? 6.001   15.924  -13.240 1.00 39.71 ? 163 PHE A CZ  1 
ATOM   1191 N  N   . ASP A 1 164 ? 6.955   17.101  -6.477  1.00 43.19 ? 164 ASP A N   1 
ATOM   1192 C  CA  . ASP A 1 164 ? 7.373   17.247  -5.075  1.00 48.02 ? 164 ASP A CA  1 
ATOM   1193 C  C   . ASP A 1 164 ? 8.283   18.470  -4.885  1.00 46.03 ? 164 ASP A C   1 
ATOM   1194 O  O   . ASP A 1 164 ? 8.010   19.307  -4.035  1.00 46.08 ? 164 ASP A O   1 
ATOM   1195 C  CB  . ASP A 1 164 ? 8.019   15.934  -4.540  1.00 52.48 ? 164 ASP A CB  1 
ATOM   1196 C  CG  . ASP A 1 164 ? 8.005   15.827  -2.973  1.00 64.34 ? 164 ASP A CG  1 
ATOM   1197 O  OD1 . ASP A 1 164 ? 7.491   16.708  -2.236  1.00 57.28 ? 164 ASP A OD1 1 
ATOM   1198 O  OD2 . ASP A 1 164 ? 8.526   14.823  -2.433  1.00 89.11 ? 164 ASP A OD2 1 
ATOM   1199 N  N   . ASP A 1 165 ? 9.307   18.605  -5.733  1.00 50.27 ? 165 ASP A N   1 
ATOM   1200 C  CA  . ASP A 1 165 ? 10.257  19.730  -5.650  1.00 52.46 ? 165 ASP A CA  1 
ATOM   1201 C  C   . ASP A 1 165 ? 9.612   21.129  -5.901  1.00 52.09 ? 165 ASP A C   1 
ATOM   1202 O  O   . ASP A 1 165 ? 10.114  22.125  -5.477  1.00 54.77 ? 165 ASP A O   1 
ATOM   1203 C  CB  . ASP A 1 165 ? 11.539  19.476  -6.507  1.00 56.96 ? 165 ASP A CB  1 
ATOM   1204 C  CG  . ASP A 1 165 ? 11.261  19.107  -7.999  1.00 64.49 ? 165 ASP A CG  1 
ATOM   1205 O  OD1 . ASP A 1 165 ? 10.208  19.435  -8.564  1.00 69.32 ? 165 ASP A OD1 1 
ATOM   1206 O  OD2 . ASP A 1 165 ? 12.131  18.485  -8.648  1.00 74.65 ? 165 ASP A OD2 1 
ATOM   1207 N  N   . VAL A 1 166 ? 8.471   21.175  -6.555  1.00 49.60 ? 166 VAL A N   1 
ATOM   1208 C  CA  . VAL A 1 166 ? 7.816   22.409  -6.875  1.00 50.36 ? 166 VAL A CA  1 
ATOM   1209 C  C   . VAL A 1 166 ? 6.916   22.835  -5.728  1.00 55.11 ? 166 VAL A C   1 
ATOM   1210 O  O   . VAL A 1 166 ? 7.046   23.954  -5.237  1.00 64.49 ? 166 VAL A O   1 
ATOM   1211 C  CB  . VAL A 1 166 ? 7.030   22.253  -8.201  1.00 51.02 ? 166 VAL A CB  1 
ATOM   1212 C  CG1 . VAL A 1 166 ? 6.176   23.479  -8.464  1.00 53.33 ? 166 VAL A CG1 1 
ATOM   1213 C  CG2 . VAL A 1 166 ? 8.001   22.019  -9.357  1.00 45.46 ? 166 VAL A CG2 1 
ATOM   1214 N  N   . LEU A 1 167 ? 6.014   21.953  -5.290  1.00 60.19 ? 167 LEU A N   1 
ATOM   1215 C  CA  . LEU A 1 167 ? 5.032   22.275  -4.210  1.00 61.11 ? 167 LEU A CA  1 
ATOM   1216 C  C   . LEU A 1 167 ? 5.678   22.761  -2.895  1.00 61.62 ? 167 LEU A C   1 
ATOM   1217 O  O   . LEU A 1 167 ? 6.725   22.227  -2.486  1.00 59.36 ? 167 LEU A O   1 
ATOM   1218 C  CB  . LEU A 1 167 ? 4.167   21.052  -3.914  1.00 55.30 ? 167 LEU A CB  1 
ATOM   1219 C  CG  . LEU A 1 167 ? 3.220   20.639  -5.032  1.00 48.79 ? 167 LEU A CG  1 
ATOM   1220 C  CD1 . LEU A 1 167 ? 2.823   19.176  -4.915  1.00 46.94 ? 167 LEU A CD1 1 
ATOM   1221 C  CD2 . LEU A 1 167 ? 1.993   21.516  -5.005  1.00 48.13 ? 167 LEU A CD2 1 
HETATM 1222 CD CD  . CD  B 2 .   ? 1.364   3.308   -4.140  1.00 48.10 ? 201 CD  A CD  1 
HETATM 1223 CD CD  . CD  C 2 .   ? -8.496  -4.641  17.839  1.00 37.20 ? 202 CD  A CD  1 
HETATM 1224 CD CD  . CD  D 2 .   ? -5.950  8.162   18.954  1.00 50.05 ? 203 CD  A CD  1 
HETATM 1225 N  N   . LHY E 3 .   ? 4.343   4.355   -1.856  1.00 47.96 ? 204 LHY A N   1 
HETATM 1226 C  CA  . LHY E 3 .   ? 3.893   5.410   -0.979  1.00 47.98 ? 204 LHY A CA  1 
HETATM 1227 C  C   . LHY E 3 .   ? 5.220   6.136   -0.789  1.00 46.71 ? 204 LHY A C   1 
HETATM 1228 O  O   . LHY E 3 .   ? 5.641   7.235   -1.516  1.00 38.27 ? 204 LHY A O   1 
HETATM 1229 C  CB  . LHY E 3 .   ? 3.103   5.031   0.290   1.00 45.79 ? 204 LHY A CB  1 
HETATM 1230 C  CG  . LHY E 3 .   ? 2.392   6.240   0.867   1.00 44.66 ? 204 LHY A CG  1 
HETATM 1231 C  CD1 . LHY E 3 .   ? 1.019   6.154   1.064   1.00 41.88 ? 204 LHY A CD1 1 
HETATM 1232 C  CD2 . LHY E 3 .   ? 3.080   7.434   1.218   1.00 45.41 ? 204 LHY A CD2 1 
HETATM 1233 C  CE1 . LHY E 3 .   ? 0.343   7.240   1.609   1.00 41.28 ? 204 LHY A CE1 1 
HETATM 1234 C  CE2 . LHY E 3 .   ? 2.404   8.517   1.773   1.00 41.92 ? 204 LHY A CE2 1 
HETATM 1235 C  CZ  . LHY E 3 .   ? 1.029   8.410   1.971   1.00 40.99 ? 204 LHY A CZ  1 
HETATM 1236 O  OXT . LHY E 3 .   ? 5.937   5.566   0.008   1.00 40.27 ? 204 LHY A OXT 1 
HETATM 1237 C  C1  . LHY E 3 .   ? 3.684   3.400   -2.460  1.00 48.40 ? 204 LHY A C1  1 
HETATM 1238 O  O1  . LHY E 3 .   ? 4.074   3.230   -3.621  1.00 48.40 ? 204 LHY A O1  1 
HETATM 1239 N  N2  . LHY E 3 .   ? 2.583   2.795   -1.974  1.00 41.74 ? 204 LHY A N2  1 
HETATM 1240 O  O2  . LHY E 3 .   ? 1.840   1.983   -2.803  1.00 30.67 ? 204 LHY A O2  1 
HETATM 1241 O  O   . HOH F 4 .   ? -14.549 10.247  13.982  1.00 37.74 ? 301 HOH A O   1 
HETATM 1242 O  O   . HOH F 4 .   ? 3.192   10.185  -6.946  1.00 31.52 ? 302 HOH A O   1 
HETATM 1243 O  O   . HOH F 4 .   ? 6.318   11.978  -4.469  1.00 22.36 ? 303 HOH A O   1 
HETATM 1244 O  O   . HOH F 4 .   ? 8.809   16.108  -0.008  1.00 35.52 ? 304 HOH A O   1 
HETATM 1245 O  O   . HOH F 4 .   ? -1.444  1.566   -14.598 1.00 24.10 ? 305 HOH A O   1 
HETATM 1246 O  O   . HOH F 4 .   ? -9.982  12.037  -9.194  1.00 23.13 ? 306 HOH A O   1 
HETATM 1247 O  O   . HOH F 4 .   ? -5.036  4.975   -3.902  1.00 33.84 ? 307 HOH A O   1 
HETATM 1248 O  O   . HOH F 4 .   ? -11.812 -5.255  2.607   1.00 33.79 ? 308 HOH A O   1 
HETATM 1249 O  O   . HOH F 4 .   ? 19.253  -10.421 -1.925  1.00 27.90 ? 309 HOH A O   1 
HETATM 1250 O  O   . HOH F 4 .   ? -2.781  -7.933  1.927   1.00 41.11 ? 310 HOH A O   1 
HETATM 1251 O  O   . HOH F 4 .   ? -5.182  -2.766  17.587  1.00 41.49 ? 311 HOH A O   1 
HETATM 1252 O  O   . HOH F 4 .   ? -12.842 7.383   10.179  1.00 28.47 ? 312 HOH A O   1 
HETATM 1253 O  O   . HOH F 4 .   ? -1.780  4.950   -5.674  1.00 30.72 ? 313 HOH A O   1 
HETATM 1254 O  O   . HOH F 4 .   ? -3.089  3.105   -4.426  1.00 27.49 ? 314 HOH A O   1 
HETATM 1255 O  O   . HOH F 4 .   ? 6.149   12.968  -2.623  1.00 42.85 ? 315 HOH A O   1 
HETATM 1256 O  O   . HOH F 4 .   ? 4.246   -8.583  10.155  1.00 31.79 ? 316 HOH A O   1 
HETATM 1257 O  O   . HOH F 4 .   ? -18.990 9.844   11.557  1.00 39.84 ? 317 HOH A O   1 
HETATM 1258 O  O   . HOH F 4 .   ? -8.489  17.503  7.193   1.00 31.44 ? 318 HOH A O   1 
HETATM 1259 O  O   . HOH F 4 .   ? 19.869  -6.798  -4.207  1.00 30.06 ? 319 HOH A O   1 
# 
